data_7ZLM
#
_entry.id   7ZLM
#
_cell.length_a   59.785
_cell.length_b   172.879
_cell.length_c   185.809
_cell.angle_alpha   90.000
_cell.angle_beta   90.000
_cell.angle_gamma   90.000
#
_symmetry.space_group_name_H-M   'P 21 21 21'
#
loop_
_entity.id
_entity.type
_entity.pdbx_description
1 polymer 'Suppressor of cytokine signaling 2'
2 polymer Elongin-B
3 polymer Elongin-C
4 non-polymer '[4-[(2~{S})-3-[[3-(2-chloranylethanoylamino)phenyl]methylamino]-2-[2-(4-fluorophenyl)ethanoylamino]-3-oxidanylidene-propyl]phenyl] dihydrogen phosphate'
5 water water
#
loop_
_entity_poly.entity_id
_entity_poly.type
_entity_poly.pdbx_seq_one_letter_code
_entity_poly.pdbx_strand_id
1 'polypeptide(L)'
;SMQAARLAKALRELGQTGWYWGSMTVNEAKEKLKEAPEGTFLIRDSSHSDYLLTISVKTSAGPTNLRIEYQDGKFRLDSI
ICVKSKLKQFDSVVHLIDYYVQMCKDKRTGPEAPRNGTVHLYLTKPLYTSAPSLQHLCRLTINKCTGAIWGLPLPTRLKD
YLEEYKFQV
;
A,D,G,J
2 'polypeptide(L)'
;MDVFLMIRRHKTTIFTDAKESSTVFELKRIVEGILKRPPDEQRLYKDDQLLDDGKTLGECGFTSQTARPQAPATVGLAFR
ADDTFEALCIEPFSSPPELPDVMKPQDSGSSANEQAVQ
;
B,E,H,K
3 'polypeptide(L)'
;MMYVKLISSDGHEFIVKREHALTSGTIKAMLSGPGQFAENETNEVNFREIPSHVLSKVCMYFTYKVRYTNSSTEIPEFPI
APEIALELLMAANFLDC
;
C,F,I,L
#
# COMPACT_ATOMS: atom_id res chain seq x y z
N SER A 1 -26.11 -58.85 18.09
CA SER A 1 -26.30 -57.63 18.88
C SER A 1 -26.23 -56.36 18.03
N MET A 2 -27.19 -55.46 18.27
N MET A 2 -27.19 -55.47 18.29
CA MET A 2 -27.15 -54.13 17.68
CA MET A 2 -27.19 -54.13 17.73
C MET A 2 -26.16 -53.22 18.39
C MET A 2 -26.08 -53.26 18.33
N GLN A 3 -25.53 -53.67 19.46
CA GLN A 3 -24.51 -52.89 20.19
C GLN A 3 -25.01 -51.48 20.50
N ALA A 4 -26.09 -51.40 21.26
CA ALA A 4 -26.69 -50.10 21.54
C ALA A 4 -25.72 -49.14 22.24
N ALA A 5 -24.79 -49.65 23.05
CA ALA A 5 -23.84 -48.72 23.68
C ALA A 5 -22.97 -48.02 22.64
N ARG A 6 -22.53 -48.75 21.61
CA ARG A 6 -21.78 -48.12 20.51
C ARG A 6 -22.65 -47.15 19.73
N LEU A 7 -23.88 -47.55 19.43
CA LEU A 7 -24.82 -46.68 18.72
C LEU A 7 -25.05 -45.39 19.49
N ALA A 8 -25.23 -45.49 20.81
CA ALA A 8 -25.43 -44.29 21.61
C ALA A 8 -24.23 -43.36 21.49
N LYS A 9 -23.02 -43.92 21.55
CA LYS A 9 -21.84 -43.08 21.37
C LYS A 9 -21.84 -42.44 19.99
N ALA A 10 -22.17 -43.22 18.95
CA ALA A 10 -22.16 -42.67 17.59
C ALA A 10 -23.21 -41.58 17.42
N LEU A 11 -24.38 -41.74 18.07
CA LEU A 11 -25.40 -40.72 17.95
C LEU A 11 -25.05 -39.48 18.76
N ARG A 12 -24.32 -39.64 19.86
CA ARG A 12 -23.81 -38.48 20.57
C ARG A 12 -22.88 -37.67 19.69
N GLU A 13 -21.94 -38.36 19.03
CA GLU A 13 -21.04 -37.68 18.11
C GLU A 13 -21.84 -36.93 17.04
N LEU A 14 -22.83 -37.61 16.47
CA LEU A 14 -23.67 -37.00 15.44
C LEU A 14 -24.36 -35.74 15.96
N GLY A 15 -24.80 -35.76 17.22
CA GLY A 15 -25.38 -34.57 17.82
C GLY A 15 -24.42 -33.42 17.95
N GLN A 16 -23.11 -33.69 18.04
CA GLN A 16 -22.09 -32.66 18.16
C GLN A 16 -21.76 -32.00 16.83
N THR A 17 -22.11 -32.63 15.71
CA THR A 17 -21.65 -32.14 14.41
C THR A 17 -22.17 -30.73 14.12
N GLY A 18 -23.42 -30.47 14.46
CA GLY A 18 -24.07 -29.25 13.99
C GLY A 18 -24.63 -29.36 12.58
N TRP A 19 -24.46 -30.51 11.92
CA TRP A 19 -24.98 -30.69 10.56
C TRP A 19 -25.83 -31.93 10.44
N TYR A 20 -26.40 -32.37 11.57
CA TYR A 20 -27.42 -33.41 11.59
C TYR A 20 -28.79 -32.74 11.70
N TRP A 21 -29.65 -32.98 10.71
CA TRP A 21 -30.93 -32.30 10.60
C TRP A 21 -32.11 -33.14 11.09
N GLY A 22 -31.85 -34.29 11.73
CA GLY A 22 -32.94 -35.03 12.37
C GLY A 22 -34.01 -35.47 11.37
N SER A 23 -35.30 -35.19 11.69
CA SER A 23 -36.49 -35.67 10.93
C SER A 23 -36.66 -35.03 9.48
N MET A 24 -35.74 -34.25 8.96
CA MET A 24 -35.82 -33.67 7.62
C MET A 24 -36.19 -34.71 6.55
N THR A 25 -37.13 -34.36 5.69
CA THR A 25 -37.50 -35.21 4.56
C THR A 25 -36.57 -34.98 3.36
N VAL A 26 -36.62 -35.92 2.41
CA VAL A 26 -35.82 -35.77 1.20
C VAL A 26 -36.18 -34.47 0.47
N ASN A 27 -37.47 -34.11 0.45
CA ASN A 27 -37.88 -32.90 -0.26
C ASN A 27 -37.33 -31.66 0.43
N GLU A 28 -37.34 -31.66 1.76
CA GLU A 28 -36.82 -30.51 2.50
C GLU A 28 -35.31 -30.39 2.32
N ALA A 29 -34.61 -31.53 2.27
CA ALA A 29 -33.16 -31.48 2.03
C ALA A 29 -32.85 -30.98 0.64
N LYS A 30 -33.65 -31.39 -0.35
CA LYS A 30 -33.45 -30.90 -1.70
C LYS A 30 -33.55 -29.39 -1.75
N GLU A 31 -34.58 -28.82 -1.11
CA GLU A 31 -34.76 -27.37 -1.14
C GLU A 31 -33.62 -26.66 -0.43
N LYS A 32 -33.10 -27.25 0.65
CA LYS A 32 -31.98 -26.66 1.38
C LYS A 32 -30.70 -26.67 0.54
N LEU A 33 -30.48 -27.73 -0.22
CA LEU A 33 -29.22 -27.91 -0.93
C LEU A 33 -29.25 -27.41 -2.37
N LYS A 34 -30.43 -26.99 -2.86
CA LYS A 34 -30.64 -26.71 -4.27
C LYS A 34 -29.58 -25.80 -4.87
N GLU A 35 -29.18 -24.77 -4.12
CA GLU A 35 -28.31 -23.73 -4.65
C GLU A 35 -26.94 -23.74 -3.97
N ALA A 36 -26.62 -24.79 -3.21
CA ALA A 36 -25.37 -24.90 -2.50
C ALA A 36 -24.23 -25.28 -3.46
N PRO A 37 -22.98 -25.01 -3.07
CA PRO A 37 -21.84 -25.49 -3.85
C PRO A 37 -21.86 -27.00 -3.99
N GLU A 38 -21.27 -27.48 -5.10
CA GLU A 38 -21.09 -28.92 -5.29
C GLU A 38 -20.40 -29.53 -4.09
N GLY A 39 -20.91 -30.66 -3.63
CA GLY A 39 -20.36 -31.34 -2.48
C GLY A 39 -20.90 -30.92 -1.15
N THR A 40 -21.70 -29.86 -1.08
CA THR A 40 -22.30 -29.47 0.20
C THR A 40 -23.22 -30.58 0.67
N PHE A 41 -23.12 -30.97 1.94
CA PHE A 41 -23.84 -32.13 2.41
C PHE A 41 -24.45 -31.92 3.80
N LEU A 42 -25.43 -32.76 4.11
CA LEU A 42 -25.97 -32.82 5.46
C LEU A 42 -26.33 -34.27 5.72
N ILE A 43 -26.57 -34.60 6.97
N ILE A 43 -26.57 -34.60 6.99
CA ILE A 43 -27.07 -35.92 7.34
CA ILE A 43 -27.05 -35.93 7.39
C ILE A 43 -28.41 -35.73 8.05
C ILE A 43 -28.40 -35.74 8.07
N ARG A 44 -29.33 -36.65 7.78
CA ARG A 44 -30.67 -36.60 8.35
C ARG A 44 -31.16 -38.04 8.54
N ASP A 45 -32.32 -38.18 9.19
CA ASP A 45 -32.94 -39.49 9.29
C ASP A 45 -33.41 -39.99 7.93
N SER A 46 -33.40 -41.30 7.74
CA SER A 46 -33.93 -41.89 6.51
C SER A 46 -35.40 -42.23 6.66
N SER A 47 -36.18 -41.99 5.59
CA SER A 47 -37.57 -42.44 5.57
C SER A 47 -37.70 -43.97 5.57
N HIS A 48 -36.62 -44.70 5.29
CA HIS A 48 -36.72 -46.14 5.07
C HIS A 48 -36.27 -46.89 6.33
N SER A 49 -37.12 -47.80 6.82
CA SER A 49 -36.84 -48.48 8.09
C SER A 49 -35.64 -49.42 8.05
N ASP A 50 -35.10 -49.74 6.89
CA ASP A 50 -33.91 -50.61 6.86
C ASP A 50 -32.61 -49.84 7.01
N TYR A 51 -32.69 -48.51 7.08
CA TYR A 51 -31.52 -47.66 7.13
C TYR A 51 -31.69 -46.70 8.28
N LEU A 52 -30.57 -46.24 8.83
CA LEU A 52 -30.64 -45.34 9.97
C LEU A 52 -30.62 -43.89 9.57
N LEU A 53 -29.81 -43.54 8.57
CA LEU A 53 -29.54 -42.17 8.24
C LEU A 53 -29.38 -42.04 6.74
N THR A 54 -29.48 -40.80 6.27
CA THR A 54 -29.31 -40.50 4.86
C THR A 54 -28.38 -39.32 4.71
N ILE A 55 -27.42 -39.45 3.80
CA ILE A 55 -26.61 -38.31 3.38
C ILE A 55 -27.33 -37.61 2.25
N SER A 56 -27.50 -36.30 2.36
CA SER A 56 -28.03 -35.50 1.25
C SER A 56 -26.90 -34.57 0.81
N VAL A 57 -26.62 -34.53 -0.48
CA VAL A 57 -25.43 -33.84 -0.97
C VAL A 57 -25.73 -33.20 -2.33
N LYS A 58 -25.25 -31.97 -2.53
CA LYS A 58 -25.40 -31.31 -3.82
C LYS A 58 -24.44 -31.90 -4.84
N THR A 59 -24.97 -32.34 -5.97
CA THR A 59 -24.18 -32.69 -7.14
C THR A 59 -24.41 -31.65 -8.22
N SER A 60 -23.62 -31.76 -9.29
CA SER A 60 -23.79 -30.89 -10.44
C SER A 60 -25.19 -30.98 -11.03
N ALA A 61 -25.83 -32.14 -10.87
CA ALA A 61 -27.17 -32.36 -11.41
C ALA A 61 -28.26 -32.14 -10.39
N GLY A 62 -27.93 -31.58 -9.22
CA GLY A 62 -28.92 -31.34 -8.20
C GLY A 62 -28.65 -32.18 -6.96
N PRO A 63 -29.40 -31.96 -5.90
CA PRO A 63 -29.20 -32.76 -4.69
C PRO A 63 -29.48 -34.24 -4.94
N THR A 64 -28.69 -35.08 -4.28
CA THR A 64 -28.89 -36.51 -4.33
C THR A 64 -28.78 -37.06 -2.91
N ASN A 65 -29.12 -38.32 -2.73
CA ASN A 65 -29.23 -38.89 -1.39
C ASN A 65 -28.64 -40.29 -1.39
N LEU A 66 -28.01 -40.65 -0.27
CA LEU A 66 -27.35 -41.94 -0.13
C LEU A 66 -27.58 -42.41 1.31
N ARG A 67 -28.16 -43.59 1.45
CA ARG A 67 -28.52 -44.04 2.79
C ARG A 67 -27.32 -44.69 3.49
N ILE A 68 -27.39 -44.73 4.82
CA ILE A 68 -26.39 -45.35 5.69
C ILE A 68 -27.10 -46.41 6.50
N GLU A 69 -26.56 -47.63 6.50
CA GLU A 69 -27.11 -48.70 7.32
C GLU A 69 -26.27 -48.88 8.57
N TYR A 70 -26.92 -49.40 9.61
CA TYR A 70 -26.24 -49.72 10.87
C TYR A 70 -26.60 -51.16 11.19
N GLN A 71 -25.61 -52.03 11.16
CA GLN A 71 -25.84 -53.45 11.36
C GLN A 71 -24.65 -54.04 12.09
N ASP A 72 -24.94 -54.78 13.17
CA ASP A 72 -23.92 -55.48 13.95
C ASP A 72 -22.84 -54.54 14.47
N GLY A 73 -23.25 -53.38 14.95
CA GLY A 73 -22.29 -52.44 15.49
C GLY A 73 -21.48 -51.68 14.47
N LYS A 74 -21.85 -51.73 13.19
CA LYS A 74 -21.07 -51.06 12.15
C LYS A 74 -21.96 -50.22 11.25
N PHE A 75 -21.47 -49.05 10.86
CA PHE A 75 -22.11 -48.21 9.87
C PHE A 75 -21.45 -48.48 8.52
N ARG A 76 -22.26 -48.42 7.47
CA ARG A 76 -21.78 -48.64 6.12
C ARG A 76 -22.71 -47.89 5.19
N LEU A 77 -22.15 -47.40 4.08
CA LEU A 77 -23.00 -46.89 3.01
C LEU A 77 -23.91 -48.01 2.51
N ASP A 78 -25.02 -47.59 1.91
CA ASP A 78 -26.01 -48.51 1.35
C ASP A 78 -25.38 -49.52 0.38
N SER A 79 -25.54 -50.80 0.68
CA SER A 79 -24.97 -51.85 -0.16
C SER A 79 -25.92 -52.35 -1.22
N ILE A 80 -27.18 -51.95 -1.19
CA ILE A 80 -28.03 -52.32 -2.32
C ILE A 80 -27.51 -51.58 -3.54
N ILE A 81 -26.95 -50.39 -3.31
CA ILE A 81 -26.47 -49.48 -4.34
C ILE A 81 -25.02 -49.83 -4.64
N CYS A 82 -24.15 -49.57 -3.67
CA CYS A 82 -22.72 -49.76 -3.84
C CYS A 82 -22.33 -51.22 -3.61
N VAL A 83 -21.28 -51.68 -4.30
CA VAL A 83 -20.82 -53.07 -4.15
C VAL A 83 -20.37 -53.31 -2.71
N LYS A 84 -21.04 -54.28 -2.06
CA LYS A 84 -20.92 -54.46 -0.61
C LYS A 84 -19.47 -54.67 -0.16
N SER A 85 -18.77 -55.61 -0.83
CA SER A 85 -17.44 -56.02 -0.38
C SER A 85 -16.43 -54.87 -0.38
N LYS A 86 -16.64 -53.84 -1.19
CA LYS A 86 -15.72 -52.71 -1.27
C LYS A 86 -16.13 -51.55 -0.38
N LEU A 87 -17.07 -51.76 0.53
CA LEU A 87 -17.56 -50.70 1.41
C LEU A 87 -16.87 -50.82 2.76
N LYS A 88 -16.22 -49.75 3.18
CA LYS A 88 -15.59 -49.74 4.50
C LYS A 88 -16.68 -49.72 5.58
N GLN A 89 -16.42 -50.41 6.69
CA GLN A 89 -17.34 -50.36 7.83
C GLN A 89 -16.73 -49.53 8.95
N PHE A 90 -17.59 -48.79 9.66
CA PHE A 90 -17.16 -47.83 10.67
C PHE A 90 -17.90 -48.06 11.98
N ASP A 91 -17.19 -47.85 13.10
CA ASP A 91 -17.87 -47.82 14.39
C ASP A 91 -18.62 -46.51 14.61
N SER A 92 -18.29 -45.47 13.87
CA SER A 92 -18.81 -44.14 14.08
C SER A 92 -19.33 -43.59 12.76
N VAL A 93 -20.50 -42.95 12.79
CA VAL A 93 -21.00 -42.42 11.53
C VAL A 93 -20.34 -41.08 11.18
N VAL A 94 -19.95 -40.28 12.17
CA VAL A 94 -19.17 -39.10 11.82
C VAL A 94 -17.82 -39.52 11.24
N HIS A 95 -17.22 -40.59 11.77
CA HIS A 95 -16.00 -41.14 11.16
C HIS A 95 -16.25 -41.52 9.70
N LEU A 96 -17.38 -42.18 9.44
CA LEU A 96 -17.71 -42.55 8.07
C LEU A 96 -17.69 -41.32 7.17
N ILE A 97 -18.38 -40.26 7.60
CA ILE A 97 -18.46 -39.04 6.79
C ILE A 97 -17.07 -38.42 6.62
N ASP A 98 -16.33 -38.28 7.73
CA ASP A 98 -15.00 -37.67 7.70
C ASP A 98 -14.07 -38.44 6.77
N TYR A 99 -14.18 -39.77 6.78
CA TYR A 99 -13.35 -40.58 5.89
C TYR A 99 -13.61 -40.24 4.44
N TYR A 100 -14.88 -40.17 4.03
CA TYR A 100 -15.18 -39.87 2.63
C TYR A 100 -14.87 -38.41 2.30
N VAL A 101 -15.04 -37.48 3.25
CA VAL A 101 -14.66 -36.09 2.98
C VAL A 101 -13.16 -36.01 2.69
N GLN A 102 -12.35 -36.67 3.53
CA GLN A 102 -10.91 -36.63 3.35
C GLN A 102 -10.50 -37.34 2.06
N MET A 103 -11.16 -38.45 1.72
CA MET A 103 -10.84 -39.12 0.46
C MET A 103 -11.09 -38.20 -0.74
N CYS A 104 -12.17 -37.42 -0.69
CA CYS A 104 -12.48 -36.51 -1.79
C CYS A 104 -11.46 -35.39 -1.91
N LYS A 105 -10.74 -35.06 -0.83
CA LYS A 105 -9.75 -33.99 -0.91
C LYS A 105 -8.47 -34.46 -1.60
N ASP A 106 -8.08 -35.71 -1.36
CA ASP A 106 -6.91 -36.29 -2.01
C ASP A 106 -7.26 -36.81 -3.39
N HIS A 120 -19.04 -43.01 -6.39
CA HIS A 120 -19.13 -41.62 -6.86
C HIS A 120 -19.90 -40.75 -5.87
N LEU A 121 -19.37 -40.65 -4.66
CA LEU A 121 -19.88 -39.76 -3.63
C LEU A 121 -18.85 -38.67 -3.42
N TYR A 122 -19.24 -37.43 -3.69
CA TYR A 122 -18.33 -36.29 -3.59
C TYR A 122 -18.82 -35.36 -2.48
N LEU A 123 -18.07 -35.31 -1.38
CA LEU A 123 -18.44 -34.52 -0.21
C LEU A 123 -17.37 -33.46 0.01
N THR A 124 -17.80 -32.22 0.26
CA THR A 124 -16.87 -31.16 0.62
C THR A 124 -17.19 -30.61 2.00
N LYS A 125 -18.23 -29.79 2.13
CA LYS A 125 -18.48 -29.03 3.35
C LYS A 125 -19.90 -29.25 3.84
N PRO A 126 -20.10 -29.33 5.15
CA PRO A 126 -21.44 -29.59 5.67
C PRO A 126 -22.28 -28.32 5.76
N LEU A 127 -23.58 -28.52 5.69
CA LEU A 127 -24.57 -27.47 5.87
C LEU A 127 -24.98 -27.48 7.34
N TYR A 128 -24.58 -26.46 8.09
CA TYR A 128 -24.89 -26.39 9.52
C TYR A 128 -26.33 -25.99 9.79
N THR A 129 -26.95 -26.64 10.79
CA THR A 129 -28.26 -26.24 11.32
C THR A 129 -28.18 -25.03 12.23
N SER A 130 -27.11 -24.93 13.01
N SER A 130 -27.05 -24.87 12.92
CA SER A 130 -26.90 -23.77 13.87
CA SER A 130 -26.88 -23.90 13.99
C SER A 130 -25.40 -23.57 14.05
C SER A 130 -25.39 -23.63 14.16
N ALA A 131 -25.06 -22.43 14.60
CA ALA A 131 -23.66 -22.09 14.87
C ALA A 131 -23.13 -22.96 15.99
N PRO A 132 -22.05 -23.70 15.80
CA PRO A 132 -21.48 -24.49 16.88
C PRO A 132 -20.87 -23.62 17.97
N SER A 133 -20.61 -24.24 19.12
CA SER A 133 -19.88 -23.56 20.19
C SER A 133 -18.47 -23.21 19.73
N LEU A 134 -17.90 -22.18 20.34
CA LEU A 134 -16.52 -21.83 20.00
C LEU A 134 -15.56 -22.95 20.37
N GLN A 135 -15.83 -23.65 21.48
CA GLN A 135 -14.97 -24.80 21.82
C GLN A 135 -14.97 -25.82 20.70
N HIS A 136 -16.14 -26.09 20.09
CA HIS A 136 -16.18 -27.09 19.04
C HIS A 136 -15.47 -26.61 17.79
N LEU A 137 -15.62 -25.32 17.46
CA LEU A 137 -14.92 -24.78 16.30
C LEU A 137 -13.40 -24.89 16.48
N CYS A 138 -12.89 -24.60 17.70
CA CYS A 138 -11.47 -24.83 17.96
C CYS A 138 -11.09 -26.29 17.84
N ARG A 139 -11.93 -27.19 18.35
CA ARG A 139 -11.67 -28.61 18.23
C ARG A 139 -11.54 -29.03 16.76
N LEU A 140 -12.47 -28.57 15.90
CA LEU A 140 -12.35 -28.84 14.47
C LEU A 140 -11.02 -28.32 13.93
N THR A 141 -10.66 -27.10 14.27
CA THR A 141 -9.41 -26.52 13.75
C THR A 141 -8.21 -27.35 14.19
N ILE A 142 -8.18 -27.73 15.45
CA ILE A 142 -7.08 -28.53 15.97
C ILE A 142 -7.03 -29.88 15.26
N ASN A 143 -8.19 -30.52 15.07
CA ASN A 143 -8.21 -31.82 14.39
C ASN A 143 -7.72 -31.73 12.95
N LYS A 144 -7.95 -30.58 12.29
CA LYS A 144 -7.47 -30.40 10.92
C LYS A 144 -5.97 -30.26 10.86
N CYS A 145 -5.34 -30.03 12.01
CA CYS A 145 -3.91 -29.79 12.11
C CYS A 145 -3.16 -31.04 12.55
N THR A 146 -3.74 -31.84 13.43
CA THR A 146 -3.06 -33.00 13.97
C THR A 146 -4.06 -33.93 14.63
N GLY A 147 -3.70 -35.21 14.69
CA GLY A 147 -4.40 -36.18 15.49
C GLY A 147 -3.72 -36.49 16.79
N ALA A 148 -2.57 -35.85 17.07
CA ALA A 148 -1.74 -36.22 18.21
C ALA A 148 -2.14 -35.42 19.45
N ILE A 149 -3.41 -35.62 19.83
CA ILE A 149 -3.97 -34.93 21.01
C ILE A 149 -3.09 -35.12 22.23
N TRP A 150 -2.52 -36.33 22.36
CA TRP A 150 -1.78 -36.74 23.55
C TRP A 150 -0.64 -35.80 23.85
N GLY A 151 -0.04 -35.20 22.83
CA GLY A 151 1.14 -34.38 23.01
C GLY A 151 0.92 -32.89 22.96
N LEU A 152 -0.32 -32.43 22.85
CA LEU A 152 -0.58 -31.00 22.78
C LEU A 152 -0.37 -30.35 24.14
N PRO A 153 0.07 -29.08 24.19
CA PRO A 153 0.21 -28.40 25.49
C PRO A 153 -1.14 -27.93 26.01
N LEU A 154 -1.94 -28.89 26.45
CA LEU A 154 -3.29 -28.68 26.96
C LEU A 154 -3.49 -29.46 28.25
N PRO A 155 -4.32 -28.95 29.16
CA PRO A 155 -4.65 -29.74 30.36
C PRO A 155 -5.45 -30.98 29.96
N THR A 156 -5.35 -32.01 30.79
CA THR A 156 -5.96 -33.30 30.46
C THR A 156 -7.45 -33.14 30.17
N ARG A 157 -8.13 -32.29 30.94
CA ARG A 157 -9.54 -32.00 30.71
C ARG A 157 -9.82 -31.65 29.26
N LEU A 158 -8.97 -30.83 28.64
CA LEU A 158 -9.24 -30.42 27.28
C LEU A 158 -8.81 -31.48 26.28
N LYS A 159 -7.81 -32.31 26.62
CA LYS A 159 -7.50 -33.43 25.75
C LYS A 159 -8.67 -34.41 25.68
N ASP A 160 -9.29 -34.70 26.84
CA ASP A 160 -10.48 -35.54 26.84
C ASP A 160 -11.58 -34.96 25.95
N TYR A 161 -11.76 -33.64 26.01
CA TYR A 161 -12.76 -33.00 25.15
C TYR A 161 -12.44 -33.24 23.67
N LEU A 162 -11.18 -33.03 23.28
CA LEU A 162 -10.82 -33.28 21.89
C LEU A 162 -11.06 -34.74 21.53
N GLU A 163 -10.78 -35.66 22.46
CA GLU A 163 -10.94 -37.10 22.18
C GLU A 163 -12.39 -37.46 21.91
N GLU A 164 -13.34 -36.67 22.46
CA GLU A 164 -14.76 -36.96 22.26
C GLU A 164 -15.22 -36.71 20.82
N TYR A 165 -14.44 -35.98 20.03
CA TYR A 165 -14.83 -35.68 18.66
C TYR A 165 -13.54 -35.38 17.89
N LYS A 166 -12.98 -36.44 17.30
CA LYS A 166 -11.67 -36.32 16.67
C LYS A 166 -11.73 -35.93 15.19
N PHE A 167 -12.91 -35.64 14.67
CA PHE A 167 -13.13 -35.55 13.24
C PHE A 167 -12.84 -34.14 12.72
N GLN A 168 -12.47 -34.07 11.44
CA GLN A 168 -12.11 -32.81 10.82
C GLN A 168 -13.29 -32.07 10.21
N VAL A 169 -14.48 -32.66 10.27
CA VAL A 169 -15.68 -32.01 9.77
C VAL A 169 -16.76 -32.08 10.85
N MET B 1 -28.52 -3.81 4.41
CA MET B 1 -27.18 -4.42 4.37
C MET B 1 -26.37 -4.12 5.62
N ASP B 2 -26.27 -5.10 6.54
CA ASP B 2 -25.53 -4.90 7.77
C ASP B 2 -24.02 -4.97 7.51
N VAL B 3 -23.27 -4.08 8.14
CA VAL B 3 -21.81 -4.15 8.14
C VAL B 3 -21.34 -4.30 9.57
N PHE B 4 -20.35 -5.16 9.79
CA PHE B 4 -19.85 -5.46 11.13
C PHE B 4 -18.44 -4.93 11.24
N LEU B 5 -18.18 -4.15 12.30
CA LEU B 5 -17.01 -3.29 12.37
C LEU B 5 -16.25 -3.48 13.69
N MET B 6 -14.95 -3.23 13.62
CA MET B 6 -14.11 -2.90 14.75
C MET B 6 -13.65 -1.46 14.62
N ILE B 7 -14.02 -0.60 15.57
CA ILE B 7 -13.54 0.78 15.58
C ILE B 7 -12.37 0.83 16.57
N ARG B 8 -11.18 1.19 16.08
CA ARG B 8 -9.95 0.93 16.85
C ARG B 8 -9.16 2.22 17.04
N ARG B 9 -8.74 2.44 18.28
CA ARG B 9 -7.86 3.56 18.64
C ARG B 9 -6.94 3.09 19.75
N HIS B 10 -5.64 3.28 19.57
CA HIS B 10 -4.68 2.86 20.59
C HIS B 10 -4.93 1.40 20.96
N LYS B 11 -5.26 1.13 22.23
CA LYS B 11 -5.59 -0.22 22.68
C LYS B 11 -7.09 -0.41 22.94
N THR B 12 -7.93 0.38 22.30
CA THR B 12 -9.40 0.27 22.40
C THR B 12 -9.96 -0.27 21.10
N THR B 13 -10.83 -1.26 21.19
CA THR B 13 -11.49 -1.82 20.02
C THR B 13 -12.97 -1.91 20.33
N ILE B 14 -13.79 -1.15 19.61
CA ILE B 14 -15.24 -1.24 19.73
C ILE B 14 -15.77 -2.18 18.67
N PHE B 15 -16.48 -3.22 19.08
CA PHE B 15 -17.22 -4.07 18.16
C PHE B 15 -18.63 -3.50 18.02
N THR B 16 -18.99 -3.08 16.82
CA THR B 16 -20.36 -2.61 16.64
C THR B 16 -20.78 -2.89 15.20
N ASP B 17 -22.05 -2.64 14.91
CA ASP B 17 -22.50 -2.86 13.54
C ASP B 17 -23.34 -1.68 13.10
N ALA B 18 -23.51 -1.58 11.79
CA ALA B 18 -24.26 -0.49 11.18
C ALA B 18 -24.74 -0.98 9.81
N LYS B 19 -25.25 -0.07 9.00
CA LYS B 19 -25.73 -0.42 7.67
C LYS B 19 -24.84 0.22 6.62
N GLU B 20 -24.79 -0.38 5.43
CA GLU B 20 -24.13 0.29 4.32
C GLU B 20 -24.65 1.70 4.13
N SER B 21 -25.94 1.92 4.42
CA SER B 21 -26.55 3.24 4.24
C SER B 21 -26.30 4.18 5.41
N SER B 22 -25.71 3.69 6.50
CA SER B 22 -25.30 4.54 7.61
C SER B 22 -24.27 5.54 7.14
N THR B 23 -24.33 6.76 7.67
CA THR B 23 -23.29 7.75 7.41
C THR B 23 -22.12 7.62 8.38
N VAL B 24 -20.98 8.16 7.94
CA VAL B 24 -19.81 8.25 8.82
C VAL B 24 -20.16 9.01 10.09
N PHE B 25 -20.97 10.06 9.96
CA PHE B 25 -21.40 10.82 11.13
C PHE B 25 -22.17 9.97 12.11
N GLU B 26 -23.10 9.14 11.60
CA GLU B 26 -23.85 8.25 12.50
C GLU B 26 -22.92 7.30 13.23
N LEU B 27 -21.84 6.85 12.57
CA LEU B 27 -20.85 6.03 13.26
C LEU B 27 -20.19 6.83 14.37
N LYS B 28 -19.84 8.09 14.10
CA LYS B 28 -19.29 8.95 15.14
C LYS B 28 -20.25 9.11 16.31
N ARG B 29 -21.55 9.12 16.04
CA ARG B 29 -22.53 9.19 17.12
C ARG B 29 -22.52 7.92 17.98
N ILE B 30 -22.28 6.76 17.36
CA ILE B 30 -22.17 5.54 18.14
C ILE B 30 -20.95 5.62 19.06
N VAL B 31 -19.81 6.04 18.49
CA VAL B 31 -18.59 6.25 19.26
C VAL B 31 -18.79 7.28 20.37
N GLU B 32 -19.53 8.36 20.09
CA GLU B 32 -19.78 9.34 21.14
C GLU B 32 -20.50 8.72 22.33
N GLY B 33 -21.52 7.89 22.08
CA GLY B 33 -22.24 7.32 23.20
C GLY B 33 -21.42 6.35 24.02
N ILE B 34 -20.37 5.78 23.43
CA ILE B 34 -19.53 4.82 24.14
C ILE B 34 -18.34 5.51 24.82
N LEU B 35 -17.60 6.32 24.07
CA LEU B 35 -16.36 6.91 24.55
C LEU B 35 -16.50 8.38 24.96
N LYS B 36 -17.70 8.97 24.82
CA LYS B 36 -18.01 10.29 25.39
C LYS B 36 -17.15 11.40 24.81
N ARG B 37 -16.86 11.33 23.52
CA ARG B 37 -16.29 12.44 22.78
C ARG B 37 -17.22 12.78 21.62
N PRO B 38 -17.49 14.05 21.36
CA PRO B 38 -18.47 14.40 20.32
C PRO B 38 -17.92 14.13 18.94
N PRO B 39 -18.80 14.04 17.93
CA PRO B 39 -18.32 13.73 16.57
C PRO B 39 -17.28 14.71 16.06
N ASP B 40 -17.39 16.00 16.39
CA ASP B 40 -16.39 16.95 15.91
C ASP B 40 -15.01 16.72 16.52
N GLU B 41 -14.89 15.91 17.56
CA GLU B 41 -13.59 15.57 18.13
C GLU B 41 -13.11 14.20 17.69
N GLN B 42 -13.72 13.67 16.63
CA GLN B 42 -13.38 12.37 16.07
C GLN B 42 -12.99 12.51 14.60
N ARG B 43 -12.00 11.71 14.21
CA ARG B 43 -11.69 11.41 12.81
C ARG B 43 -11.81 9.90 12.64
N LEU B 44 -12.50 9.46 11.60
CA LEU B 44 -12.58 8.04 11.28
C LEU B 44 -11.85 7.75 9.97
N TYR B 45 -11.23 6.58 9.91
CA TYR B 45 -10.38 6.20 8.79
C TYR B 45 -10.73 4.81 8.30
N LYS B 46 -10.60 4.63 7.00
CA LYS B 46 -10.53 3.31 6.40
C LYS B 46 -9.12 3.18 5.84
N ASP B 47 -8.31 2.32 6.45
CA ASP B 47 -6.87 2.26 6.21
C ASP B 47 -6.29 3.63 6.56
N ASP B 48 -5.62 4.33 5.64
CA ASP B 48 -5.10 5.65 5.96
C ASP B 48 -5.97 6.77 5.42
N GLN B 49 -7.16 6.44 4.89
CA GLN B 49 -8.01 7.43 4.25
C GLN B 49 -9.00 8.02 5.24
N LEU B 50 -8.93 9.34 5.45
CA LEU B 50 -9.94 10.04 6.23
C LEU B 50 -11.32 9.92 5.59
N LEU B 51 -12.32 9.63 6.42
CA LEU B 51 -13.70 9.48 5.96
C LEU B 51 -14.49 10.76 6.19
N ASP B 52 -15.24 11.20 5.18
CA ASP B 52 -16.02 12.41 5.33
C ASP B 52 -17.35 12.10 6.00
N ASP B 53 -17.75 12.96 6.95
CA ASP B 53 -18.96 12.77 7.75
C ASP B 53 -20.18 12.41 6.91
N GLY B 54 -20.31 13.03 5.74
CA GLY B 54 -21.55 12.87 5.00
C GLY B 54 -21.65 11.62 4.15
N LYS B 55 -20.56 10.89 3.97
CA LYS B 55 -20.59 9.72 3.10
C LYS B 55 -21.22 8.55 3.85
N THR B 56 -21.83 7.64 3.09
CA THR B 56 -22.31 6.40 3.70
C THR B 56 -21.14 5.43 3.83
N LEU B 57 -21.30 4.46 4.75
CA LEU B 57 -20.26 3.46 4.93
C LEU B 57 -20.03 2.68 3.65
N GLY B 58 -21.10 2.43 2.87
CA GLY B 58 -20.91 1.78 1.59
C GLY B 58 -20.16 2.66 0.61
N GLU B 59 -20.45 3.96 0.62
CA GLU B 59 -19.71 4.91 -0.21
C GLU B 59 -18.24 4.94 0.16
N CYS B 60 -17.92 4.68 1.43
CA CYS B 60 -16.53 4.56 1.87
C CYS B 60 -15.91 3.21 1.57
N GLY B 61 -16.69 2.24 1.11
CA GLY B 61 -16.16 0.93 0.78
C GLY B 61 -16.37 -0.16 1.82
N PHE B 62 -17.21 0.07 2.85
CA PHE B 62 -17.56 -0.97 3.82
C PHE B 62 -18.80 -1.70 3.30
N THR B 63 -18.64 -2.95 2.89
CA THR B 63 -19.74 -3.70 2.29
C THR B 63 -20.07 -4.91 3.15
N SER B 64 -21.31 -5.39 3.04
CA SER B 64 -21.74 -6.52 3.85
C SER B 64 -20.83 -7.75 3.66
N GLN B 65 -20.28 -7.96 2.47
CA GLN B 65 -19.44 -9.14 2.24
C GLN B 65 -18.02 -8.97 2.76
N THR B 66 -17.57 -7.75 2.98
CA THR B 66 -16.22 -7.52 3.46
C THR B 66 -16.23 -6.94 4.87
N ALA B 67 -17.38 -6.96 5.54
CA ALA B 67 -17.49 -6.53 6.92
C ALA B 67 -18.49 -7.47 7.61
N ARG B 68 -18.08 -8.75 7.77
CA ARG B 68 -18.94 -9.82 8.25
C ARG B 68 -18.81 -9.99 9.76
N PRO B 69 -19.82 -10.59 10.43
CA PRO B 69 -19.72 -10.79 11.89
C PRO B 69 -18.46 -11.51 12.28
N GLN B 70 -18.12 -12.58 11.56
CA GLN B 70 -16.96 -13.39 11.88
C GLN B 70 -15.66 -12.80 11.37
N ALA B 71 -15.73 -11.68 10.65
CA ALA B 71 -14.53 -11.03 10.08
C ALA B 71 -14.84 -9.56 9.87
N PRO B 72 -15.00 -8.80 10.96
CA PRO B 72 -15.42 -7.40 10.84
C PRO B 72 -14.33 -6.55 10.21
N ALA B 73 -14.77 -5.47 9.57
CA ALA B 73 -13.86 -4.52 8.96
C ALA B 73 -13.40 -3.51 10.01
N THR B 74 -12.18 -3.02 9.86
CA THR B 74 -11.61 -2.08 10.82
C THR B 74 -11.80 -0.63 10.38
N VAL B 75 -12.24 0.18 11.34
CA VAL B 75 -12.37 1.63 11.19
C VAL B 75 -11.39 2.22 12.18
N GLY B 76 -10.44 3.02 11.68
CA GLY B 76 -9.53 3.70 12.58
C GLY B 76 -10.18 4.94 13.17
N LEU B 77 -9.80 5.25 14.41
CA LEU B 77 -10.38 6.38 15.13
C LEU B 77 -9.27 7.20 15.76
N ALA B 78 -9.33 8.52 15.59
CA ALA B 78 -8.39 9.42 16.22
C ALA B 78 -9.17 10.54 16.89
N PHE B 79 -8.72 10.95 18.07
CA PHE B 79 -9.42 11.97 18.84
C PHE B 79 -8.69 13.31 18.76
N ARG B 80 -9.45 14.36 19.05
CA ARG B 80 -8.88 15.68 19.24
C ARG B 80 -7.80 15.64 20.30
N ALA B 81 -6.69 16.33 20.03
CA ALA B 81 -5.68 16.63 21.03
C ALA B 81 -5.44 18.14 20.99
N ASP B 82 -5.94 18.86 21.99
CA ASP B 82 -5.79 20.31 22.09
C ASP B 82 -6.41 20.98 20.87
N ASP B 83 -5.66 21.69 20.04
CA ASP B 83 -6.23 22.41 18.91
C ASP B 83 -6.10 21.65 17.60
N THR B 84 -5.71 20.38 17.65
CA THR B 84 -5.58 19.57 16.45
C THR B 84 -6.04 18.16 16.79
N PHE B 85 -5.80 17.23 15.87
CA PHE B 85 -6.11 15.83 16.09
C PHE B 85 -4.82 15.08 16.35
N GLU B 86 -4.91 14.06 17.19
CA GLU B 86 -3.79 13.14 17.31
C GLU B 86 -3.66 12.38 15.99
N ALA B 87 -2.44 11.94 15.71
CA ALA B 87 -2.23 11.04 14.58
C ALA B 87 -2.93 9.70 14.84
N LEU B 88 -3.43 9.10 13.77
CA LEU B 88 -4.04 7.78 13.88
C LEU B 88 -3.01 6.78 14.40
N CYS B 89 -3.39 6.04 15.44
CA CYS B 89 -2.46 5.08 16.03
C CYS B 89 -3.27 3.92 16.56
N ILE B 90 -3.10 2.74 15.98
CA ILE B 90 -3.81 1.52 16.40
C ILE B 90 -2.76 0.53 16.86
N GLU B 91 -2.87 0.09 18.06
CA GLU B 91 -1.82 -0.81 18.52
C GLU B 91 -2.16 -2.25 18.11
N PRO B 92 -1.22 -3.01 17.57
CA PRO B 92 -1.51 -4.39 17.17
C PRO B 92 -1.88 -5.27 18.36
N PHE B 93 -2.68 -6.29 18.08
CA PHE B 93 -2.92 -7.34 19.06
C PHE B 93 -1.63 -8.12 19.30
N SER B 94 -1.63 -8.90 20.37
CA SER B 94 -0.45 -9.66 20.72
C SER B 94 -0.12 -10.68 19.63
N SER B 95 1.12 -11.21 19.68
CA SER B 95 1.58 -12.20 18.72
C SER B 95 1.29 -13.60 19.24
N PRO B 96 0.75 -14.49 18.42
CA PRO B 96 0.57 -15.87 18.85
C PRO B 96 1.91 -16.54 19.09
N PRO B 97 1.97 -17.55 19.94
CA PRO B 97 3.22 -18.30 20.11
C PRO B 97 3.47 -19.19 18.90
N GLU B 98 4.66 -19.78 18.86
CA GLU B 98 4.98 -20.72 17.81
C GLU B 98 4.07 -21.95 17.91
N LEU B 99 3.64 -22.45 16.75
CA LEU B 99 2.90 -23.71 16.73
C LEU B 99 3.75 -24.86 17.24
N PRO B 100 3.15 -25.84 17.92
CA PRO B 100 3.85 -27.12 18.10
C PRO B 100 4.21 -27.70 16.74
N ASP B 101 5.37 -28.36 16.67
CA ASP B 101 5.79 -28.90 15.38
C ASP B 101 4.77 -29.88 14.80
N VAL B 102 4.03 -30.58 15.67
CA VAL B 102 3.05 -31.58 15.23
C VAL B 102 1.92 -30.94 14.43
N MET B 103 1.79 -29.62 14.53
CA MET B 103 0.63 -28.88 14.09
C MET B 103 0.97 -28.02 12.89
N LYS B 104 2.24 -27.98 12.50
CA LYS B 104 2.79 -27.11 11.47
C LYS B 104 2.70 -27.73 10.08
N MET C 1 -26.00 -0.50 30.51
CA MET C 1 -26.58 -1.76 30.07
C MET C 1 -26.76 -1.77 28.55
N MET C 2 -25.70 -1.39 27.84
CA MET C 2 -25.69 -1.46 26.39
C MET C 2 -24.38 -2.12 25.96
N TYR C 3 -23.23 -1.60 26.40
CA TYR C 3 -21.93 -2.21 26.11
C TYR C 3 -21.20 -2.58 27.40
N VAL C 4 -20.31 -3.57 27.29
CA VAL C 4 -19.40 -3.94 28.38
C VAL C 4 -17.96 -3.92 27.84
N LYS C 5 -17.01 -3.81 28.76
CA LYS C 5 -15.60 -3.70 28.40
C LYS C 5 -14.89 -4.96 28.87
N LEU C 6 -14.31 -5.70 27.92
CA LEU C 6 -13.55 -6.91 28.21
C LEU C 6 -12.07 -6.61 27.96
N ILE C 7 -11.24 -6.79 28.98
CA ILE C 7 -9.85 -6.37 28.91
C ILE C 7 -8.94 -7.58 28.87
N SER C 8 -8.05 -7.62 27.88
CA SER C 8 -7.14 -8.75 27.73
C SER C 8 -5.96 -8.65 28.70
N SER C 9 -5.21 -9.74 28.77
CA SER C 9 -4.07 -9.79 29.68
C SER C 9 -3.02 -8.76 29.32
N ASP C 10 -2.90 -8.43 28.05
CA ASP C 10 -1.95 -7.42 27.61
C ASP C 10 -2.57 -6.03 27.53
N GLY C 11 -3.78 -5.84 28.06
CA GLY C 11 -4.31 -4.52 28.26
C GLY C 11 -5.11 -3.95 27.10
N HIS C 12 -5.46 -4.76 26.11
CA HIS C 12 -6.40 -4.31 25.08
C HIS C 12 -7.81 -4.31 25.66
N GLU C 13 -8.55 -3.25 25.38
CA GLU C 13 -9.91 -3.09 25.87
C GLU C 13 -10.87 -3.32 24.70
N PHE C 14 -11.72 -4.35 24.82
CA PHE C 14 -12.71 -4.70 23.80
C PHE C 14 -14.09 -4.31 24.32
N ILE C 15 -14.75 -3.40 23.61
CA ILE C 15 -16.01 -2.86 24.06
C ILE C 15 -17.07 -3.50 23.17
N VAL C 16 -17.94 -4.32 23.76
CA VAL C 16 -18.84 -5.16 22.98
C VAL C 16 -20.23 -5.01 23.56
N LYS C 17 -21.23 -5.26 22.71
CA LYS C 17 -22.61 -5.19 23.15
C LYS C 17 -22.83 -6.17 24.31
N ARG C 18 -23.47 -5.70 25.38
CA ARG C 18 -23.69 -6.56 26.53
C ARG C 18 -24.44 -7.82 26.14
N GLU C 19 -25.49 -7.67 25.32
CA GLU C 19 -26.22 -8.82 24.78
C GLU C 19 -25.28 -9.83 24.12
N HIS C 20 -24.29 -9.35 23.37
CA HIS C 20 -23.40 -10.28 22.68
C HIS C 20 -22.44 -10.95 23.65
N ALA C 21 -21.93 -10.20 24.63
CA ALA C 21 -21.02 -10.79 25.61
C ALA C 21 -21.70 -11.90 26.42
N LEU C 22 -23.02 -11.82 26.59
CA LEU C 22 -23.74 -12.85 27.36
C LEU C 22 -23.81 -14.18 26.62
N THR C 23 -23.32 -14.24 25.38
CA THR C 23 -23.00 -15.53 24.76
C THR C 23 -22.13 -16.37 25.68
N SER C 24 -21.26 -15.73 26.46
CA SER C 24 -20.42 -16.42 27.43
C SER C 24 -21.17 -16.61 28.74
N GLY C 25 -21.42 -17.87 29.12
CA GLY C 25 -22.02 -18.13 30.42
C GLY C 25 -21.16 -17.59 31.55
N THR C 26 -19.83 -17.63 31.38
CA THR C 26 -18.92 -17.13 32.40
C THR C 26 -19.03 -15.61 32.55
N ILE C 27 -19.08 -14.88 31.44
CA ILE C 27 -19.35 -13.45 31.51
C ILE C 27 -20.76 -13.21 32.00
N LYS C 28 -21.72 -14.03 31.53
CA LYS C 28 -23.11 -13.91 31.99
C LYS C 28 -23.23 -14.10 33.49
N ALA C 29 -22.40 -14.95 34.08
CA ALA C 29 -22.46 -15.15 35.53
C ALA C 29 -22.00 -13.90 36.25
N MET C 30 -20.94 -13.25 35.77
CA MET C 30 -20.52 -12.00 36.38
C MET C 30 -21.46 -10.87 35.94
N ASN C 43 -19.41 -3.23 34.83
CA ASN C 43 -19.31 -2.94 33.39
C ASN C 43 -18.01 -3.39 32.73
N GLU C 44 -17.02 -3.82 33.53
CA GLU C 44 -15.74 -4.17 32.92
C GLU C 44 -15.21 -5.46 33.54
N VAL C 45 -14.59 -6.28 32.69
CA VAL C 45 -14.05 -7.58 33.10
C VAL C 45 -12.61 -7.65 32.64
N ASN C 46 -11.72 -8.08 33.53
CA ASN C 46 -10.31 -8.23 33.21
C ASN C 46 -9.98 -9.70 33.10
N PHE C 47 -9.45 -10.10 31.95
CA PHE C 47 -9.06 -11.50 31.74
C PHE C 47 -7.55 -11.58 31.87
N ARG C 48 -7.10 -11.99 33.06
CA ARG C 48 -5.68 -11.97 33.37
C ARG C 48 -4.88 -12.94 32.52
N GLU C 49 -5.53 -13.93 31.90
CA GLU C 49 -4.81 -15.00 31.21
C GLU C 49 -5.20 -15.13 29.74
N ILE C 50 -5.98 -14.21 29.19
CA ILE C 50 -6.39 -14.29 27.79
C ILE C 50 -5.80 -13.12 27.03
N PRO C 51 -4.85 -13.33 26.12
CA PRO C 51 -4.22 -12.22 25.40
C PRO C 51 -5.12 -11.71 24.29
N SER C 52 -4.75 -10.55 23.75
CA SER C 52 -5.64 -9.87 22.81
C SER C 52 -5.77 -10.63 21.49
N HIS C 53 -4.74 -11.35 21.03
CA HIS C 53 -4.93 -12.12 19.81
C HIS C 53 -5.95 -13.23 20.00
N VAL C 54 -6.28 -13.59 21.24
CA VAL C 54 -7.34 -14.54 21.51
C VAL C 54 -8.66 -13.83 21.78
N LEU C 55 -8.62 -12.81 22.64
CA LEU C 55 -9.85 -12.17 23.07
C LEU C 55 -10.56 -11.47 21.91
N SER C 56 -9.79 -10.91 20.97
CA SER C 56 -10.41 -10.29 19.79
C SER C 56 -11.21 -11.31 18.98
N LYS C 57 -10.69 -12.53 18.86
CA LYS C 57 -11.39 -13.58 18.12
C LYS C 57 -12.63 -14.05 18.88
N VAL C 58 -12.54 -14.11 20.21
CA VAL C 58 -13.70 -14.41 21.04
C VAL C 58 -14.82 -13.39 20.76
N CYS C 59 -14.47 -12.12 20.69
CA CYS C 59 -15.48 -11.10 20.45
C CYS C 59 -16.13 -11.25 19.07
N MET C 60 -15.34 -11.60 18.06
CA MET C 60 -15.95 -11.93 16.78
C MET C 60 -16.86 -13.14 16.87
N TYR C 61 -16.47 -14.16 17.65
CA TYR C 61 -17.36 -15.29 17.85
C TYR C 61 -18.70 -14.85 18.43
N PHE C 62 -18.68 -13.94 19.43
CA PHE C 62 -19.95 -13.45 19.98
C PHE C 62 -20.83 -12.86 18.89
N THR C 63 -20.26 -12.01 18.03
CA THR C 63 -21.06 -11.40 16.95
C THR C 63 -21.66 -12.47 16.06
N TYR C 64 -20.80 -13.40 15.63
CA TYR C 64 -21.21 -14.50 14.75
C TYR C 64 -22.27 -15.37 15.40
N LYS C 65 -22.09 -15.69 16.69
CA LYS C 65 -23.05 -16.59 17.35
C LYS C 65 -24.42 -15.94 17.45
N VAL C 66 -24.46 -14.65 17.82
CA VAL C 66 -25.74 -13.96 17.90
C VAL C 66 -26.40 -13.87 16.53
N ARG C 67 -25.61 -13.52 15.51
CA ARG C 67 -26.17 -13.36 14.17
C ARG C 67 -26.70 -14.68 13.62
N TYR C 68 -26.02 -15.79 13.89
CA TYR C 68 -26.32 -17.07 13.23
C TYR C 68 -26.96 -18.09 14.16
N THR C 69 -27.57 -17.64 15.26
CA THR C 69 -28.47 -18.48 16.04
C THR C 69 -29.91 -18.14 15.67
N ASN C 70 -30.69 -19.18 15.39
CA ASN C 70 -32.10 -19.04 15.01
C ASN C 70 -32.27 -18.08 13.84
N SER C 71 -31.42 -18.26 12.82
CA SER C 71 -31.57 -17.53 11.58
C SER C 71 -31.92 -18.51 10.46
N SER C 72 -32.46 -17.96 9.38
CA SER C 72 -32.66 -18.73 8.16
C SER C 72 -31.50 -18.57 7.20
N THR C 73 -30.53 -17.74 7.54
CA THR C 73 -29.34 -17.53 6.72
C THR C 73 -28.42 -18.74 6.83
N GLU C 74 -27.87 -19.16 5.70
CA GLU C 74 -26.85 -20.21 5.70
C GLU C 74 -25.67 -19.79 6.57
N ILE C 75 -25.19 -20.71 7.39
CA ILE C 75 -24.19 -20.39 8.41
C ILE C 75 -22.81 -20.43 7.77
N PRO C 76 -22.06 -19.34 7.77
CA PRO C 76 -20.75 -19.32 7.12
C PRO C 76 -19.69 -19.90 8.03
N GLU C 77 -18.52 -20.15 7.45
CA GLU C 77 -17.40 -20.69 8.22
C GLU C 77 -16.86 -19.64 9.18
N PHE C 78 -16.46 -20.09 10.36
CA PHE C 78 -15.86 -19.19 11.34
C PHE C 78 -14.36 -19.41 11.31
N PRO C 79 -13.58 -18.42 10.86
CA PRO C 79 -12.15 -18.67 10.59
C PRO C 79 -11.34 -18.67 11.87
N ILE C 80 -10.53 -19.72 12.06
CA ILE C 80 -9.63 -19.80 13.21
C ILE C 80 -8.25 -20.21 12.72
N ALA C 81 -7.28 -19.33 12.90
CA ALA C 81 -5.90 -19.66 12.51
C ALA C 81 -5.33 -20.75 13.40
N PRO C 82 -4.65 -21.74 12.83
CA PRO C 82 -4.04 -22.80 13.67
C PRO C 82 -3.23 -22.26 14.84
N GLU C 83 -2.50 -21.16 14.63
CA GLU C 83 -1.65 -20.56 15.65
C GLU C 83 -2.39 -20.01 16.87
N ILE C 84 -3.69 -19.74 16.78
CA ILE C 84 -4.44 -19.27 17.95
C ILE C 84 -5.35 -20.35 18.54
N ALA C 85 -5.44 -21.52 17.90
CA ALA C 85 -6.53 -22.47 18.19
C ALA C 85 -6.43 -23.07 19.59
N LEU C 86 -5.22 -23.37 20.04
CA LEU C 86 -5.06 -23.97 21.37
C LEU C 86 -5.44 -22.97 22.48
N GLU C 87 -4.92 -21.75 22.41
CA GLU C 87 -5.30 -20.77 23.42
C GLU C 87 -6.77 -20.40 23.29
N LEU C 88 -7.29 -20.37 22.07
CA LEU C 88 -8.70 -20.04 21.90
C LEU C 88 -9.59 -21.14 22.46
N LEU C 89 -9.16 -22.40 22.34
CA LEU C 89 -9.90 -23.49 22.97
C LEU C 89 -9.94 -23.30 24.47
N MET C 90 -8.80 -22.98 25.08
CA MET C 90 -8.79 -22.78 26.52
C MET C 90 -9.65 -21.58 26.91
N ALA C 91 -9.58 -20.48 26.14
CA ALA C 91 -10.43 -19.33 26.42
C ALA C 91 -11.90 -19.71 26.33
N ALA C 92 -12.28 -20.41 25.25
CA ALA C 92 -13.68 -20.76 25.04
C ALA C 92 -14.20 -21.66 26.15
N ASN C 93 -13.36 -22.60 26.60
CA ASN C 93 -13.74 -23.45 27.72
C ASN C 93 -13.92 -22.64 29.00
N PHE C 94 -12.93 -21.79 29.32
CA PHE C 94 -13.08 -20.95 30.49
C PHE C 94 -14.33 -20.07 30.40
N LEU C 95 -14.64 -19.57 29.20
CA LEU C 95 -15.77 -18.67 29.00
C LEU C 95 -17.10 -19.40 28.83
N ASP C 96 -17.08 -20.72 28.70
CA ASP C 96 -18.30 -21.50 28.48
C ASP C 96 -19.07 -20.99 27.25
N CYS C 97 -18.38 -20.99 26.10
CA CYS C 97 -19.06 -20.62 24.86
C CYS C 97 -18.54 -21.42 23.67
N SER D 1 22.98 -35.75 -48.19
CA SER D 1 21.73 -36.45 -48.50
C SER D 1 20.60 -35.64 -47.89
N MET D 2 19.37 -35.85 -48.35
CA MET D 2 18.35 -34.86 -47.98
C MET D 2 17.72 -35.12 -46.62
N GLN D 3 17.95 -36.28 -46.01
CA GLN D 3 17.44 -36.62 -44.69
C GLN D 3 15.95 -36.30 -44.56
N ALA D 4 15.17 -37.04 -45.33
CA ALA D 4 13.74 -36.74 -45.41
C ALA D 4 13.08 -36.83 -44.04
N ALA D 5 13.55 -37.72 -43.16
CA ALA D 5 12.88 -37.86 -41.87
C ALA D 5 13.10 -36.62 -41.02
N ARG D 6 14.30 -36.05 -41.07
CA ARG D 6 14.56 -34.79 -40.40
C ARG D 6 13.74 -33.67 -41.02
N LEU D 7 13.65 -33.64 -42.35
CA LEU D 7 12.86 -32.61 -43.01
C LEU D 7 11.39 -32.72 -42.63
N ALA D 8 10.87 -33.94 -42.58
CA ALA D 8 9.48 -34.14 -42.18
C ALA D 8 9.24 -33.63 -40.76
N LYS D 9 10.18 -33.91 -39.85
CA LYS D 9 10.01 -33.40 -38.49
C LYS D 9 10.07 -31.89 -38.46
N ALA D 10 10.99 -31.29 -39.22
CA ALA D 10 11.08 -29.83 -39.23
C ALA D 10 9.81 -29.19 -39.80
N LEU D 11 9.24 -29.80 -40.85
CA LEU D 11 8.01 -29.26 -41.42
C LEU D 11 6.83 -29.49 -40.49
N ARG D 12 6.83 -30.60 -39.76
CA ARG D 12 5.83 -30.80 -38.71
C ARG D 12 5.90 -29.70 -37.66
N GLU D 13 7.11 -29.39 -37.17
CA GLU D 13 7.27 -28.31 -36.21
C GLU D 13 6.77 -27.01 -36.80
N LEU D 14 7.17 -26.73 -38.05
CA LEU D 14 6.73 -25.51 -38.72
C LEU D 14 5.20 -25.45 -38.76
N GLY D 15 4.54 -26.58 -39.00
CA GLY D 15 3.09 -26.60 -39.00
C GLY D 15 2.50 -26.26 -37.64
N GLN D 16 3.22 -26.58 -36.57
CA GLN D 16 2.73 -26.29 -35.23
C GLN D 16 2.89 -24.82 -34.83
N THR D 17 3.71 -24.03 -35.54
CA THR D 17 3.96 -22.66 -35.10
C THR D 17 2.71 -21.79 -35.15
N GLY D 18 1.83 -22.00 -36.13
CA GLY D 18 0.77 -21.04 -36.38
C GLY D 18 1.22 -19.84 -37.21
N TRP D 19 2.49 -19.79 -37.60
CA TRP D 19 2.94 -18.66 -38.42
C TRP D 19 3.66 -19.12 -39.68
N TYR D 20 3.39 -20.34 -40.14
CA TYR D 20 3.83 -20.80 -41.45
C TYR D 20 2.66 -20.61 -42.42
N TRP D 21 2.86 -19.80 -43.46
CA TRP D 21 1.78 -19.42 -44.36
C TRP D 21 1.76 -20.22 -45.66
N GLY D 22 2.55 -21.29 -45.75
CA GLY D 22 2.46 -22.16 -46.92
C GLY D 22 2.80 -21.43 -48.20
N SER D 23 1.99 -21.68 -49.23
CA SER D 23 2.30 -21.18 -50.56
C SER D 23 1.83 -19.74 -50.77
N MET D 24 2.16 -18.88 -49.82
CA MET D 24 1.91 -17.45 -49.93
C MET D 24 3.01 -16.80 -50.76
N THR D 25 2.62 -15.91 -51.68
CA THR D 25 3.60 -15.24 -52.52
C THR D 25 4.29 -14.08 -51.80
N VAL D 26 5.37 -13.59 -52.40
CA VAL D 26 6.08 -12.45 -51.84
C VAL D 26 5.18 -11.23 -51.76
N ASN D 27 4.34 -11.00 -52.79
CA ASN D 27 3.47 -9.83 -52.71
C ASN D 27 2.32 -10.03 -51.72
N GLU D 28 1.83 -11.25 -51.55
CA GLU D 28 0.84 -11.48 -50.50
C GLU D 28 1.44 -11.21 -49.11
N ALA D 29 2.67 -11.65 -48.88
CA ALA D 29 3.31 -11.41 -47.59
C ALA D 29 3.57 -9.93 -47.37
N LYS D 30 3.97 -9.22 -48.43
CA LYS D 30 4.17 -7.77 -48.32
C LYS D 30 2.89 -7.07 -47.87
N GLU D 31 1.75 -7.41 -48.48
CA GLU D 31 0.47 -6.81 -48.07
C GLU D 31 0.11 -7.15 -46.64
N LYS D 32 0.39 -8.38 -46.18
CA LYS D 32 0.05 -8.76 -44.82
C LYS D 32 0.94 -8.06 -43.79
N LEU D 33 2.17 -7.72 -44.16
CA LEU D 33 3.13 -7.17 -43.21
C LEU D 33 3.26 -5.66 -43.28
N LYS D 34 2.67 -5.01 -44.28
CA LYS D 34 2.98 -3.61 -44.59
C LYS D 34 2.72 -2.68 -43.40
N GLU D 35 1.65 -2.92 -42.64
CA GLU D 35 1.29 -2.08 -41.50
C GLU D 35 1.72 -2.64 -40.16
N ALA D 36 2.45 -3.75 -40.16
CA ALA D 36 2.76 -4.43 -38.92
C ALA D 36 3.92 -3.73 -38.20
N PRO D 37 4.07 -3.95 -36.89
CA PRO D 37 5.25 -3.41 -36.19
C PRO D 37 6.54 -3.95 -36.75
N GLU D 38 7.60 -3.16 -36.61
CA GLU D 38 8.95 -3.56 -37.02
C GLU D 38 9.35 -4.88 -36.38
N GLY D 39 9.89 -5.81 -37.18
CA GLY D 39 10.29 -7.09 -36.68
C GLY D 39 9.23 -8.18 -36.78
N THR D 40 7.98 -7.82 -37.07
CA THR D 40 6.93 -8.81 -37.29
C THR D 40 7.29 -9.67 -38.49
N PHE D 41 7.20 -10.99 -38.33
CA PHE D 41 7.74 -11.90 -39.33
C PHE D 41 6.78 -13.06 -39.56
N LEU D 42 6.95 -13.71 -40.70
CA LEU D 42 6.27 -14.97 -41.00
C LEU D 42 7.20 -15.82 -41.84
N ILE D 43 6.89 -17.11 -41.95
CA ILE D 43 7.59 -17.98 -42.88
C ILE D 43 6.59 -18.50 -43.91
N ARG D 44 7.06 -18.62 -45.14
CA ARG D 44 6.25 -19.09 -46.26
C ARG D 44 7.15 -19.87 -47.22
N ASP D 45 6.53 -20.49 -48.22
CA ASP D 45 7.32 -21.14 -49.26
C ASP D 45 8.06 -20.10 -50.11
N SER D 46 9.25 -20.47 -50.58
CA SER D 46 10.01 -19.61 -51.49
C SER D 46 9.56 -19.84 -52.92
N SER D 47 9.56 -18.76 -53.71
CA SER D 47 9.35 -18.91 -55.13
C SER D 47 10.53 -19.55 -55.84
N HIS D 48 11.68 -19.66 -55.19
CA HIS D 48 12.92 -20.06 -55.86
C HIS D 48 13.21 -21.54 -55.63
N SER D 49 13.50 -22.27 -56.73
CA SER D 49 13.70 -23.71 -56.67
C SER D 49 14.91 -24.10 -55.83
N ASP D 50 15.88 -23.21 -55.69
CA ASP D 50 17.08 -23.50 -54.91
C ASP D 50 16.83 -23.39 -53.40
N TYR D 51 15.65 -22.97 -52.98
CA TYR D 51 15.40 -22.67 -51.59
C TYR D 51 14.07 -23.27 -51.15
N LEU D 52 14.01 -23.65 -49.87
CA LEU D 52 12.81 -24.30 -49.35
C LEU D 52 11.79 -23.29 -48.84
N LEU D 53 12.26 -22.29 -48.10
CA LEU D 53 11.39 -21.40 -47.36
C LEU D 53 11.94 -19.99 -47.45
N THR D 54 11.07 -19.03 -47.14
CA THR D 54 11.46 -17.63 -47.07
C THR D 54 10.88 -16.99 -45.82
N ILE D 55 11.72 -16.22 -45.14
CA ILE D 55 11.26 -15.34 -44.07
C ILE D 55 10.80 -14.03 -44.68
N SER D 56 9.59 -13.60 -44.34
CA SER D 56 9.14 -12.25 -44.67
C SER D 56 9.03 -11.47 -43.36
N VAL D 57 9.56 -10.25 -43.35
CA VAL D 57 9.66 -9.50 -42.09
C VAL D 57 9.51 -8.02 -42.36
N LYS D 58 8.79 -7.35 -41.48
CA LYS D 58 8.66 -5.91 -41.54
C LYS D 58 9.94 -5.24 -41.06
N THR D 59 10.50 -4.35 -41.89
CA THR D 59 11.57 -3.46 -41.48
C THR D 59 11.03 -2.04 -41.37
N SER D 60 11.88 -1.15 -40.86
CA SER D 60 11.48 0.26 -40.81
C SER D 60 11.28 0.85 -42.20
N ALA D 61 11.76 0.17 -43.24
CA ALA D 61 11.60 0.61 -44.62
C ALA D 61 10.60 -0.25 -45.39
N GLY D 62 9.75 -0.98 -44.69
CA GLY D 62 8.79 -1.83 -45.36
C GLY D 62 9.19 -3.29 -45.27
N PRO D 63 8.34 -4.17 -45.80
CA PRO D 63 8.64 -5.61 -45.73
C PRO D 63 9.88 -5.97 -46.52
N THR D 64 10.62 -6.94 -46.00
CA THR D 64 11.71 -7.53 -46.78
C THR D 64 11.60 -9.04 -46.65
N ASN D 65 12.45 -9.74 -47.40
CA ASN D 65 12.38 -11.18 -47.49
C ASN D 65 13.79 -11.76 -47.47
N LEU D 66 13.94 -12.92 -46.83
CA LEU D 66 15.25 -13.60 -46.77
C LEU D 66 15.01 -15.11 -46.86
N ARG D 67 15.65 -15.75 -47.84
CA ARG D 67 15.44 -17.17 -48.08
C ARG D 67 16.20 -18.02 -47.08
N ILE D 68 15.71 -19.26 -46.91
CA ILE D 68 16.32 -20.27 -46.06
C ILE D 68 16.73 -21.46 -46.93
N GLU D 69 17.98 -21.87 -46.82
CA GLU D 69 18.48 -23.05 -47.52
C GLU D 69 18.26 -24.29 -46.67
N TYR D 70 18.06 -25.42 -47.34
CA TYR D 70 18.08 -26.72 -46.69
C TYR D 70 19.01 -27.59 -47.52
N GLN D 71 20.12 -28.01 -46.93
CA GLN D 71 21.10 -28.82 -47.64
C GLN D 71 21.76 -29.76 -46.64
N ASP D 72 21.85 -31.04 -47.01
CA ASP D 72 22.47 -32.09 -46.20
C ASP D 72 21.96 -32.07 -44.76
N GLY D 73 20.65 -31.96 -44.62
CA GLY D 73 20.02 -32.06 -43.31
C GLY D 73 20.12 -30.81 -42.45
N LYS D 74 20.58 -29.69 -43.00
CA LYS D 74 20.76 -28.47 -42.22
C LYS D 74 20.06 -27.29 -42.87
N PHE D 75 19.43 -26.48 -42.03
CA PHE D 75 18.85 -25.20 -42.43
C PHE D 75 19.82 -24.09 -42.12
N ARG D 76 19.89 -23.10 -43.01
CA ARG D 76 20.61 -21.87 -42.70
C ARG D 76 20.08 -20.77 -43.59
N LEU D 77 20.33 -19.53 -43.17
CA LEU D 77 19.95 -18.36 -43.96
C LEU D 77 20.69 -18.38 -45.30
N ASP D 78 20.07 -17.74 -46.30
CA ASP D 78 20.62 -17.59 -47.65
C ASP D 78 22.10 -17.22 -47.66
N SER D 79 22.98 -18.12 -48.12
CA SER D 79 24.42 -17.85 -48.14
C SER D 79 24.78 -16.72 -49.10
N ILE D 80 23.94 -16.46 -50.08
CA ILE D 80 24.23 -15.51 -51.15
C ILE D 80 23.79 -14.12 -50.73
N ILE D 81 22.50 -13.96 -50.47
CA ILE D 81 21.95 -12.65 -50.09
C ILE D 81 22.50 -12.21 -48.74
N CYS D 82 22.41 -13.08 -47.74
CA CYS D 82 23.06 -12.92 -46.45
C CYS D 82 24.55 -13.16 -46.57
N VAL D 83 25.32 -12.09 -46.71
CA VAL D 83 26.76 -12.17 -46.93
C VAL D 83 27.48 -12.54 -45.63
N LYS D 84 27.08 -13.67 -45.04
CA LYS D 84 27.61 -14.18 -43.77
C LYS D 84 27.96 -13.09 -42.76
N LYS D 86 30.14 -17.84 -41.74
CA LYS D 86 29.74 -17.26 -40.47
C LYS D 86 28.28 -17.56 -40.08
N LEU D 87 27.57 -18.33 -40.90
CA LEU D 87 26.14 -18.56 -40.71
C LEU D 87 25.91 -19.87 -39.96
N LYS D 88 25.17 -19.80 -38.85
CA LYS D 88 24.91 -20.99 -38.06
C LYS D 88 23.97 -21.92 -38.83
N GLN D 89 24.14 -23.22 -38.62
CA GLN D 89 23.31 -24.23 -39.26
C GLN D 89 22.42 -24.91 -38.22
N PHE D 90 21.19 -25.25 -38.62
CA PHE D 90 20.21 -25.78 -37.69
C PHE D 90 19.57 -27.04 -38.25
N ASP D 91 19.22 -27.96 -37.34
CA ASP D 91 18.44 -29.15 -37.72
C ASP D 91 16.96 -28.85 -37.84
N SER D 92 16.52 -27.69 -37.39
CA SER D 92 15.11 -27.32 -37.31
C SER D 92 14.95 -25.90 -37.80
N VAL D 93 13.93 -25.65 -38.62
CA VAL D 93 13.77 -24.28 -39.08
C VAL D 93 13.15 -23.40 -37.99
N VAL D 94 12.28 -23.97 -37.14
CA VAL D 94 11.78 -23.17 -36.02
C VAL D 94 12.93 -22.83 -35.06
N HIS D 95 13.88 -23.75 -34.88
CA HIS D 95 15.06 -23.44 -34.08
C HIS D 95 15.85 -22.29 -34.69
N LEU D 96 16.04 -22.32 -36.01
CA LEU D 96 16.69 -21.22 -36.72
C LEU D 96 16.03 -19.89 -36.37
N ILE D 97 14.70 -19.84 -36.53
CA ILE D 97 13.96 -18.61 -36.26
C ILE D 97 14.11 -18.21 -34.80
N ASP D 98 13.90 -19.17 -33.89
CA ASP D 98 14.01 -18.91 -32.46
C ASP D 98 15.37 -18.32 -32.11
N TYR D 99 16.43 -18.86 -32.71
CA TYR D 99 17.77 -18.37 -32.43
C TYR D 99 17.92 -16.90 -32.81
N TYR D 100 17.47 -16.52 -34.01
CA TYR D 100 17.61 -15.13 -34.40
C TYR D 100 16.67 -14.21 -33.62
N VAL D 101 15.48 -14.69 -33.24
CA VAL D 101 14.62 -13.87 -32.37
C VAL D 101 15.34 -13.57 -31.05
N GLN D 102 15.95 -14.58 -30.45
CA GLN D 102 16.59 -14.39 -29.15
C GLN D 102 17.83 -13.50 -29.26
N MET D 103 18.53 -13.56 -30.39
CA MET D 103 19.67 -12.68 -30.60
C MET D 103 19.24 -11.23 -30.70
N CYS D 104 18.11 -10.96 -31.35
CA CYS D 104 17.62 -9.59 -31.46
C CYS D 104 17.13 -9.04 -30.13
N LYS D 105 16.55 -9.90 -29.28
CA LYS D 105 16.16 -9.45 -27.96
C LYS D 105 17.38 -9.04 -27.14
N ASP D 106 18.43 -9.86 -27.17
CA ASP D 106 19.67 -9.55 -26.47
C ASP D 106 20.36 -8.33 -27.08
N VAL D 119 22.22 -12.10 -39.45
CA VAL D 119 22.94 -10.84 -39.26
C VAL D 119 22.19 -9.71 -39.99
N HIS D 120 21.93 -8.59 -39.31
CA HIS D 120 21.07 -7.51 -39.81
C HIS D 120 19.61 -7.95 -39.84
N LEU D 121 19.36 -9.24 -39.65
CA LEU D 121 18.00 -9.74 -39.58
C LEU D 121 17.41 -9.35 -38.23
N TYR D 122 16.29 -8.61 -38.25
CA TYR D 122 15.65 -8.13 -37.02
C TYR D 122 14.27 -8.78 -36.92
N LEU D 123 14.16 -9.79 -36.05
CA LEU D 123 12.91 -10.50 -35.83
C LEU D 123 12.44 -10.30 -34.40
N THR D 124 11.15 -10.03 -34.24
CA THR D 124 10.55 -9.88 -32.91
C THR D 124 9.39 -10.84 -32.75
N LYS D 125 8.25 -10.60 -33.39
CA LYS D 125 7.05 -11.38 -33.11
C LYS D 125 6.45 -11.92 -34.40
N PRO D 126 5.88 -13.11 -34.35
CA PRO D 126 5.34 -13.71 -35.57
C PRO D 126 3.94 -13.21 -35.90
N LEU D 127 3.63 -13.26 -37.19
CA LEU D 127 2.30 -12.98 -37.71
C LEU D 127 1.54 -14.31 -37.81
N TYR D 128 0.60 -14.54 -36.91
CA TYR D 128 -0.12 -15.80 -36.88
C TYR D 128 -1.14 -15.88 -38.01
N THR D 129 -1.22 -17.07 -38.64
CA THR D 129 -2.32 -17.36 -39.56
C THR D 129 -3.63 -17.56 -38.81
N SER D 130 -3.57 -18.03 -37.56
CA SER D 130 -4.76 -18.34 -36.78
C SER D 130 -4.34 -18.45 -35.32
N ALA D 131 -5.33 -18.36 -34.43
CA ALA D 131 -5.03 -18.41 -32.99
C ALA D 131 -4.55 -19.82 -32.61
N PRO D 132 -3.39 -19.96 -31.99
CA PRO D 132 -2.95 -21.29 -31.53
C PRO D 132 -3.80 -21.77 -30.37
N SER D 133 -3.72 -23.08 -30.11
CA SER D 133 -4.36 -23.65 -28.93
C SER D 133 -3.84 -22.98 -27.66
N LEU D 134 -4.68 -22.99 -26.62
CA LEU D 134 -4.25 -22.47 -25.33
C LEU D 134 -3.09 -23.27 -24.76
N GLN D 135 -3.11 -24.61 -24.93
CA GLN D 135 -1.98 -25.42 -24.48
C GLN D 135 -0.68 -24.95 -25.14
N HIS D 136 -0.72 -24.66 -26.43
CA HIS D 136 0.48 -24.24 -27.13
C HIS D 136 0.96 -22.88 -26.61
N LEU D 137 0.02 -21.95 -26.41
CA LEU D 137 0.37 -20.64 -25.88
C LEU D 137 0.98 -20.76 -24.48
N CYS D 138 0.44 -21.63 -23.64
CA CYS D 138 1.07 -21.87 -22.34
C CYS D 138 2.48 -22.44 -22.51
N ARG D 139 2.65 -23.38 -23.45
CA ARG D 139 3.98 -23.95 -23.71
C ARG D 139 4.97 -22.86 -24.10
N LEU D 140 4.55 -21.96 -25.00
CA LEU D 140 5.41 -20.85 -25.38
C LEU D 140 5.83 -20.03 -24.15
N THR D 141 4.87 -19.70 -23.29
CA THR D 141 5.18 -18.89 -22.12
C THR D 141 6.14 -19.62 -21.19
N ILE D 142 5.92 -20.92 -20.98
CA ILE D 142 6.80 -21.70 -20.11
C ILE D 142 8.20 -21.73 -20.71
N ASN D 143 8.29 -21.94 -22.02
CA ASN D 143 9.58 -21.98 -22.71
C ASN D 143 10.32 -20.67 -22.58
N LYS D 144 9.61 -19.55 -22.52
CA LYS D 144 10.27 -18.27 -22.30
C LYS D 144 10.80 -18.14 -20.89
N CYS D 145 10.30 -18.95 -19.95
CA CYS D 145 10.76 -18.87 -18.56
C CYS D 145 11.85 -19.88 -18.24
N THR D 146 11.86 -21.04 -18.89
CA THR D 146 12.82 -22.06 -18.51
C THR D 146 13.00 -23.04 -19.66
N GLY D 147 14.14 -23.72 -19.65
CA GLY D 147 14.35 -24.88 -20.48
C GLY D 147 14.35 -26.17 -19.67
N ALA D 148 14.23 -26.05 -18.34
CA ALA D 148 14.34 -27.21 -17.44
C ALA D 148 12.96 -27.84 -17.22
N ILE D 149 12.42 -28.39 -18.31
CA ILE D 149 11.11 -29.04 -18.30
C ILE D 149 11.00 -30.03 -17.15
N TRP D 150 11.95 -30.95 -17.04
N TRP D 150 11.96 -30.96 -17.07
CA TRP D 150 11.74 -32.00 -16.06
CA TRP D 150 11.98 -32.01 -16.07
C TRP D 150 11.99 -31.55 -14.62
C TRP D 150 11.79 -31.47 -14.65
N GLY D 151 12.27 -30.26 -14.40
CA GLY D 151 12.22 -29.66 -13.09
C GLY D 151 10.89 -29.01 -12.74
N LEU D 152 9.93 -29.08 -13.65
CA LEU D 152 8.66 -28.39 -13.46
C LEU D 152 7.69 -29.28 -12.69
N PRO D 153 6.87 -28.71 -11.81
CA PRO D 153 5.87 -29.52 -11.09
C PRO D 153 4.67 -29.83 -11.98
N LEU D 154 4.86 -30.82 -12.86
CA LEU D 154 3.90 -31.17 -13.88
C LEU D 154 3.88 -32.69 -14.04
N PRO D 155 2.74 -33.26 -14.44
CA PRO D 155 2.74 -34.67 -14.84
C PRO D 155 3.66 -34.90 -16.02
N THR D 156 4.20 -36.13 -16.12
CA THR D 156 5.15 -36.40 -17.18
C THR D 156 4.49 -36.33 -18.56
N ARG D 157 3.18 -36.59 -18.64
CA ARG D 157 2.47 -36.40 -19.89
C ARG D 157 2.61 -34.97 -20.40
N LEU D 158 2.54 -33.99 -19.50
CA LEU D 158 2.70 -32.59 -19.90
C LEU D 158 4.16 -32.20 -20.11
N LYS D 159 5.08 -32.82 -19.36
CA LYS D 159 6.50 -32.60 -19.68
C LYS D 159 6.81 -33.12 -21.07
N ASP D 160 6.24 -34.26 -21.45
CA ASP D 160 6.42 -34.76 -22.81
C ASP D 160 5.85 -33.79 -23.83
N TYR D 161 4.70 -33.19 -23.51
CA TYR D 161 4.10 -32.22 -24.41
C TYR D 161 5.01 -31.01 -24.58
N LEU D 162 5.59 -30.53 -23.47
CA LEU D 162 6.55 -29.44 -23.55
C LEU D 162 7.77 -29.82 -24.40
N GLU D 163 8.21 -31.09 -24.31
CA GLU D 163 9.41 -31.50 -25.04
C GLU D 163 9.21 -31.52 -26.55
N GLU D 164 7.96 -31.60 -27.03
CA GLU D 164 7.69 -31.62 -28.45
C GLU D 164 7.91 -30.28 -29.13
N TYR D 165 8.05 -29.19 -28.36
CA TYR D 165 8.18 -27.86 -28.94
C TYR D 165 8.84 -26.97 -27.89
N LYS D 166 10.17 -26.92 -27.92
CA LYS D 166 10.93 -26.19 -26.90
C LYS D 166 11.14 -24.72 -27.24
N PHE D 167 10.61 -24.26 -28.36
CA PHE D 167 10.93 -22.91 -28.84
C PHE D 167 10.13 -21.84 -28.12
N GLN D 168 10.72 -20.64 -28.06
CA GLN D 168 10.09 -19.49 -27.41
C GLN D 168 9.23 -18.67 -28.37
N VAL D 169 9.14 -19.09 -29.62
CA VAL D 169 8.23 -18.42 -30.54
C VAL D 169 7.48 -19.50 -31.32
N MET E 1 -15.03 -1.51 -33.00
CA MET E 1 -16.44 -1.19 -32.74
C MET E 1 -16.99 -2.07 -31.63
N ASP E 2 -16.64 -3.35 -31.64
CA ASP E 2 -17.01 -4.25 -30.56
C ASP E 2 -16.10 -4.04 -29.36
N VAL E 3 -16.69 -4.00 -28.16
CA VAL E 3 -15.93 -3.93 -26.91
C VAL E 3 -16.22 -5.21 -26.14
N PHE E 4 -15.20 -5.72 -25.46
CA PHE E 4 -15.28 -7.00 -24.76
C PHE E 4 -15.13 -6.74 -23.27
N LEU E 5 -16.08 -7.28 -22.49
CA LEU E 5 -16.28 -6.88 -21.11
C LEU E 5 -16.34 -8.08 -20.19
N MET E 6 -15.98 -7.85 -18.92
CA MET E 6 -16.35 -8.71 -17.81
C MET E 6 -17.21 -7.89 -16.86
N ILE E 7 -18.46 -8.30 -16.70
CA ILE E 7 -19.38 -7.66 -15.77
C ILE E 7 -19.31 -8.44 -14.46
N ARG E 8 -18.92 -7.78 -13.39
CA ARG E 8 -18.55 -8.51 -12.17
C ARG E 8 -19.34 -8.00 -10.96
N ARG E 9 -19.83 -8.96 -10.19
CA ARG E 9 -20.50 -8.69 -8.92
C ARG E 9 -20.23 -9.86 -8.00
N HIS E 10 -19.76 -9.56 -6.79
CA HIS E 10 -19.46 -10.59 -5.80
C HIS E 10 -18.55 -11.64 -6.43
N LYS E 11 -19.03 -12.88 -6.54
CA LYS E 11 -18.24 -13.94 -7.17
C LYS E 11 -18.82 -14.34 -8.52
N THR E 12 -19.54 -13.42 -9.16
CA THR E 12 -20.10 -13.63 -10.50
C THR E 12 -19.32 -12.80 -11.50
N THR E 13 -18.95 -13.41 -12.63
CA THR E 13 -18.32 -12.68 -13.73
C THR E 13 -19.00 -13.08 -15.03
N ILE E 14 -19.62 -12.12 -15.71
CA ILE E 14 -20.19 -12.35 -17.04
C ILE E 14 -19.19 -11.88 -18.09
N PHE E 15 -18.80 -12.78 -18.99
CA PHE E 15 -18.06 -12.39 -20.19
C PHE E 15 -19.07 -12.11 -21.30
N THR E 16 -19.08 -10.88 -21.79
CA THR E 16 -19.96 -10.53 -22.89
C THR E 16 -19.31 -9.40 -23.69
N ASP E 17 -19.90 -9.12 -24.85
CA ASP E 17 -19.39 -8.07 -25.70
C ASP E 17 -20.56 -7.26 -26.23
N ALA E 18 -20.26 -6.03 -26.64
CA ALA E 18 -21.29 -5.13 -27.14
C ALA E 18 -20.62 -4.12 -28.05
N LYS E 19 -21.43 -3.36 -28.77
CA LYS E 19 -20.87 -2.33 -29.62
C LYS E 19 -20.43 -1.15 -28.77
N GLU E 20 -19.31 -0.53 -29.16
CA GLU E 20 -18.88 0.70 -28.51
C GLU E 20 -19.95 1.77 -28.56
N SER E 21 -20.82 1.72 -29.58
CA SER E 21 -21.90 2.69 -29.74
C SER E 21 -23.16 2.34 -28.95
N SER E 22 -23.27 1.13 -28.42
CA SER E 22 -24.42 0.76 -27.62
C SER E 22 -24.37 1.46 -26.25
N THR E 23 -25.52 1.50 -25.58
CA THR E 23 -25.65 2.31 -24.37
C THR E 23 -25.56 1.45 -23.12
N VAL E 24 -25.32 2.14 -21.99
CA VAL E 24 -25.28 1.48 -20.70
C VAL E 24 -26.58 0.75 -20.43
N PHE E 25 -27.71 1.37 -20.78
CA PHE E 25 -28.99 0.72 -20.57
C PHE E 25 -29.10 -0.57 -21.34
N GLU E 26 -28.63 -0.58 -22.60
CA GLU E 26 -28.62 -1.81 -23.38
C GLU E 26 -27.77 -2.87 -22.71
N LEU E 27 -26.67 -2.47 -22.09
CA LEU E 27 -25.84 -3.44 -21.37
C LEU E 27 -26.60 -4.00 -20.17
N LYS E 28 -27.36 -3.15 -19.46
CA LYS E 28 -28.20 -3.68 -18.39
C LYS E 28 -29.23 -4.67 -18.91
N ARG E 29 -29.72 -4.46 -20.15
CA ARG E 29 -30.67 -5.41 -20.71
C ARG E 29 -30.03 -6.77 -20.92
N ILE E 30 -28.75 -6.79 -21.31
CA ILE E 30 -28.02 -8.06 -21.44
C ILE E 30 -27.89 -8.72 -20.08
N VAL E 31 -27.55 -7.95 -19.06
CA VAL E 31 -27.48 -8.48 -17.70
C VAL E 31 -28.83 -9.03 -17.26
N GLU E 32 -29.91 -8.33 -17.61
CA GLU E 32 -31.24 -8.79 -17.22
C GLU E 32 -31.54 -10.16 -17.81
N GLY E 33 -31.15 -10.39 -19.06
CA GLY E 33 -31.39 -11.67 -19.70
C GLY E 33 -30.66 -12.81 -19.02
N ILE E 34 -29.53 -12.51 -18.38
CA ILE E 34 -28.69 -13.54 -17.76
C ILE E 34 -29.02 -13.73 -16.29
N LEU E 35 -29.08 -12.66 -15.52
CA LEU E 35 -29.24 -12.73 -14.07
C LEU E 35 -30.65 -12.42 -13.59
N LYS E 36 -31.57 -12.07 -14.49
CA LYS E 36 -33.01 -12.01 -14.18
C LYS E 36 -33.34 -10.89 -13.19
N ARG E 37 -32.63 -9.77 -13.30
CA ARG E 37 -32.94 -8.55 -12.57
C ARG E 37 -33.12 -7.41 -13.56
N PRO E 38 -34.16 -6.60 -13.43
CA PRO E 38 -34.44 -5.58 -14.45
C PRO E 38 -33.39 -4.50 -14.41
N PRO E 39 -33.24 -3.72 -15.49
CA PRO E 39 -32.25 -2.63 -15.46
C PRO E 39 -32.41 -1.65 -14.30
N ASP E 40 -33.64 -1.34 -13.89
CA ASP E 40 -33.80 -0.40 -12.79
C ASP E 40 -33.32 -0.96 -11.45
N GLU E 41 -33.04 -2.26 -11.38
CA GLU E 41 -32.42 -2.82 -10.18
C GLU E 41 -30.92 -3.03 -10.34
N GLN E 42 -30.31 -2.38 -11.33
CA GLN E 42 -28.88 -2.51 -11.58
C GLN E 42 -28.20 -1.15 -11.57
N ARG E 43 -26.99 -1.11 -11.00
CA ARG E 43 -26.06 -0.01 -11.21
C ARG E 43 -24.81 -0.60 -11.86
N LEU E 44 -24.32 0.04 -12.92
CA LEU E 44 -23.06 -0.36 -13.55
C LEU E 44 -21.99 0.69 -13.27
N TYR E 45 -20.74 0.23 -13.13
CA TYR E 45 -19.62 1.09 -12.75
C TYR E 45 -18.44 0.84 -13.66
N LYS E 46 -17.72 1.90 -14.00
CA LYS E 46 -16.35 1.75 -14.49
C LYS E 46 -15.47 2.25 -13.36
N ASP E 47 -14.73 1.32 -12.74
CA ASP E 47 -13.99 1.58 -11.51
C ASP E 47 -15.04 1.98 -10.47
N ASP E 48 -14.85 3.09 -9.74
CA ASP E 48 -15.84 3.55 -8.78
C ASP E 48 -16.82 4.55 -9.37
N GLN E 49 -16.81 4.75 -10.68
CA GLN E 49 -17.63 5.78 -11.32
C GLN E 49 -18.93 5.14 -11.83
N LEU E 50 -20.05 5.65 -11.34
CA LEU E 50 -21.37 5.13 -11.71
C LEU E 50 -21.72 5.56 -13.13
N LEU E 51 -22.20 4.63 -13.95
CA LEU E 51 -22.43 4.89 -15.36
C LEU E 51 -23.89 5.25 -15.64
N ASP E 52 -24.06 6.26 -16.50
CA ASP E 52 -25.38 6.77 -16.81
C ASP E 52 -26.04 5.95 -17.93
N ASP E 53 -27.32 5.66 -17.74
CA ASP E 53 -28.04 4.75 -18.64
C ASP E 53 -27.95 5.18 -20.10
N GLY E 54 -27.97 6.49 -20.35
CA GLY E 54 -28.04 7.01 -21.71
C GLY E 54 -26.73 7.19 -22.41
N LYS E 55 -25.62 7.01 -21.70
CA LYS E 55 -24.30 7.16 -22.28
C LYS E 55 -23.94 5.92 -23.11
N THR E 56 -23.14 6.12 -24.15
CA THR E 56 -22.66 4.94 -24.86
C THR E 56 -21.48 4.33 -24.10
N LEU E 57 -21.19 3.06 -24.42
CA LEU E 57 -20.03 2.41 -23.82
C LEU E 57 -18.75 3.13 -24.23
N GLY E 58 -18.67 3.60 -25.47
CA GLY E 58 -17.52 4.39 -25.89
C GLY E 58 -17.40 5.68 -25.09
N GLU E 59 -18.52 6.36 -24.84
CA GLU E 59 -18.48 7.55 -23.98
C GLU E 59 -17.95 7.23 -22.59
N CYS E 60 -18.21 6.02 -22.09
CA CYS E 60 -17.76 5.64 -20.75
C CYS E 60 -16.30 5.23 -20.71
N GLY E 61 -15.61 5.17 -21.84
CA GLY E 61 -14.22 4.78 -21.88
C GLY E 61 -13.95 3.36 -22.29
N PHE E 62 -14.98 2.61 -22.69
CA PHE E 62 -14.83 1.26 -23.23
C PHE E 62 -14.67 1.37 -24.75
N THR E 63 -13.44 1.22 -25.22
CA THR E 63 -13.11 1.30 -26.64
C THR E 63 -12.47 0.01 -27.11
N SER E 64 -12.34 -0.11 -28.43
CA SER E 64 -11.69 -1.27 -29.02
C SER E 64 -10.23 -1.38 -28.59
N GLN E 65 -9.65 -0.30 -28.07
CA GLN E 65 -8.31 -0.36 -27.52
C GLN E 65 -8.30 -0.74 -26.04
N THR E 66 -9.35 -0.40 -25.30
CA THR E 66 -9.36 -0.66 -23.86
C THR E 66 -10.11 -1.92 -23.46
N ALA E 67 -10.80 -2.58 -24.40
CA ALA E 67 -11.72 -3.67 -24.02
C ALA E 67 -11.63 -4.74 -25.11
N ARG E 68 -10.54 -5.51 -25.06
CA ARG E 68 -10.19 -6.45 -26.12
C ARG E 68 -10.57 -7.86 -25.72
N PRO E 69 -10.78 -8.76 -26.69
CA PRO E 69 -11.18 -10.14 -26.35
C PRO E 69 -10.25 -10.81 -25.35
N GLN E 70 -8.95 -10.65 -25.55
CA GLN E 70 -7.93 -11.24 -24.69
C GLN E 70 -7.63 -10.42 -23.44
N ALA E 71 -8.22 -9.23 -23.30
CA ALA E 71 -8.01 -8.39 -22.11
C ALA E 71 -9.26 -7.55 -21.92
N PRO E 72 -10.38 -8.17 -21.53
CA PRO E 72 -11.64 -7.44 -21.44
C PRO E 72 -11.63 -6.39 -20.33
N ALA E 73 -12.40 -5.34 -20.53
CA ALA E 73 -12.58 -4.30 -19.53
C ALA E 73 -13.57 -4.74 -18.45
N THR E 74 -13.33 -4.33 -17.21
CA THR E 74 -14.21 -4.73 -16.11
C THR E 74 -15.30 -3.67 -15.92
N VAL E 75 -16.55 -4.14 -15.84
CA VAL E 75 -17.70 -3.32 -15.47
C VAL E 75 -18.20 -3.86 -14.14
N GLY E 76 -18.27 -3.00 -13.12
CA GLY E 76 -18.83 -3.44 -11.85
C GLY E 76 -20.37 -3.37 -11.87
N LEU E 77 -20.98 -4.32 -11.18
CA LEU E 77 -22.43 -4.44 -11.14
C LEU E 77 -22.89 -4.51 -9.69
N ALA E 78 -23.85 -3.68 -9.33
CA ALA E 78 -24.50 -3.72 -8.02
C ALA E 78 -26.01 -3.86 -8.21
N PHE E 79 -26.66 -4.64 -7.34
CA PHE E 79 -28.09 -4.88 -7.42
C PHE E 79 -28.84 -4.12 -6.33
N ARG E 80 -30.11 -3.87 -6.61
CA ARG E 80 -31.05 -3.46 -5.57
C ARG E 80 -31.00 -4.40 -4.37
N ALA E 81 -31.00 -3.80 -3.18
CA ALA E 81 -31.25 -4.49 -1.92
C ALA E 81 -32.38 -3.75 -1.21
N ASP E 82 -33.57 -4.33 -1.19
CA ASP E 82 -34.74 -3.69 -0.60
C ASP E 82 -35.03 -2.33 -1.22
N ASP E 83 -34.82 -1.23 -0.48
CA ASP E 83 -35.18 0.08 -1.00
C ASP E 83 -33.96 0.92 -1.39
N THR E 84 -32.75 0.34 -1.37
CA THR E 84 -31.55 1.00 -1.85
C THR E 84 -30.76 0.00 -2.69
N PHE E 85 -29.66 0.46 -3.26
CA PHE E 85 -28.72 -0.43 -3.92
C PHE E 85 -27.69 -0.92 -2.92
N GLU E 86 -27.27 -2.16 -3.07
CA GLU E 86 -26.10 -2.62 -2.32
C GLU E 86 -24.87 -1.83 -2.75
N ALA E 87 -23.89 -1.73 -1.85
CA ALA E 87 -22.60 -1.16 -2.23
C ALA E 87 -21.90 -2.08 -3.21
N LEU E 88 -21.18 -1.49 -4.17
CA LEU E 88 -20.43 -2.28 -5.13
C LEU E 88 -19.43 -3.17 -4.40
N CYS E 89 -19.40 -4.45 -4.75
CA CYS E 89 -18.48 -5.37 -4.10
C CYS E 89 -18.14 -6.46 -5.09
N ILE E 90 -16.87 -6.52 -5.48
CA ILE E 90 -16.37 -7.52 -6.41
C ILE E 90 -15.31 -8.31 -5.67
N GLU E 91 -15.48 -9.61 -5.64
CA GLU E 91 -14.54 -10.47 -4.92
C GLU E 91 -13.33 -10.77 -5.81
N PRO E 92 -12.11 -10.59 -5.31
CA PRO E 92 -10.93 -10.87 -6.14
C PRO E 92 -10.87 -12.34 -6.50
N PHE E 93 -10.28 -12.60 -7.67
CA PHE E 93 -9.92 -13.96 -8.01
C PHE E 93 -8.82 -14.45 -7.07
N SER E 94 -8.59 -15.75 -7.08
CA SER E 94 -7.55 -16.37 -6.28
C SER E 94 -6.16 -15.90 -6.70
N SER E 95 -5.20 -16.11 -5.82
CA SER E 95 -3.82 -15.71 -6.11
C SER E 95 -3.04 -16.89 -6.65
N PRO E 96 -2.21 -16.70 -7.68
CA PRO E 96 -1.37 -17.79 -8.16
C PRO E 96 -0.34 -18.19 -7.12
N PRO E 97 0.21 -19.39 -7.20
CA PRO E 97 1.21 -19.84 -6.25
C PRO E 97 2.55 -19.20 -6.55
N GLU E 98 3.50 -19.47 -5.68
CA GLU E 98 4.88 -19.07 -5.90
C GLU E 98 5.38 -19.68 -7.21
N LEU E 99 6.12 -18.89 -7.97
CA LEU E 99 6.81 -19.45 -9.12
C LEU E 99 7.72 -20.59 -8.67
N PRO E 100 7.75 -21.71 -9.39
CA PRO E 100 8.78 -22.72 -9.13
C PRO E 100 10.17 -22.15 -9.33
N ASP E 101 11.15 -22.77 -8.67
CA ASP E 101 12.53 -22.30 -8.73
C ASP E 101 13.02 -22.22 -10.18
N VAL E 102 12.76 -23.26 -10.99
CA VAL E 102 13.30 -23.31 -12.33
C VAL E 102 12.76 -22.20 -13.23
N MET E 103 11.67 -21.53 -12.83
CA MET E 103 11.07 -20.51 -13.67
C MET E 103 11.41 -19.09 -13.25
N LYS E 104 12.28 -18.91 -12.26
CA LYS E 104 12.65 -17.59 -11.80
C LYS E 104 13.96 -17.13 -12.41
N MET F 2 -27.97 -20.06 -24.60
CA MET F 2 -27.21 -18.87 -24.97
C MET F 2 -25.93 -18.73 -24.13
N TYR F 3 -26.04 -18.77 -22.80
CA TYR F 3 -24.86 -18.72 -21.93
C TYR F 3 -24.75 -19.99 -21.10
N VAL F 4 -23.53 -20.28 -20.64
CA VAL F 4 -23.28 -21.37 -19.70
C VAL F 4 -22.56 -20.81 -18.48
N LYS F 5 -22.69 -21.49 -17.35
CA LYS F 5 -21.99 -21.12 -16.13
C LYS F 5 -20.88 -22.12 -15.85
N LEU F 6 -19.66 -21.61 -15.71
CA LEU F 6 -18.49 -22.41 -15.37
C LEU F 6 -18.02 -21.97 -13.98
N ILE F 7 -17.94 -22.93 -13.05
CA ILE F 7 -17.65 -22.61 -11.66
C ILE F 7 -16.26 -23.09 -11.30
N SER F 8 -15.44 -22.18 -10.76
CA SER F 8 -14.09 -22.54 -10.38
C SER F 8 -14.08 -23.29 -9.05
N SER F 9 -12.90 -23.79 -8.70
CA SER F 9 -12.75 -24.56 -7.47
C SER F 9 -12.96 -23.70 -6.24
N ASP F 10 -12.65 -22.41 -6.31
CA ASP F 10 -12.87 -21.52 -5.19
C ASP F 10 -14.23 -20.83 -5.26
N GLY F 11 -15.12 -21.27 -6.15
CA GLY F 11 -16.51 -20.86 -6.10
C GLY F 11 -16.86 -19.66 -6.95
N HIS F 12 -15.94 -19.19 -7.77
CA HIS F 12 -16.29 -18.13 -8.72
C HIS F 12 -17.11 -18.70 -9.86
N GLU F 13 -18.13 -17.94 -10.27
CA GLU F 13 -19.03 -18.33 -11.35
C GLU F 13 -18.71 -17.48 -12.56
N PHE F 14 -18.40 -18.14 -13.67
CA PHE F 14 -18.06 -17.50 -14.92
C PHE F 14 -19.17 -17.82 -15.90
N ILE F 15 -19.87 -16.78 -16.35
CA ILE F 15 -20.99 -16.93 -17.27
C ILE F 15 -20.48 -16.45 -18.63
N VAL F 16 -20.44 -17.38 -19.59
CA VAL F 16 -19.87 -17.09 -20.90
C VAL F 16 -20.83 -17.61 -21.96
N LYS F 17 -20.67 -17.08 -23.16
CA LYS F 17 -21.53 -17.53 -24.24
C LYS F 17 -21.29 -19.02 -24.49
N ARG F 18 -22.39 -19.77 -24.66
CA ARG F 18 -22.28 -21.20 -24.92
C ARG F 18 -21.39 -21.46 -26.14
N GLU F 19 -21.63 -20.73 -27.23
CA GLU F 19 -20.80 -20.87 -28.43
C GLU F 19 -19.31 -20.75 -28.11
N HIS F 20 -18.97 -19.84 -27.21
CA HIS F 20 -17.56 -19.63 -26.87
C HIS F 20 -17.03 -20.76 -26.00
N ALA F 21 -17.85 -21.25 -25.05
CA ALA F 21 -17.41 -22.35 -24.21
C ALA F 21 -17.13 -23.60 -25.02
N LEU F 22 -17.78 -23.73 -26.19
CA LEU F 22 -17.56 -24.89 -27.03
C LEU F 22 -16.16 -24.91 -27.65
N THR F 23 -15.37 -23.85 -27.45
CA THR F 23 -13.95 -23.88 -27.77
C THR F 23 -13.27 -25.06 -27.07
N SER F 24 -13.69 -25.36 -25.85
CA SER F 24 -13.21 -26.50 -25.10
C SER F 24 -13.88 -27.78 -25.61
N GLY F 25 -13.07 -28.72 -26.10
CA GLY F 25 -13.61 -30.03 -26.45
C GLY F 25 -14.22 -30.73 -25.26
N THR F 26 -13.64 -30.52 -24.08
CA THR F 26 -14.17 -31.14 -22.86
C THR F 26 -15.55 -30.59 -22.51
N ILE F 27 -15.70 -29.26 -22.49
CA ILE F 27 -17.02 -28.69 -22.24
C ILE F 27 -18.00 -29.05 -23.34
N LYS F 28 -17.54 -29.05 -24.60
CA LYS F 28 -18.40 -29.44 -25.72
C LYS F 28 -18.98 -30.83 -25.50
N ALA F 29 -18.15 -31.79 -25.05
CA ALA F 29 -18.66 -33.13 -24.78
C ALA F 29 -19.76 -33.11 -23.72
N MET F 30 -19.69 -32.17 -22.79
CA MET F 30 -20.67 -32.06 -21.72
C MET F 30 -21.93 -31.31 -22.20
N ASN F 43 -26.32 -26.60 -17.95
CA ASN F 43 -26.02 -25.18 -18.08
C ASN F 43 -24.89 -24.73 -17.15
N GLU F 44 -24.55 -25.57 -16.17
CA GLU F 44 -23.54 -25.26 -15.14
C GLU F 44 -22.52 -26.39 -15.04
N VAL F 45 -21.24 -26.03 -14.97
CA VAL F 45 -20.14 -26.99 -14.94
C VAL F 45 -19.22 -26.61 -13.79
N ASN F 46 -18.93 -27.56 -12.92
CA ASN F 46 -18.05 -27.34 -11.77
C ASN F 46 -16.66 -27.88 -12.11
N PHE F 47 -15.63 -27.09 -11.87
CA PHE F 47 -14.25 -27.51 -12.06
C PHE F 47 -13.57 -27.60 -10.68
N ARG F 48 -13.43 -28.82 -10.17
CA ARG F 48 -12.94 -28.97 -8.81
C ARG F 48 -11.48 -28.58 -8.64
N GLU F 49 -10.69 -28.61 -9.72
CA GLU F 49 -9.25 -28.40 -9.63
C GLU F 49 -8.77 -27.15 -10.37
N ILE F 50 -9.68 -26.31 -10.86
CA ILE F 50 -9.27 -25.12 -11.61
C ILE F 50 -9.68 -23.88 -10.84
N PRO F 51 -8.76 -23.12 -10.27
CA PRO F 51 -9.12 -21.93 -9.50
C PRO F 51 -9.48 -20.75 -10.39
N SER F 52 -10.07 -19.73 -9.75
CA SER F 52 -10.61 -18.60 -10.48
C SER F 52 -9.54 -17.82 -11.24
N HIS F 53 -8.32 -17.70 -10.71
CA HIS F 53 -7.31 -16.96 -11.47
C HIS F 53 -6.88 -17.70 -12.72
N VAL F 54 -7.19 -18.97 -12.83
CA VAL F 54 -6.93 -19.74 -14.04
C VAL F 54 -8.15 -19.74 -14.95
N LEU F 55 -9.32 -20.04 -14.38
CA LEU F 55 -10.53 -20.20 -15.18
C LEU F 55 -10.94 -18.89 -15.82
N SER F 56 -10.70 -17.75 -15.15
CA SER F 56 -10.96 -16.46 -15.77
C SER F 56 -10.13 -16.27 -17.04
N LYS F 57 -8.84 -16.65 -16.98
CA LYS F 57 -7.99 -16.55 -18.16
C LYS F 57 -8.44 -17.52 -19.26
N VAL F 58 -8.95 -18.69 -18.87
CA VAL F 58 -9.50 -19.63 -19.85
C VAL F 58 -10.67 -19.02 -20.59
N CYS F 59 -11.54 -18.30 -19.87
CA CYS F 59 -12.68 -17.64 -20.51
C CYS F 59 -12.23 -16.55 -21.48
N MET F 60 -11.18 -15.79 -21.12
CA MET F 60 -10.63 -14.84 -22.08
C MET F 60 -10.07 -15.54 -23.30
N TYR F 61 -9.46 -16.72 -23.12
CA TYR F 61 -8.98 -17.46 -24.28
C TYR F 61 -10.15 -17.83 -25.19
N PHE F 62 -11.29 -18.22 -24.61
CA PHE F 62 -12.45 -18.55 -25.43
C PHE F 62 -12.84 -17.37 -26.29
N THR F 63 -12.90 -16.18 -25.70
CA THR F 63 -13.33 -14.99 -26.45
C THR F 63 -12.35 -14.71 -27.57
N TYR F 64 -11.06 -14.84 -27.25
CA TYR F 64 -9.99 -14.57 -28.20
C TYR F 64 -9.96 -15.62 -29.31
N LYS F 65 -10.20 -16.88 -28.96
CA LYS F 65 -10.18 -17.93 -29.98
C LYS F 65 -11.33 -17.76 -30.97
N VAL F 66 -12.53 -17.46 -30.46
CA VAL F 66 -13.67 -17.27 -31.34
C VAL F 66 -13.45 -16.05 -32.22
N ARG F 67 -12.91 -14.98 -31.64
CA ARG F 67 -12.73 -13.74 -32.41
C ARG F 67 -11.66 -13.90 -33.49
N TYR F 68 -10.63 -14.70 -33.25
CA TYR F 68 -9.47 -14.69 -34.14
C TYR F 68 -9.23 -16.03 -34.83
N THR F 69 -10.26 -16.84 -35.02
CA THR F 69 -10.05 -18.09 -35.76
C THR F 69 -10.09 -17.84 -37.27
N ASN F 70 -11.23 -17.41 -37.79
CA ASN F 70 -11.32 -17.04 -39.20
C ASN F 70 -11.29 -15.52 -39.36
N SER F 71 -10.21 -14.93 -38.85
CA SER F 71 -10.05 -13.48 -38.82
C SER F 71 -9.24 -13.02 -40.03
N SER F 72 -9.73 -11.97 -40.69
CA SER F 72 -8.89 -11.24 -41.64
C SER F 72 -7.94 -10.30 -40.92
N THR F 73 -8.16 -10.05 -39.64
CA THR F 73 -7.42 -9.06 -38.88
C THR F 73 -6.22 -9.69 -38.18
N GLU F 74 -5.14 -8.92 -38.10
CA GLU F 74 -3.93 -9.32 -37.39
C GLU F 74 -4.25 -9.83 -35.99
N ILE F 75 -3.70 -10.99 -35.65
CA ILE F 75 -4.03 -11.65 -34.39
C ILE F 75 -3.09 -11.11 -33.32
N PRO F 76 -3.62 -10.53 -32.24
CA PRO F 76 -2.79 -9.98 -31.17
C PRO F 76 -2.24 -11.08 -30.27
N GLU F 77 -1.26 -10.68 -29.46
CA GLU F 77 -0.72 -11.60 -28.46
C GLU F 77 -1.76 -11.90 -27.41
N PHE F 78 -1.75 -13.14 -26.93
CA PHE F 78 -2.60 -13.52 -25.81
C PHE F 78 -1.77 -13.49 -24.54
N PRO F 79 -2.00 -12.57 -23.61
CA PRO F 79 -1.09 -12.39 -22.47
C PRO F 79 -1.24 -13.52 -21.46
N ILE F 80 -0.11 -14.10 -21.07
CA ILE F 80 -0.08 -15.15 -20.05
C ILE F 80 1.05 -14.85 -19.07
N ALA F 81 0.72 -14.49 -17.83
CA ALA F 81 1.73 -14.25 -16.83
C ALA F 81 2.48 -15.55 -16.51
N PRO F 82 3.81 -15.50 -16.31
CA PRO F 82 4.53 -16.71 -15.87
C PRO F 82 3.88 -17.38 -14.68
N GLU F 83 3.36 -16.59 -13.75
CA GLU F 83 2.87 -17.12 -12.48
C GLU F 83 1.66 -18.02 -12.65
N ILE F 84 0.95 -17.96 -13.78
CA ILE F 84 -0.22 -18.80 -14.01
C ILE F 84 0.01 -19.82 -15.10
N ALA F 85 1.17 -19.82 -15.74
CA ALA F 85 1.35 -20.60 -16.96
C ALA F 85 1.23 -22.10 -16.70
N LEU F 86 1.76 -22.58 -15.58
CA LEU F 86 1.72 -24.01 -15.33
C LEU F 86 0.29 -24.50 -15.06
N GLU F 87 -0.44 -23.81 -14.19
CA GLU F 87 -1.83 -24.19 -13.94
C GLU F 87 -2.68 -24.00 -15.19
N LEU F 88 -2.39 -22.94 -15.97
CA LEU F 88 -3.17 -22.73 -17.18
C LEU F 88 -2.91 -23.85 -18.18
N LEU F 89 -1.66 -24.32 -18.27
CA LEU F 89 -1.38 -25.46 -19.13
C LEU F 89 -2.19 -26.69 -18.70
N MET F 90 -2.23 -26.97 -17.39
CA MET F 90 -2.99 -28.13 -16.93
C MET F 90 -4.47 -27.96 -17.23
N ALA F 91 -5.01 -26.75 -17.05
CA ALA F 91 -6.41 -26.54 -17.36
C ALA F 91 -6.67 -26.66 -18.84
N ALA F 92 -5.79 -26.07 -19.67
CA ALA F 92 -5.98 -26.14 -21.12
C ALA F 92 -5.98 -27.59 -21.58
N ASN F 93 -5.04 -28.38 -21.04
CA ASN F 93 -4.99 -29.78 -21.40
C ASN F 93 -6.24 -30.52 -20.94
N PHE F 94 -6.69 -30.25 -19.71
CA PHE F 94 -7.89 -30.90 -19.20
C PHE F 94 -9.11 -30.53 -20.04
N LEU F 95 -9.19 -29.26 -20.45
CA LEU F 95 -10.32 -28.71 -21.19
C LEU F 95 -10.21 -28.98 -22.69
N ASP F 96 -9.05 -29.44 -23.16
CA ASP F 96 -8.80 -29.72 -24.57
C ASP F 96 -9.04 -28.45 -25.41
N CYS F 97 -8.29 -27.39 -25.11
CA CYS F 97 -8.33 -26.21 -25.97
C CYS F 97 -6.94 -25.57 -26.06
N SER G 1 41.13 45.14 -1.45
CA SER G 1 40.81 44.74 -2.82
C SER G 1 39.35 44.92 -3.16
N MET G 2 39.10 45.40 -4.37
CA MET G 2 37.75 45.42 -4.90
C MET G 2 37.29 44.05 -5.36
N GLN G 3 38.17 43.06 -5.41
CA GLN G 3 37.85 41.71 -5.86
C GLN G 3 37.14 41.72 -7.22
N ALA G 4 37.84 42.26 -8.23
CA ALA G 4 37.23 42.35 -9.55
C ALA G 4 36.77 41.00 -10.08
N ALA G 5 37.47 39.90 -9.77
CA ALA G 5 37.01 38.60 -10.27
C ALA G 5 35.61 38.29 -9.72
N ARG G 6 35.36 38.61 -8.46
CA ARG G 6 34.03 38.39 -7.91
C ARG G 6 33.01 39.35 -8.53
N LEU G 7 33.39 40.62 -8.69
CA LEU G 7 32.50 41.57 -9.33
C LEU G 7 32.11 41.12 -10.74
N ALA G 8 33.08 40.60 -11.49
CA ALA G 8 32.78 40.15 -12.84
C ALA G 8 31.75 39.02 -12.83
N LYS G 9 31.94 38.04 -11.93
CA LYS G 9 30.97 36.97 -11.80
C LYS G 9 29.60 37.54 -11.43
N ALA G 10 29.55 38.51 -10.52
CA ALA G 10 28.25 39.05 -10.08
C ALA G 10 27.59 39.83 -11.20
N LEU G 11 28.37 40.57 -11.98
CA LEU G 11 27.80 41.33 -13.10
C LEU G 11 27.39 40.40 -14.24
N ARG G 12 28.07 39.25 -14.40
CA ARG G 12 27.56 38.28 -15.36
C ARG G 12 26.19 37.78 -14.95
N GLU G 13 26.04 37.44 -13.67
CA GLU G 13 24.73 36.99 -13.20
C GLU G 13 23.69 38.05 -13.45
N LEU G 14 24.04 39.31 -13.18
CA LEU G 14 23.08 40.40 -13.36
C LEU G 14 22.65 40.52 -14.82
N GLY G 15 23.58 40.28 -15.76
CA GLY G 15 23.22 40.31 -17.16
C GLY G 15 22.31 39.16 -17.58
N GLN G 16 22.31 38.07 -16.82
CA GLN G 16 21.41 36.96 -17.10
C GLN G 16 19.99 37.20 -16.60
N THR G 17 19.78 38.18 -15.71
CA THR G 17 18.46 38.30 -15.08
C THR G 17 17.37 38.59 -16.11
N GLY G 18 17.70 39.39 -17.12
CA GLY G 18 16.67 39.97 -17.97
C GLY G 18 15.91 41.12 -17.33
N TRP G 19 16.26 41.52 -16.10
CA TRP G 19 15.59 42.67 -15.47
C TRP G 19 16.60 43.70 -14.99
N TYR G 20 17.76 43.73 -15.64
CA TYR G 20 18.78 44.75 -15.42
C TYR G 20 18.67 45.74 -16.56
N TRP G 21 18.41 47.00 -16.24
CA TRP G 21 18.14 48.00 -17.26
C TRP G 21 19.31 48.94 -17.53
N GLY G 22 20.50 48.62 -17.02
CA GLY G 22 21.68 49.39 -17.42
C GLY G 22 21.58 50.88 -17.05
N SER G 23 21.91 51.77 -18.02
CA SER G 23 22.04 53.20 -17.74
C SER G 23 20.69 53.94 -17.57
N MET G 24 19.61 53.24 -17.33
CA MET G 24 18.30 53.86 -17.09
C MET G 24 18.35 54.87 -15.94
N THR G 25 17.72 56.02 -16.15
CA THR G 25 17.68 57.06 -15.13
C THR G 25 16.52 56.83 -14.16
N VAL G 26 16.57 57.55 -13.04
CA VAL G 26 15.52 57.42 -12.04
C VAL G 26 14.17 57.83 -12.63
N ASN G 27 14.16 58.87 -13.46
CA ASN G 27 12.90 59.31 -14.06
C ASN G 27 12.36 58.25 -15.02
N GLU G 28 13.24 57.62 -15.79
CA GLU G 28 12.81 56.59 -16.71
C GLU G 28 12.28 55.37 -15.96
N ALA G 29 12.95 54.99 -14.87
CA ALA G 29 12.43 53.90 -14.03
C ALA G 29 11.06 54.26 -13.48
N LYS G 30 10.88 55.50 -13.04
CA LYS G 30 9.58 55.88 -12.48
C LYS G 30 8.48 55.74 -13.53
N GLU G 31 8.76 56.16 -14.77
CA GLU G 31 7.77 56.04 -15.84
C GLU G 31 7.48 54.58 -16.17
N LYS G 32 8.48 53.71 -16.08
CA LYS G 32 8.24 52.31 -16.39
C LYS G 32 7.46 51.61 -15.27
N LEU G 33 7.61 52.06 -14.03
CA LEU G 33 7.00 51.39 -12.89
C LEU G 33 5.70 52.04 -12.38
N LYS G 34 5.32 53.22 -12.90
CA LYS G 34 4.23 53.99 -12.28
C LYS G 34 2.91 53.21 -12.22
N GLU G 35 2.63 52.35 -13.21
CA GLU G 35 1.37 51.62 -13.22
C GLU G 35 1.50 50.15 -12.86
N ALA G 36 2.68 49.72 -12.40
CA ALA G 36 2.93 48.32 -12.14
C ALA G 36 2.35 47.89 -10.79
N PRO G 37 2.16 46.58 -10.57
CA PRO G 37 1.72 46.12 -9.25
C PRO G 37 2.73 46.47 -8.17
N GLU G 38 2.20 46.68 -6.96
CA GLU G 38 3.06 46.85 -5.79
C GLU G 38 4.11 45.75 -5.74
N GLY G 39 5.36 46.15 -5.54
CA GLY G 39 6.48 45.25 -5.42
C GLY G 39 7.23 44.99 -6.70
N THR G 40 6.68 45.40 -7.85
CA THR G 40 7.37 45.24 -9.12
C THR G 40 8.67 46.05 -9.07
N PHE G 41 9.76 45.42 -9.51
CA PHE G 41 11.07 46.04 -9.31
C PHE G 41 11.94 45.81 -10.53
N LEU G 42 13.01 46.61 -10.61
CA LEU G 42 14.07 46.39 -11.58
C LEU G 42 15.35 46.87 -10.95
N ILE G 43 16.48 46.52 -11.56
CA ILE G 43 17.77 47.05 -11.13
C ILE G 43 18.37 47.82 -12.30
N ARG G 44 19.05 48.91 -12.00
CA ARG G 44 19.71 49.71 -13.01
C ARG G 44 20.96 50.31 -12.39
N ASP G 45 21.74 51.01 -13.22
CA ASP G 45 22.90 51.71 -12.71
C ASP G 45 22.47 52.89 -11.86
N SER G 46 23.26 53.19 -10.83
CA SER G 46 23.01 54.39 -10.01
C SER G 46 23.67 55.63 -10.61
N SER G 47 22.98 56.78 -10.52
CA SER G 47 23.61 58.04 -10.91
C SER G 47 24.76 58.42 -9.96
N HIS G 48 24.85 57.80 -8.79
CA HIS G 48 25.76 58.24 -7.74
C HIS G 48 27.00 57.35 -7.71
N SER G 49 28.19 57.96 -7.79
CA SER G 49 29.44 57.23 -7.96
C SER G 49 29.85 56.42 -6.73
N ASP G 50 29.25 56.70 -5.57
CA ASP G 50 29.57 55.89 -4.40
C ASP G 50 28.78 54.60 -4.36
N TYR G 51 27.91 54.37 -5.34
CA TYR G 51 27.07 53.20 -5.39
C TYR G 51 27.17 52.58 -6.76
N LEU G 52 26.97 51.27 -6.84
CA LEU G 52 27.08 50.59 -8.12
C LEU G 52 25.73 50.50 -8.83
N LEU G 53 24.66 50.20 -8.09
CA LEU G 53 23.38 49.87 -8.69
C LEU G 53 22.27 50.46 -7.85
N THR G 54 21.09 50.57 -8.45
CA THR G 54 19.90 51.06 -7.76
C THR G 54 18.75 50.11 -8.05
N ILE G 55 18.02 49.75 -6.99
CA ILE G 55 16.75 49.04 -7.12
C ILE G 55 15.67 50.09 -7.29
N SER G 56 14.82 49.93 -8.30
CA SER G 56 13.63 50.77 -8.43
C SER G 56 12.43 49.86 -8.25
N VAL G 57 11.47 50.28 -7.42
CA VAL G 57 10.39 49.38 -7.03
C VAL G 57 9.10 50.19 -6.86
N LYS G 58 7.99 49.62 -7.35
CA LYS G 58 6.68 50.21 -7.13
C LYS G 58 6.24 50.04 -5.68
N THR G 59 5.95 51.15 -5.01
CA THR G 59 5.22 51.16 -3.76
C THR G 59 3.81 51.66 -4.01
N SER G 60 2.95 51.49 -3.01
CA SER G 60 1.59 52.00 -3.13
C SER G 60 1.57 53.52 -3.32
N ALA G 61 2.61 54.20 -2.85
CA ALA G 61 2.74 55.65 -3.03
C ALA G 61 3.51 56.04 -4.28
N GLY G 62 3.91 55.06 -5.09
CA GLY G 62 4.65 55.34 -6.30
C GLY G 62 6.00 54.64 -6.30
N PRO G 63 6.72 54.74 -7.42
CA PRO G 63 8.06 54.13 -7.47
C PRO G 63 8.98 54.79 -6.46
N THR G 64 9.82 53.97 -5.84
CA THR G 64 10.89 54.46 -4.99
C THR G 64 12.19 53.79 -5.42
N ASN G 65 13.29 54.21 -4.82
CA ASN G 65 14.62 53.79 -5.27
C ASN G 65 15.49 53.54 -4.06
N LEU G 66 16.33 52.51 -4.14
CA LEU G 66 17.23 52.17 -3.04
C LEU G 66 18.54 51.71 -3.64
N ARG G 67 19.63 52.37 -3.26
CA ARG G 67 20.91 52.06 -3.88
C ARG G 67 21.57 50.83 -3.25
N ILE G 68 22.50 50.24 -4.00
CA ILE G 68 23.30 49.10 -3.56
C ILE G 68 24.78 49.52 -3.62
N GLU G 69 25.49 49.31 -2.51
CA GLU G 69 26.93 49.51 -2.44
C GLU G 69 27.64 48.22 -2.82
N TYR G 70 28.85 48.36 -3.37
CA TYR G 70 29.77 47.24 -3.52
C TYR G 70 31.07 47.66 -2.87
N GLN G 71 31.46 46.98 -1.80
CA GLN G 71 32.68 47.33 -1.09
C GLN G 71 33.32 46.08 -0.53
N ASP G 72 34.65 45.96 -0.70
CA ASP G 72 35.40 44.83 -0.16
C ASP G 72 34.83 43.50 -0.62
N GLY G 73 34.43 43.44 -1.88
CA GLY G 73 33.87 42.21 -2.42
C GLY G 73 32.49 41.83 -1.94
N LYS G 74 31.77 42.77 -1.32
CA LYS G 74 30.43 42.49 -0.82
C LYS G 74 29.43 43.51 -1.31
N PHE G 75 28.23 43.04 -1.66
CA PHE G 75 27.11 43.92 -1.95
C PHE G 75 26.26 44.07 -0.70
N ARG G 76 25.72 45.28 -0.53
CA ARG G 76 24.87 45.59 0.61
C ARG G 76 23.93 46.69 0.21
N LEU G 77 22.73 46.68 0.79
CA LEU G 77 21.85 47.83 0.64
C LEU G 77 22.52 49.07 1.22
N ASP G 78 22.08 50.24 0.71
CA ASP G 78 22.58 51.54 1.16
C ASP G 78 22.49 51.69 2.66
N SER G 79 23.61 51.99 3.30
CA SER G 79 23.68 52.10 4.75
C SER G 79 23.61 53.54 5.26
N ILE G 80 23.69 54.52 4.36
CA ILE G 80 23.32 55.87 4.77
C ILE G 80 21.88 55.85 5.22
N ILE G 81 21.09 54.96 4.64
CA ILE G 81 19.64 54.97 4.76
C ILE G 81 19.18 54.13 5.95
N CYS G 82 19.64 52.89 6.03
CA CYS G 82 19.23 51.98 7.10
C CYS G 82 20.44 51.46 7.87
N VAL G 83 20.20 51.06 9.12
CA VAL G 83 21.26 50.72 10.07
C VAL G 83 22.19 49.65 9.50
N LYS G 84 23.49 49.96 9.47
CA LYS G 84 24.46 49.19 8.70
C LYS G 84 24.61 47.77 9.20
N SER G 85 24.55 47.58 10.52
CA SER G 85 24.84 46.26 11.08
C SER G 85 23.71 45.28 10.82
N LYS G 86 22.49 45.76 10.67
CA LYS G 86 21.36 44.88 10.38
C LYS G 86 21.33 44.43 8.93
N LEU G 87 22.20 44.96 8.08
CA LEU G 87 22.14 44.69 6.64
C LEU G 87 23.03 43.50 6.29
N LYS G 88 22.45 42.52 5.62
CA LYS G 88 23.23 41.38 5.16
C LYS G 88 24.16 41.80 4.03
N GLN G 89 25.33 41.19 3.97
CA GLN G 89 26.24 41.38 2.84
C GLN G 89 26.21 40.14 1.96
N PHE G 90 26.37 40.35 0.65
CA PHE G 90 26.24 39.30 -0.34
C PHE G 90 27.42 39.33 -1.29
N ASP G 91 27.90 38.14 -1.71
CA ASP G 91 28.89 38.08 -2.78
C ASP G 91 28.29 38.35 -4.14
N SER G 92 26.96 38.31 -4.26
CA SER G 92 26.26 38.38 -5.54
C SER G 92 25.07 39.32 -5.39
N VAL G 93 24.88 40.20 -6.35
CA VAL G 93 23.78 41.14 -6.25
C VAL G 93 22.44 40.48 -6.60
N VAL G 94 22.42 39.51 -7.52
CA VAL G 94 21.17 38.79 -7.73
C VAL G 94 20.83 37.98 -6.47
N HIS G 95 21.82 37.45 -5.77
CA HIS G 95 21.52 36.78 -4.50
C HIS G 95 20.88 37.75 -3.52
N LEU G 96 21.44 38.95 -3.41
CA LEU G 96 20.82 39.99 -2.57
C LEU G 96 19.35 40.19 -2.93
N ILE G 97 19.05 40.34 -4.21
CA ILE G 97 17.65 40.56 -4.61
C ILE G 97 16.79 39.35 -4.29
N ASP G 98 17.27 38.16 -4.67
CA ASP G 98 16.52 36.93 -4.42
C ASP G 98 16.23 36.76 -2.94
N TYR G 99 17.23 37.07 -2.11
CA TYR G 99 17.06 36.98 -0.66
C TYR G 99 15.88 37.83 -0.20
N TYR G 100 15.83 39.09 -0.63
CA TYR G 100 14.76 39.96 -0.14
C TYR G 100 13.42 39.61 -0.77
N VAL G 101 13.40 39.16 -2.03
CA VAL G 101 12.17 38.63 -2.62
C VAL G 101 11.63 37.49 -1.79
N GLN G 102 12.50 36.52 -1.45
CA GLN G 102 12.05 35.38 -0.67
C GLN G 102 11.56 35.78 0.71
N MET G 103 12.23 36.76 1.33
CA MET G 103 11.77 37.21 2.65
C MET G 103 10.41 37.88 2.59
N CYS G 104 10.11 38.57 1.49
CA CYS G 104 8.82 39.24 1.38
C CYS G 104 7.67 38.27 1.21
N LYS G 105 7.95 37.03 0.81
CA LYS G 105 6.89 36.05 0.71
C LYS G 105 6.39 35.66 2.10
N ASP G 106 7.31 35.55 3.06
CA ASP G 106 6.97 35.40 4.46
C ASP G 106 6.68 36.78 5.08
N LEU G 121 11.38 47.81 2.45
CA LEU G 121 11.59 47.28 1.11
C LEU G 121 10.72 46.07 0.82
N TYR G 122 9.80 46.21 -0.12
CA TYR G 122 8.86 45.15 -0.50
C TYR G 122 9.03 44.82 -1.97
N LEU G 123 9.57 43.63 -2.27
CA LEU G 123 9.85 43.18 -3.61
C LEU G 123 9.02 41.95 -3.96
N THR G 124 8.41 41.94 -5.14
CA THR G 124 7.69 40.75 -5.59
C THR G 124 8.25 40.24 -6.93
N LYS G 125 7.86 40.88 -8.04
CA LYS G 125 8.24 40.35 -9.34
C LYS G 125 9.06 41.38 -10.12
N PRO G 126 10.01 40.93 -10.93
CA PRO G 126 10.82 41.86 -11.70
C PRO G 126 10.13 42.32 -12.98
N LEU G 127 10.52 43.50 -13.42
CA LEU G 127 10.08 44.04 -14.71
C LEU G 127 11.16 43.69 -15.74
N TYR G 128 10.82 42.77 -16.65
CA TYR G 128 11.78 42.28 -17.64
C TYR G 128 11.98 43.31 -18.76
N THR G 129 13.24 43.45 -19.20
CA THR G 129 13.55 44.25 -20.40
C THR G 129 13.10 43.56 -21.68
N SER G 130 13.16 42.23 -21.72
CA SER G 130 12.75 41.47 -22.89
C SER G 130 12.50 40.04 -22.43
N ALA G 131 11.90 39.26 -23.30
CA ALA G 131 11.62 37.86 -22.95
C ALA G 131 12.93 37.10 -22.79
N PRO G 132 13.16 36.44 -21.67
CA PRO G 132 14.39 35.66 -21.52
C PRO G 132 14.36 34.42 -22.41
N SER G 133 15.54 33.82 -22.55
CA SER G 133 15.64 32.56 -23.28
C SER G 133 14.81 31.49 -22.60
N LEU G 134 14.34 30.54 -23.40
CA LEU G 134 13.62 29.40 -22.84
C LEU G 134 14.50 28.62 -21.88
N GLN G 135 15.82 28.50 -22.18
CA GLN G 135 16.74 27.83 -21.26
C GLN G 135 16.73 28.50 -19.89
N HIS G 136 16.74 29.83 -19.89
CA HIS G 136 16.75 30.57 -18.62
C HIS G 136 15.43 30.39 -17.87
N LEU G 137 14.31 30.42 -18.59
CA LEU G 137 13.02 30.19 -17.94
C LEU G 137 12.97 28.82 -17.29
N CYS G 138 13.50 27.80 -17.97
CA CYS G 138 13.58 26.48 -17.36
C CYS G 138 14.46 26.49 -16.13
N ARG G 139 15.60 27.20 -16.21
CA ARG G 139 16.49 27.32 -15.06
C ARG G 139 15.77 27.91 -13.85
N LEU G 140 15.03 29.00 -14.07
CA LEU G 140 14.24 29.59 -12.99
C LEU G 140 13.25 28.58 -12.41
N THR G 141 12.53 27.86 -13.28
CA THR G 141 11.55 26.89 -12.80
C THR G 141 12.22 25.81 -11.94
N ILE G 142 13.32 25.26 -12.41
CA ILE G 142 14.06 24.24 -11.66
C ILE G 142 14.55 24.81 -10.33
N ASN G 143 15.08 26.05 -10.35
CA ASN G 143 15.56 26.66 -9.11
C ASN G 143 14.44 26.83 -8.11
N LYS G 144 13.22 27.08 -8.59
CA LYS G 144 12.09 27.16 -7.68
C LYS G 144 11.69 25.81 -7.11
N CYS G 145 12.12 24.70 -7.71
CA CYS G 145 11.84 23.39 -7.18
C CYS G 145 12.96 22.83 -6.30
N THR G 146 14.22 23.16 -6.57
CA THR G 146 15.31 22.54 -5.83
C THR G 146 16.58 23.36 -6.02
N GLY G 147 17.44 23.30 -5.01
CA GLY G 147 18.80 23.77 -5.14
C GLY G 147 19.79 22.64 -5.30
N ALA G 148 19.31 21.40 -5.32
CA ALA G 148 20.17 20.22 -5.38
C ALA G 148 20.46 19.86 -6.83
N ILE G 149 21.21 20.75 -7.49
CA ILE G 149 21.59 20.54 -8.89
C ILE G 149 22.31 19.21 -9.05
N TRP G 150 23.12 18.84 -8.04
CA TRP G 150 23.92 17.64 -8.10
C TRP G 150 23.08 16.39 -8.28
N GLY G 151 21.84 16.41 -7.81
CA GLY G 151 20.97 15.24 -7.89
C GLY G 151 20.05 15.21 -9.10
N LEU G 152 20.20 16.15 -10.02
CA LEU G 152 19.31 16.22 -11.16
C LEU G 152 19.80 15.30 -12.27
N PRO G 153 18.87 14.61 -12.97
CA PRO G 153 19.25 13.75 -14.09
C PRO G 153 19.59 14.56 -15.34
N LEU G 154 20.67 15.34 -15.25
CA LEU G 154 21.09 16.23 -16.31
C LEU G 154 22.54 15.95 -16.67
N PRO G 155 22.92 16.22 -17.92
CA PRO G 155 24.36 16.20 -18.26
C PRO G 155 25.10 17.25 -17.46
N THR G 156 26.39 17.00 -17.25
CA THR G 156 27.21 17.92 -16.46
C THR G 156 27.16 19.34 -17.04
N ARG G 157 27.12 19.45 -18.37
CA ARG G 157 27.10 20.77 -19.00
C ARG G 157 25.85 21.55 -18.59
N LEU G 158 24.72 20.85 -18.44
CA LEU G 158 23.52 21.55 -18.03
C LEU G 158 23.50 21.80 -16.52
N LYS G 159 24.09 20.91 -15.73
CA LYS G 159 24.27 21.23 -14.32
C LYS G 159 25.11 22.49 -14.17
N ASP G 160 26.15 22.63 -14.99
CA ASP G 160 27.00 23.81 -14.94
C ASP G 160 26.21 25.06 -15.28
N TYR G 161 25.31 24.95 -16.28
CA TYR G 161 24.46 26.06 -16.63
C TYR G 161 23.57 26.47 -15.45
N LEU G 162 22.99 25.50 -14.74
CA LEU G 162 22.18 25.85 -13.59
C LEU G 162 23.03 26.53 -12.51
N GLU G 163 24.26 26.04 -12.31
CA GLU G 163 25.11 26.61 -11.28
C GLU G 163 25.45 28.07 -11.56
N GLU G 164 25.43 28.49 -12.83
CA GLU G 164 25.73 29.88 -13.16
C GLU G 164 24.63 30.84 -12.76
N TYR G 165 23.43 30.36 -12.45
CA TYR G 165 22.36 31.25 -12.01
C TYR G 165 21.41 30.39 -11.15
N LYS G 166 21.67 30.39 -9.85
CA LYS G 166 20.96 29.53 -8.92
C LYS G 166 19.69 30.16 -8.37
N PHE G 167 19.32 31.35 -8.82
CA PHE G 167 18.33 32.18 -8.14
C PHE G 167 16.93 31.91 -8.67
N GLN G 168 15.93 32.24 -7.84
CA GLN G 168 14.54 31.96 -8.15
C GLN G 168 13.84 33.12 -8.82
N VAL G 169 14.54 34.23 -9.00
CA VAL G 169 13.98 35.38 -9.67
C VAL G 169 14.97 35.80 -10.75
N MET H 1 -6.60 42.47 -29.53
CA MET H 1 -7.36 42.00 -30.68
C MET H 1 -6.82 40.65 -31.17
N ASP H 2 -5.52 40.41 -30.97
CA ASP H 2 -4.91 39.16 -31.43
C ASP H 2 -5.33 38.01 -30.52
N VAL H 3 -5.71 36.88 -31.13
CA VAL H 3 -5.98 35.65 -30.40
C VAL H 3 -5.04 34.57 -30.92
N PHE H 4 -4.43 33.83 -30.00
CA PHE H 4 -3.43 32.83 -30.33
C PHE H 4 -4.03 31.46 -30.10
N LEU H 5 -3.89 30.59 -31.10
CA LEU H 5 -4.67 29.36 -31.21
C LEU H 5 -3.78 28.16 -31.47
N MET H 6 -4.30 27.00 -31.06
CA MET H 6 -3.79 25.68 -31.39
C MET H 6 -4.95 24.98 -32.11
N ILE H 7 -4.80 24.71 -33.41
CA ILE H 7 -5.78 23.94 -34.16
C ILE H 7 -5.32 22.49 -34.24
N ARG H 8 -6.11 21.59 -33.67
CA ARG H 8 -5.65 20.23 -33.39
C ARG H 8 -6.59 19.21 -34.00
N ARG H 9 -6.01 18.25 -34.74
CA ARG H 9 -6.71 17.09 -35.25
C ARG H 9 -5.75 15.91 -35.19
N HIS H 10 -6.23 14.78 -34.63
CA HIS H 10 -5.40 13.57 -34.51
C HIS H 10 -4.09 13.90 -33.83
N LYS H 11 -2.98 13.80 -34.57
CA LYS H 11 -1.67 14.09 -34.01
C LYS H 11 -1.03 15.28 -34.74
N THR H 12 -1.88 16.18 -35.24
CA THR H 12 -1.48 17.44 -35.85
C THR H 12 -1.93 18.61 -34.99
N THR H 13 -1.02 19.59 -34.80
CA THR H 13 -1.32 20.82 -34.08
C THR H 13 -0.77 22.00 -34.88
N ILE H 14 -1.66 22.91 -35.29
CA ILE H 14 -1.27 24.14 -35.96
C ILE H 14 -1.25 25.26 -34.93
N PHE H 15 -0.11 25.91 -34.77
CA PHE H 15 -0.01 27.12 -33.97
C PHE H 15 -0.21 28.31 -34.90
N THR H 16 -1.27 29.07 -34.69
CA THR H 16 -1.51 30.24 -35.52
C THR H 16 -2.24 31.28 -34.69
N ASP H 17 -2.44 32.46 -35.27
CA ASP H 17 -3.12 33.54 -34.59
C ASP H 17 -4.06 34.25 -35.56
N ALA H 18 -5.10 34.84 -35.01
CA ALA H 18 -6.05 35.62 -35.79
C ALA H 18 -6.50 36.80 -34.92
N LYS H 19 -7.58 37.44 -35.34
CA LYS H 19 -8.18 38.53 -34.60
C LYS H 19 -9.49 38.09 -33.97
N GLU H 20 -9.85 38.73 -32.85
CA GLU H 20 -11.20 38.57 -32.33
C GLU H 20 -12.24 38.84 -33.39
N SER H 21 -11.97 39.76 -34.32
CA SER H 21 -12.89 40.09 -35.40
C SER H 21 -12.80 39.15 -36.59
N SER H 22 -11.79 38.28 -36.64
CA SER H 22 -11.72 37.27 -37.69
C SER H 22 -12.92 36.32 -37.58
N THR H 23 -13.33 35.79 -38.73
CA THR H 23 -14.45 34.86 -38.75
C THR H 23 -13.95 33.42 -38.70
N VAL H 24 -14.85 32.52 -38.28
CA VAL H 24 -14.56 31.09 -38.31
C VAL H 24 -14.19 30.65 -39.72
N PHE H 25 -14.89 31.18 -40.73
CA PHE H 25 -14.52 30.89 -42.12
C PHE H 25 -13.11 31.38 -42.43
N GLU H 26 -12.78 32.60 -41.99
CA GLU H 26 -11.43 33.14 -42.18
C GLU H 26 -10.37 32.23 -41.56
N LEU H 27 -10.70 31.59 -40.43
CA LEU H 27 -9.79 30.63 -39.83
C LEU H 27 -9.72 29.34 -40.64
N LYS H 28 -10.86 28.91 -41.16
CA LYS H 28 -10.89 27.73 -42.02
C LYS H 28 -10.00 27.92 -43.24
N ARG H 29 -9.93 29.15 -43.76
CA ARG H 29 -9.07 29.43 -44.90
C ARG H 29 -7.59 29.32 -44.52
N ILE H 30 -7.23 29.83 -43.33
CA ILE H 30 -5.87 29.65 -42.83
C ILE H 30 -5.50 28.18 -42.83
N VAL H 31 -6.40 27.35 -42.30
CA VAL H 31 -6.17 25.91 -42.29
C VAL H 31 -6.05 25.37 -43.71
N GLU H 32 -6.88 25.89 -44.63
CA GLU H 32 -6.82 25.43 -46.02
C GLU H 32 -5.44 25.65 -46.62
N GLY H 33 -4.82 26.80 -46.34
CA GLY H 33 -3.50 27.06 -46.86
C GLY H 33 -2.45 26.12 -46.31
N ILE H 34 -2.65 25.61 -45.10
CA ILE H 34 -1.69 24.70 -44.48
C ILE H 34 -1.99 23.26 -44.84
N LEU H 35 -3.21 22.79 -44.52
CA LEU H 35 -3.56 21.38 -44.64
C LEU H 35 -4.03 20.98 -46.04
N LYS H 36 -4.28 21.96 -46.92
CA LYS H 36 -4.70 21.71 -48.31
C LYS H 36 -6.04 20.98 -48.37
N ARG H 37 -6.96 21.37 -47.51
CA ARG H 37 -8.34 20.91 -47.56
C ARG H 37 -9.25 22.13 -47.48
N PRO H 38 -10.29 22.18 -48.30
CA PRO H 38 -11.11 23.39 -48.38
C PRO H 38 -12.01 23.53 -47.16
N PRO H 39 -12.54 24.73 -46.91
CA PRO H 39 -13.35 24.94 -45.69
C PRO H 39 -14.57 24.05 -45.59
N ASP H 40 -15.23 23.75 -46.72
CA ASP H 40 -16.42 22.91 -46.69
C ASP H 40 -16.13 21.51 -46.17
N GLU H 41 -14.87 21.06 -46.23
CA GLU H 41 -14.48 19.77 -45.69
C GLU H 41 -13.86 19.87 -44.31
N GLN H 42 -14.01 21.01 -43.63
CA GLN H 42 -13.49 21.19 -42.29
C GLN H 42 -14.65 21.40 -41.31
N ARG H 43 -14.40 21.02 -40.06
CA ARG H 43 -15.33 21.26 -38.96
C ARG H 43 -14.49 21.73 -37.79
N LEU H 44 -14.70 22.97 -37.35
CA LEU H 44 -13.94 23.58 -36.26
C LEU H 44 -14.76 23.57 -34.99
N TYR H 45 -14.09 23.43 -33.86
CA TYR H 45 -14.72 23.18 -32.57
C TYR H 45 -14.06 23.99 -31.48
N LYS H 46 -14.88 24.53 -30.58
CA LYS H 46 -14.41 25.04 -29.29
C LYS H 46 -15.03 24.12 -28.25
N ASP H 47 -14.19 23.32 -27.60
CA ASP H 47 -14.63 22.20 -26.74
C ASP H 47 -15.43 21.25 -27.63
N ASP H 48 -16.64 20.86 -27.27
CA ASP H 48 -17.45 19.96 -28.09
C ASP H 48 -18.45 20.72 -28.96
N GLN H 49 -18.27 22.03 -29.14
CA GLN H 49 -19.23 22.87 -29.83
C GLN H 49 -18.77 23.18 -31.24
N LEU H 50 -19.56 22.80 -32.24
CA LEU H 50 -19.28 23.17 -33.63
C LEU H 50 -19.41 24.67 -33.81
N LEU H 51 -18.42 25.28 -34.48
CA LEU H 51 -18.38 26.71 -34.70
C LEU H 51 -18.97 27.08 -36.06
N ASP H 52 -19.90 28.03 -36.06
CA ASP H 52 -20.57 28.45 -37.29
C ASP H 52 -19.64 29.35 -38.11
N ASP H 53 -19.49 29.01 -39.39
CA ASP H 53 -18.59 29.69 -40.33
C ASP H 53 -18.66 31.21 -40.25
N GLY H 54 -19.88 31.75 -40.12
CA GLY H 54 -20.10 33.19 -40.14
C GLY H 54 -19.88 33.90 -38.82
N LYS H 55 -19.76 33.16 -37.72
CA LYS H 55 -19.53 33.78 -36.42
C LYS H 55 -18.06 34.19 -36.29
N THR H 56 -17.82 35.28 -35.57
CA THR H 56 -16.46 35.73 -35.37
C THR H 56 -15.83 35.00 -34.19
N LEU H 57 -14.49 35.01 -34.16
CA LEU H 57 -13.77 34.34 -33.08
C LEU H 57 -14.13 34.91 -31.72
N GLY H 58 -14.22 36.24 -31.62
CA GLY H 58 -14.69 36.85 -30.38
C GLY H 58 -16.06 36.35 -29.97
N GLU H 59 -17.01 36.36 -30.91
CA GLU H 59 -18.35 35.87 -30.59
C GLU H 59 -18.38 34.38 -30.29
N CYS H 60 -17.33 33.64 -30.62
CA CYS H 60 -17.21 32.26 -30.21
C CYS H 60 -16.61 32.10 -28.81
N GLY H 61 -16.17 33.20 -28.18
CA GLY H 61 -15.57 33.14 -26.87
C GLY H 61 -14.05 33.25 -26.85
N PHE H 62 -13.39 33.31 -28.01
CA PHE H 62 -11.95 33.46 -28.07
C PHE H 62 -11.59 34.93 -27.87
N THR H 63 -11.08 35.26 -26.70
CA THR H 63 -10.67 36.64 -26.43
C THR H 63 -9.16 36.70 -26.26
N SER H 64 -8.63 37.93 -26.43
CA SER H 64 -7.19 38.15 -26.31
C SER H 64 -6.64 37.59 -25.00
N GLN H 65 -7.33 37.84 -23.89
CA GLN H 65 -6.83 37.46 -22.56
C GLN H 65 -6.93 35.97 -22.29
N THR H 66 -7.78 35.26 -23.02
CA THR H 66 -7.93 33.82 -22.86
C THR H 66 -7.35 33.03 -24.03
N ALA H 67 -6.59 33.68 -24.92
CA ALA H 67 -5.92 33.01 -26.02
C ALA H 67 -4.61 33.77 -26.25
N ARG H 68 -3.73 33.72 -25.24
CA ARG H 68 -2.46 34.44 -25.17
C ARG H 68 -1.36 33.62 -25.84
N PRO H 69 -0.31 34.28 -26.33
CA PRO H 69 0.75 33.53 -27.04
C PRO H 69 1.34 32.40 -26.20
N GLN H 70 1.59 32.66 -24.91
CA GLN H 70 2.14 31.65 -24.01
C GLN H 70 1.11 30.62 -23.56
N ALA H 71 -0.17 30.83 -23.87
CA ALA H 71 -1.25 29.91 -23.46
C ALA H 71 -2.36 29.95 -24.50
N PRO H 72 -2.09 29.46 -25.70
CA PRO H 72 -3.08 29.57 -26.78
C PRO H 72 -4.31 28.71 -26.52
N ALA H 73 -5.44 29.17 -27.05
CA ALA H 73 -6.69 28.43 -26.94
C ALA H 73 -6.76 27.35 -28.01
N THR H 74 -7.36 26.22 -27.66
CA THR H 74 -7.43 25.09 -28.57
C THR H 74 -8.69 25.17 -29.43
N VAL H 75 -8.52 24.89 -30.72
CA VAL H 75 -9.63 24.73 -31.66
C VAL H 75 -9.55 23.33 -32.22
N GLY H 76 -10.61 22.56 -32.07
CA GLY H 76 -10.63 21.21 -32.61
C GLY H 76 -10.97 21.22 -34.10
N LEU H 77 -10.35 20.30 -34.84
CA LEU H 77 -10.58 20.19 -36.27
C LEU H 77 -10.85 18.74 -36.65
N ALA H 78 -11.87 18.54 -37.49
CA ALA H 78 -12.23 17.23 -38.00
C ALA H 78 -12.48 17.32 -39.49
N PHE H 79 -12.17 16.25 -40.21
CA PHE H 79 -12.35 16.24 -41.66
C PHE H 79 -13.53 15.36 -42.06
N ASP H 83 -17.02 10.72 -48.38
CA ASP H 83 -18.43 10.70 -47.99
C ASP H 83 -18.65 11.38 -46.66
N THR H 84 -17.89 10.95 -45.66
CA THR H 84 -18.19 11.24 -44.27
C THR H 84 -17.09 12.06 -43.62
N PHE H 85 -17.47 12.75 -42.55
CA PHE H 85 -16.53 13.39 -41.65
C PHE H 85 -16.23 12.44 -40.49
N GLU H 86 -14.97 12.39 -40.08
CA GLU H 86 -14.62 11.57 -38.94
C GLU H 86 -15.19 12.19 -37.66
N ALA H 87 -15.10 11.44 -36.58
CA ALA H 87 -15.39 12.01 -35.27
C ALA H 87 -14.23 12.90 -34.84
N LEU H 88 -14.54 14.02 -34.19
CA LEU H 88 -13.52 14.91 -33.66
C LEU H 88 -12.65 14.14 -32.69
N CYS H 89 -11.38 13.95 -33.03
CA CYS H 89 -10.47 13.16 -32.21
C CYS H 89 -9.15 13.90 -32.11
N ILE H 90 -8.79 14.31 -30.91
CA ILE H 90 -7.57 15.06 -30.65
C ILE H 90 -6.67 14.13 -29.84
N GLU H 91 -5.54 13.70 -30.41
CA GLU H 91 -4.73 12.78 -29.63
C GLU H 91 -3.91 13.54 -28.58
N PRO H 92 -3.77 13.00 -27.37
CA PRO H 92 -3.08 13.74 -26.32
C PRO H 92 -1.58 13.73 -26.52
N PHE H 93 -0.94 14.78 -26.00
CA PHE H 93 0.50 14.81 -25.99
C PHE H 93 1.03 13.75 -25.04
N SER H 94 2.33 13.47 -25.15
CA SER H 94 2.93 12.44 -24.32
C SER H 94 2.87 12.83 -22.85
N SER H 95 3.11 11.85 -21.99
CA SER H 95 3.06 12.16 -20.57
C SER H 95 4.45 12.39 -20.01
N PRO H 96 4.62 13.40 -19.17
CA PRO H 96 5.93 13.66 -18.57
C PRO H 96 6.32 12.54 -17.63
N PRO H 97 7.63 12.36 -17.40
CA PRO H 97 8.08 11.33 -16.47
C PRO H 97 7.75 11.72 -15.03
N GLU H 98 7.94 10.76 -14.13
CA GLU H 98 7.85 11.07 -12.71
C GLU H 98 8.85 12.15 -12.37
N LEU H 99 8.48 13.03 -11.45
CA LEU H 99 9.40 14.05 -10.98
C LEU H 99 10.62 13.39 -10.36
N PRO H 100 11.82 13.84 -10.68
CA PRO H 100 13.01 13.37 -9.93
C PRO H 100 12.83 13.59 -8.44
N ASP H 101 13.54 12.79 -7.63
CA ASP H 101 13.36 12.86 -6.18
C ASP H 101 13.60 14.27 -5.64
N VAL H 102 14.67 14.92 -6.09
CA VAL H 102 15.00 16.24 -5.55
C VAL H 102 14.00 17.33 -5.95
N MET H 103 13.13 17.08 -6.93
CA MET H 103 12.24 18.12 -7.45
C MET H 103 10.95 18.29 -6.66
N LYS H 104 10.64 17.37 -5.76
CA LYS H 104 9.41 17.43 -4.96
C LYS H 104 9.28 18.73 -4.16
N MET I 2 5.84 30.13 -45.29
CA MET I 2 5.11 30.67 -44.15
C MET I 2 5.19 29.78 -42.92
N TYR I 3 4.94 28.49 -43.09
CA TYR I 3 4.89 27.57 -41.96
C TYR I 3 5.91 26.45 -42.14
N VAL I 4 6.40 25.93 -41.02
CA VAL I 4 7.25 24.76 -40.98
C VAL I 4 6.58 23.71 -40.11
N LYS I 5 6.99 22.45 -40.31
CA LYS I 5 6.45 21.33 -39.55
C LYS I 5 7.55 20.76 -38.67
N LEU I 6 7.28 20.67 -37.37
CA LEU I 6 8.22 20.13 -36.39
C LEU I 6 7.62 18.86 -35.80
N ILE I 7 8.34 17.75 -35.91
CA ILE I 7 7.80 16.43 -35.57
C ILE I 7 8.41 15.98 -34.25
N SER I 8 7.55 15.63 -33.29
CA SER I 8 8.05 15.15 -32.01
C SER I 8 8.47 13.69 -32.12
N SER I 9 9.21 13.22 -31.11
CA SER I 9 9.67 11.84 -31.11
C SER I 9 8.51 10.86 -31.18
N ASP I 10 7.37 11.21 -30.59
CA ASP I 10 6.20 10.36 -30.59
C ASP I 10 5.25 10.68 -31.75
N GLY I 11 5.74 11.35 -32.78
CA GLY I 11 5.00 11.48 -34.03
C GLY I 11 3.96 12.58 -34.07
N HIS I 12 3.89 13.45 -33.08
CA HIS I 12 3.03 14.61 -33.18
C HIS I 12 3.66 15.62 -34.15
N GLU I 13 2.83 16.19 -35.00
CA GLU I 13 3.26 17.19 -35.97
C GLU I 13 2.82 18.56 -35.50
N PHE I 14 3.77 19.47 -35.33
CA PHE I 14 3.49 20.86 -34.95
C PHE I 14 3.81 21.75 -36.13
N ILE I 15 2.76 22.38 -36.68
CA ILE I 15 2.92 23.34 -37.77
C ILE I 15 2.89 24.75 -37.17
N VAL I 16 4.00 25.46 -37.33
CA VAL I 16 4.21 26.77 -36.76
C VAL I 16 4.76 27.70 -37.82
N LYS I 17 4.57 28.99 -37.62
CA LYS I 17 5.07 29.99 -38.56
C LYS I 17 6.59 29.89 -38.66
N ARG I 18 7.09 30.00 -39.89
CA ARG I 18 8.53 29.86 -40.10
C ARG I 18 9.28 30.92 -39.31
N GLU I 19 8.79 32.17 -39.34
CA GLU I 19 9.49 33.23 -38.62
C GLU I 19 9.54 32.95 -37.13
N HIS I 20 8.49 32.32 -36.57
CA HIS I 20 8.49 31.97 -35.15
C HIS I 20 9.49 30.86 -34.86
N ALA I 21 9.50 29.80 -35.68
CA ALA I 21 10.45 28.72 -35.45
C ALA I 21 11.89 29.19 -35.55
N LEU I 22 12.14 30.26 -36.29
CA LEU I 22 13.48 30.85 -36.36
C LEU I 22 13.94 31.41 -35.02
N THR I 23 13.05 31.49 -34.03
CA THR I 23 13.46 31.77 -32.66
C THR I 23 14.54 30.80 -32.21
N SER I 24 14.48 29.56 -32.69
CA SER I 24 15.50 28.58 -32.42
C SER I 24 16.67 28.81 -33.37
N GLY I 25 17.86 29.04 -32.81
CA GLY I 25 19.04 29.13 -33.65
C GLY I 25 19.36 27.82 -34.32
N THR I 26 19.03 26.71 -33.66
CA THR I 26 19.23 25.40 -34.28
C THR I 26 18.33 25.23 -35.50
N ILE I 27 17.04 25.55 -35.36
CA ILE I 27 16.13 25.46 -36.50
C ILE I 27 16.53 26.48 -37.57
N LYS I 28 16.99 27.66 -37.15
CA LYS I 28 17.42 28.66 -38.11
C LYS I 28 18.55 28.13 -38.97
N ALA I 29 19.46 27.35 -38.38
CA ALA I 29 20.58 26.80 -39.14
C ALA I 29 20.11 25.77 -40.17
N MET I 30 19.26 24.82 -39.75
CA MET I 30 18.78 23.81 -40.69
C MET I 30 17.99 24.41 -41.84
N LEU I 31 17.42 25.59 -41.68
CA LEU I 31 16.76 26.27 -42.79
C LEU I 31 17.69 27.33 -43.37
N ASN I 43 11.27 22.30 -45.27
CA ASN I 43 10.05 22.79 -44.62
C ASN I 43 9.63 21.87 -43.50
N GLU I 44 10.43 20.83 -43.24
CA GLU I 44 10.08 19.79 -42.29
C GLU I 44 11.30 19.43 -41.46
N VAL I 45 11.15 19.35 -40.15
CA VAL I 45 12.25 19.04 -39.24
C VAL I 45 11.77 17.99 -38.24
N ASN I 46 12.52 16.89 -38.12
CA ASN I 46 12.15 15.78 -37.27
C ASN I 46 13.06 15.75 -36.05
N PHE I 47 12.46 15.85 -34.85
CA PHE I 47 13.20 15.76 -33.59
C PHE I 47 12.93 14.40 -32.97
N ARG I 48 13.81 13.44 -33.24
CA ARG I 48 13.63 12.07 -32.77
C ARG I 48 13.78 11.93 -31.25
N GLU I 49 14.23 12.98 -30.55
CA GLU I 49 14.46 12.87 -29.11
C GLU I 49 13.66 13.87 -28.29
N ILE I 50 12.77 14.65 -28.89
CA ILE I 50 11.96 15.62 -28.16
C ILE I 50 10.50 15.16 -28.20
N PRO I 51 9.92 14.76 -27.06
CA PRO I 51 8.52 14.29 -27.06
C PRO I 51 7.53 15.46 -27.17
N SER I 52 6.29 15.08 -27.45
CA SER I 52 5.27 16.08 -27.77
C SER I 52 4.97 16.99 -26.61
N HIS I 53 4.94 16.46 -25.38
CA HIS I 53 4.65 17.34 -24.24
C HIS I 53 5.73 18.39 -24.05
N VAL I 54 6.91 18.20 -24.62
CA VAL I 54 7.96 19.21 -24.58
C VAL I 54 7.90 20.10 -25.82
N LEU I 55 7.77 19.49 -26.99
CA LEU I 55 7.79 20.24 -28.23
C LEU I 55 6.62 21.21 -28.33
N SER I 56 5.44 20.81 -27.82
CA SER I 56 4.30 21.72 -27.82
C SER I 56 4.59 22.96 -26.99
N LYS I 57 5.26 22.79 -25.84
CA LYS I 57 5.62 23.94 -25.02
C LYS I 57 6.68 24.80 -25.71
N VAL I 58 7.62 24.16 -26.40
CA VAL I 58 8.61 24.91 -27.17
C VAL I 58 7.90 25.82 -28.18
N CYS I 59 6.88 25.29 -28.87
CA CYS I 59 6.18 26.09 -29.86
C CYS I 59 5.47 27.27 -29.22
N MET I 60 4.91 27.07 -28.03
CA MET I 60 4.32 28.18 -27.30
C MET I 60 5.39 29.23 -26.97
N TYR I 61 6.58 28.78 -26.60
CA TYR I 61 7.66 29.72 -26.33
C TYR I 61 7.99 30.55 -27.57
N PHE I 62 7.99 29.91 -28.75
CA PHE I 62 8.27 30.64 -29.99
C PHE I 62 7.31 31.82 -30.15
N THR I 63 6.02 31.57 -29.99
CA THR I 63 5.03 32.63 -30.13
C THR I 63 5.27 33.73 -29.12
N TYR I 64 5.48 33.34 -27.86
CA TYR I 64 5.72 34.28 -26.78
C TYR I 64 6.97 35.11 -27.05
N LYS I 65 8.05 34.45 -27.48
CA LYS I 65 9.29 35.17 -27.69
C LYS I 65 9.15 36.18 -28.82
N VAL I 66 8.49 35.80 -29.91
CA VAL I 66 8.29 36.75 -31.01
C VAL I 66 7.42 37.92 -30.56
N ARG I 67 6.36 37.63 -29.79
CA ARG I 67 5.46 38.70 -29.37
C ARG I 67 6.14 39.68 -28.41
N TYR I 68 7.04 39.22 -27.55
CA TYR I 68 7.53 40.05 -26.45
C TYR I 68 9.02 40.39 -26.58
N THR I 69 9.49 40.61 -27.79
CA THR I 69 10.80 41.24 -27.99
C THR I 69 10.62 42.47 -28.86
N ASN I 70 11.42 43.50 -28.56
CA ASN I 70 11.22 44.83 -29.11
C ASN I 70 9.77 45.27 -28.94
N SER I 71 9.21 44.96 -27.77
CA SER I 71 7.85 45.31 -27.43
C SER I 71 7.85 46.37 -26.33
N SER I 72 6.89 47.29 -26.40
CA SER I 72 6.73 48.29 -25.37
C SER I 72 5.87 47.80 -24.21
N THR I 73 5.16 46.69 -24.39
CA THR I 73 4.24 46.17 -23.38
C THR I 73 4.97 45.35 -22.33
N GLU I 74 4.43 45.35 -21.11
CA GLU I 74 4.95 44.52 -20.04
C GLU I 74 4.99 43.05 -20.46
N ILE I 75 6.07 42.37 -20.12
CA ILE I 75 6.30 40.99 -20.52
C ILE I 75 5.70 40.07 -19.46
N PRO I 76 4.72 39.25 -19.79
CA PRO I 76 4.07 38.40 -18.79
C PRO I 76 4.89 37.14 -18.52
N GLU I 77 4.42 36.36 -17.56
CA GLU I 77 5.12 35.14 -17.19
C GLU I 77 4.93 34.06 -18.23
N PHE I 78 5.97 33.25 -18.43
CA PHE I 78 5.87 32.07 -19.27
C PHE I 78 5.70 30.84 -18.39
N PRO I 79 4.55 30.17 -18.40
CA PRO I 79 4.29 29.11 -17.42
C PRO I 79 4.98 27.81 -17.82
N ILE I 80 5.71 27.22 -16.87
CA ILE I 80 6.40 25.95 -17.10
C ILE I 80 6.12 25.04 -15.90
N ALA I 81 5.47 23.90 -16.16
CA ALA I 81 5.23 22.94 -15.10
C ALA I 81 6.54 22.26 -14.69
N PRO I 82 6.78 22.06 -13.39
CA PRO I 82 7.99 21.34 -12.95
C PRO I 82 8.20 19.99 -13.62
N GLU I 83 7.11 19.28 -13.94
CA GLU I 83 7.23 17.95 -14.53
C GLU I 83 7.86 17.97 -15.91
N ILE I 84 7.82 19.10 -16.61
CA ILE I 84 8.44 19.16 -17.93
C ILE I 84 9.74 19.96 -17.93
N ALA I 85 10.10 20.59 -16.81
CA ALA I 85 11.16 21.60 -16.82
C ALA I 85 12.50 21.01 -17.25
N LEU I 86 12.79 19.77 -16.86
CA LEU I 86 14.11 19.22 -17.13
C LEU I 86 14.24 18.85 -18.61
N GLU I 87 13.24 18.18 -19.16
CA GLU I 87 13.26 17.87 -20.60
C GLU I 87 13.20 19.14 -21.42
N LEU I 88 12.43 20.13 -20.96
CA LEU I 88 12.33 21.40 -21.69
C LEU I 88 13.67 22.11 -21.70
N LEU I 89 14.37 22.12 -20.58
CA LEU I 89 15.70 22.69 -20.53
C LEU I 89 16.61 22.02 -21.55
N MET I 90 16.57 20.69 -21.61
CA MET I 90 17.43 19.98 -22.54
C MET I 90 17.04 20.29 -23.98
N ALA I 91 15.73 20.31 -24.26
CA ALA I 91 15.25 20.69 -25.58
C ALA I 91 15.63 22.13 -25.90
N ALA I 92 15.43 23.05 -24.95
CA ALA I 92 15.78 24.45 -25.19
C ALA I 92 17.27 24.59 -25.45
N ASN I 93 18.10 23.86 -24.70
CA ASN I 93 19.54 23.91 -24.93
C ASN I 93 19.90 23.35 -26.30
N PHE I 94 19.31 22.21 -26.65
CA PHE I 94 19.53 21.65 -27.98
C PHE I 94 19.12 22.62 -29.08
N LEU I 95 17.97 23.30 -28.90
CA LEU I 95 17.43 24.19 -29.92
C LEU I 95 18.07 25.56 -29.91
N ASP I 96 18.90 25.88 -28.93
CA ASP I 96 19.52 27.19 -28.82
C ASP I 96 18.46 28.30 -28.82
N CYS I 97 17.56 28.22 -27.83
CA CYS I 97 16.54 29.24 -27.66
C CYS I 97 16.16 29.43 -26.18
N SER J 1 9.63 -1.65 72.01
CA SER J 1 8.59 -2.66 71.86
C SER J 1 7.71 -2.32 70.66
N MET J 2 7.38 -1.02 70.52
CA MET J 2 6.97 -0.52 69.22
C MET J 2 8.13 -0.56 68.22
N GLN J 3 9.36 -0.71 68.72
CA GLN J 3 10.54 -0.86 67.88
C GLN J 3 10.66 0.30 66.88
N ALA J 4 10.76 1.51 67.44
CA ALA J 4 10.84 2.69 66.60
C ALA J 4 12.00 2.61 65.60
N ALA J 5 13.10 1.96 65.97
CA ALA J 5 14.23 1.91 65.05
C ALA J 5 13.91 1.04 63.85
N ARG J 6 13.17 -0.06 64.05
CA ARG J 6 12.73 -0.86 62.90
C ARG J 6 11.71 -0.09 62.07
N LEU J 7 10.76 0.57 62.73
CA LEU J 7 9.82 1.41 62.00
C LEU J 7 10.53 2.47 61.18
N ALA J 8 11.59 3.07 61.72
CA ALA J 8 12.30 4.11 60.98
C ALA J 8 12.93 3.53 59.71
N LYS J 9 13.48 2.33 59.80
CA LYS J 9 14.07 1.68 58.63
C LYS J 9 12.99 1.33 57.62
N ALA J 10 11.85 0.83 58.08
CA ALA J 10 10.76 0.47 57.18
C ALA J 10 10.21 1.71 56.48
N LEU J 11 10.12 2.84 57.18
CA LEU J 11 9.62 4.04 56.53
C LEU J 11 10.66 4.61 55.58
N ARG J 12 11.96 4.42 55.87
CA ARG J 12 12.99 4.80 54.92
C ARG J 12 12.90 3.97 53.65
N GLU J 13 12.75 2.65 53.79
CA GLU J 13 12.52 1.78 52.65
C GLU J 13 11.32 2.27 51.85
N LEU J 14 10.24 2.59 52.55
CA LEU J 14 9.01 3.02 51.89
C LEU J 14 9.23 4.30 51.10
N GLY J 15 9.99 5.24 51.65
CA GLY J 15 10.34 6.42 50.90
C GLY J 15 11.19 6.14 49.68
N GLN J 16 11.93 5.03 49.68
CA GLN J 16 12.75 4.69 48.53
C GLN J 16 11.94 4.16 47.34
N THR J 17 10.72 3.66 47.59
CA THR J 17 9.98 2.96 46.55
C THR J 17 9.61 3.86 45.38
N GLY J 18 9.32 5.12 45.66
CA GLY J 18 8.69 6.00 44.67
C GLY J 18 7.20 5.80 44.52
N TRP J 19 6.56 4.95 45.33
CA TRP J 19 5.12 4.77 45.23
C TRP J 19 4.45 4.90 46.60
N TYR J 20 5.11 5.59 47.54
CA TYR J 20 4.49 6.02 48.78
C TYR J 20 4.01 7.47 48.61
N TRP J 21 2.71 7.68 48.71
CA TRP J 21 2.11 8.98 48.41
C TRP J 21 1.84 9.82 49.67
N GLY J 22 2.30 9.38 50.84
CA GLY J 22 2.19 10.24 52.01
C GLY J 22 0.74 10.49 52.44
N SER J 23 0.42 11.73 52.79
CA SER J 23 -0.90 12.04 53.36
C SER J 23 -1.98 12.23 52.30
N MET J 24 -1.97 11.39 51.28
CA MET J 24 -3.03 11.28 50.30
C MET J 24 -4.30 10.66 50.91
N THR J 25 -5.45 11.24 50.60
CA THR J 25 -6.73 10.73 51.14
C THR J 25 -7.27 9.62 50.26
N VAL J 26 -8.28 8.91 50.79
CA VAL J 26 -8.89 7.82 50.03
C VAL J 26 -9.50 8.35 48.75
N ASN J 27 -10.08 9.55 48.78
CA ASN J 27 -10.71 10.07 47.57
C ASN J 27 -9.67 10.49 46.54
N GLU J 28 -8.53 11.03 46.98
CA GLU J 28 -7.45 11.36 46.06
C GLU J 28 -6.85 10.12 45.42
N ALA J 29 -6.67 9.05 46.20
CA ALA J 29 -6.15 7.81 45.62
C ALA J 29 -7.12 7.26 44.59
N LYS J 30 -8.42 7.39 44.83
CA LYS J 30 -9.39 6.87 43.87
C LYS J 30 -9.25 7.60 42.55
N GLU J 31 -9.07 8.92 42.62
CA GLU J 31 -8.95 9.69 41.39
C GLU J 31 -7.68 9.33 40.64
N LYS J 32 -6.57 9.10 41.36
CA LYS J 32 -5.34 8.74 40.68
C LYS J 32 -5.43 7.35 40.04
N LEU J 33 -6.18 6.43 40.65
CA LEU J 33 -6.20 5.05 40.20
C LEU J 33 -7.38 4.71 39.29
N LYS J 34 -8.32 5.65 39.12
CA LYS J 34 -9.60 5.37 38.49
C LYS J 34 -9.46 4.67 37.13
N GLU J 35 -8.51 5.11 36.31
CA GLU J 35 -8.39 4.61 34.95
C GLU J 35 -7.14 3.77 34.76
N ALA J 36 -6.53 3.32 35.86
CA ALA J 36 -5.33 2.52 35.78
C ALA J 36 -5.69 1.05 35.54
N PRO J 37 -4.72 0.25 35.06
CA PRO J 37 -4.98 -1.18 34.86
C PRO J 37 -5.29 -1.87 36.18
N GLU J 38 -6.08 -2.93 36.08
CA GLU J 38 -6.36 -3.79 37.23
C GLU J 38 -5.06 -4.15 37.94
N GLY J 39 -5.06 -4.00 39.27
CA GLY J 39 -3.89 -4.33 40.07
C GLY J 39 -2.92 -3.18 40.31
N THR J 40 -3.06 -2.05 39.61
CA THR J 40 -2.20 -0.90 39.88
C THR J 40 -2.45 -0.42 41.30
N PHE J 41 -1.36 -0.22 42.06
CA PHE J 41 -1.52 0.06 43.48
C PHE J 41 -0.61 1.20 43.92
N LEU J 42 -0.93 1.76 45.08
CA LEU J 42 -0.04 2.69 45.77
C LEU J 42 -0.23 2.47 47.27
N ILE J 43 0.71 3.00 48.05
CA ILE J 43 0.61 3.02 49.50
C ILE J 43 0.54 4.47 49.95
N ARG J 44 -0.21 4.73 51.02
CA ARG J 44 -0.45 6.08 51.51
C ARG J 44 -0.75 5.97 53.00
N ASP J 45 -0.79 7.10 53.69
CA ASP J 45 -1.26 7.07 55.08
C ASP J 45 -2.74 6.73 55.17
N SER J 46 -3.13 6.17 56.30
CA SER J 46 -4.54 5.85 56.60
C SER J 46 -5.20 6.96 57.40
N SER J 47 -6.48 7.23 57.11
CA SER J 47 -7.26 8.11 57.97
C SER J 47 -7.62 7.46 59.31
N HIS J 48 -7.39 6.16 59.46
CA HIS J 48 -7.81 5.41 60.64
C HIS J 48 -6.76 5.48 61.74
N SER J 49 -7.21 5.62 62.99
CA SER J 49 -6.25 5.77 64.08
C SER J 49 -5.52 4.48 64.42
N ASP J 50 -6.01 3.32 64.01
CA ASP J 50 -5.41 2.06 64.43
C ASP J 50 -4.50 1.47 63.37
N TYR J 51 -4.35 2.12 62.22
CA TYR J 51 -3.55 1.58 61.13
C TYR J 51 -2.56 2.64 60.68
N LEU J 52 -1.39 2.18 60.26
CA LEU J 52 -0.34 3.09 59.85
C LEU J 52 -0.46 3.51 58.40
N LEU J 53 -0.86 2.58 57.54
CA LEU J 53 -0.80 2.80 56.11
C LEU J 53 -2.02 2.14 55.47
N THR J 54 -2.32 2.56 54.23
CA THR J 54 -3.37 1.94 53.46
C THR J 54 -2.87 1.63 52.06
N ILE J 55 -3.22 0.46 51.57
CA ILE J 55 -3.01 0.10 50.16
C ILE J 55 -4.25 0.55 49.38
N SER J 56 -4.05 1.28 48.29
CA SER J 56 -5.12 1.55 47.36
C SER J 56 -4.78 0.88 46.04
N VAL J 57 -5.76 0.17 45.47
CA VAL J 57 -5.48 -0.69 44.31
C VAL J 57 -6.69 -0.70 43.40
N LYS J 58 -6.44 -0.69 42.09
CA LYS J 58 -7.50 -0.75 41.10
C LYS J 58 -8.05 -2.18 40.98
N THR J 59 -9.35 -2.31 41.11
CA THR J 59 -10.07 -3.54 40.76
C THR J 59 -10.94 -3.26 39.55
N SER J 60 -11.54 -4.32 39.00
CA SER J 60 -12.43 -4.15 37.86
C SER J 60 -13.64 -3.32 38.22
N ALA J 61 -13.99 -3.26 39.50
CA ALA J 61 -15.13 -2.48 39.96
C ALA J 61 -14.72 -1.09 40.44
N GLY J 62 -13.45 -0.73 40.23
CA GLY J 62 -12.94 0.54 40.71
C GLY J 62 -11.89 0.37 41.79
N PRO J 63 -11.29 1.49 42.20
CA PRO J 63 -10.28 1.43 43.26
C PRO J 63 -10.86 0.93 44.59
N THR J 64 -10.05 0.17 45.32
CA THR J 64 -10.44 -0.31 46.63
C THR J 64 -9.27 -0.07 47.57
N ASN J 65 -9.49 -0.33 48.86
CA ASN J 65 -8.54 0.07 49.87
C ASN J 65 -8.42 -1.00 50.95
N LEU J 66 -7.20 -1.21 51.42
CA LEU J 66 -6.93 -2.22 52.44
C LEU J 66 -5.86 -1.69 53.38
N ARG J 67 -6.17 -1.64 54.67
CA ARG J 67 -5.27 -1.04 55.65
C ARG J 67 -4.17 -2.01 56.08
N ILE J 68 -3.07 -1.43 56.57
CA ILE J 68 -1.92 -2.17 57.07
C ILE J 68 -1.71 -1.78 58.52
N GLU J 69 -1.63 -2.77 59.39
CA GLU J 69 -1.37 -2.50 60.79
C GLU J 69 0.12 -2.68 61.08
N TYR J 70 0.60 -1.97 62.09
CA TYR J 70 1.97 -2.12 62.60
C TYR J 70 1.87 -2.34 64.10
N GLN J 71 2.30 -3.49 64.57
CA GLN J 71 2.15 -3.81 65.99
C GLN J 71 3.24 -4.77 66.41
N ASP J 72 3.84 -4.50 67.57
CA ASP J 72 4.94 -5.29 68.12
C ASP J 72 6.05 -5.47 67.08
N GLY J 73 6.28 -4.44 66.28
CA GLY J 73 7.36 -4.42 65.32
C GLY J 73 7.11 -5.19 64.04
N LYS J 74 5.85 -5.53 63.76
CA LYS J 74 5.51 -6.30 62.57
C LYS J 74 4.42 -5.57 61.80
N PHE J 75 4.51 -5.66 60.47
CA PHE J 75 3.46 -5.19 59.58
C PHE J 75 2.59 -6.36 59.16
N ARG J 76 1.30 -6.09 59.01
CA ARG J 76 0.34 -7.13 58.65
C ARG J 76 -0.83 -6.44 57.97
N LEU J 77 -1.45 -7.15 57.02
CA LEU J 77 -2.68 -6.68 56.43
C LEU J 77 -3.77 -6.64 57.52
N ASP J 78 -4.78 -5.81 57.29
CA ASP J 78 -5.88 -5.60 58.24
C ASP J 78 -6.48 -6.94 58.65
N SER J 79 -6.28 -7.32 59.92
CA SER J 79 -6.70 -8.65 60.39
C SER J 79 -8.17 -8.70 60.77
N ILE J 80 -8.89 -7.58 60.71
CA ILE J 80 -10.34 -7.60 60.90
C ILE J 80 -11.05 -7.79 59.58
N ILE J 81 -10.50 -7.17 58.54
CA ILE J 81 -11.08 -7.31 57.21
C ILE J 81 -10.80 -8.71 56.64
N CYS J 82 -9.56 -9.19 56.76
CA CYS J 82 -9.24 -10.54 56.30
C CYS J 82 -9.37 -11.61 57.38
N VAL J 83 -9.63 -11.22 58.64
CA VAL J 83 -10.02 -12.12 59.73
C VAL J 83 -9.17 -13.38 59.78
N LYS J 84 -7.84 -13.22 59.78
CA LYS J 84 -6.96 -14.37 59.64
C LYS J 84 -5.76 -14.27 60.56
N SER J 85 -5.51 -15.34 61.31
CA SER J 85 -4.15 -15.64 61.74
C SER J 85 -3.31 -16.17 60.60
N LYS J 86 -3.95 -16.48 59.46
CA LYS J 86 -3.24 -16.87 58.25
C LYS J 86 -2.39 -15.73 57.70
N LEU J 87 -2.66 -14.49 58.08
CA LEU J 87 -1.95 -13.34 57.53
C LEU J 87 -0.49 -13.36 57.96
N LYS J 88 0.42 -13.32 56.99
CA LYS J 88 1.84 -13.27 57.31
C LYS J 88 2.21 -11.94 57.96
N GLN J 89 3.22 -11.96 58.82
CA GLN J 89 3.74 -10.73 59.39
C GLN J 89 5.13 -10.45 58.84
N PHE J 90 5.46 -9.17 58.70
CA PHE J 90 6.66 -8.72 58.01
C PHE J 90 7.38 -7.66 58.84
N ASP J 91 8.72 -7.67 58.77
CA ASP J 91 9.52 -6.61 59.38
C ASP J 91 9.54 -5.35 58.52
N SER J 92 9.16 -5.47 57.27
CA SER J 92 9.27 -4.39 56.31
C SER J 92 7.94 -4.28 55.59
N VAL J 93 7.45 -3.05 55.39
CA VAL J 93 6.20 -2.94 54.66
C VAL J 93 6.42 -3.12 53.16
N VAL J 94 7.59 -2.73 52.63
CA VAL J 94 7.84 -3.02 51.23
C VAL J 94 7.92 -4.52 51.01
N HIS J 95 8.51 -5.25 51.97
CA HIS J 95 8.52 -6.70 51.89
C HIS J 95 7.10 -7.26 51.85
N LEU J 96 6.20 -6.74 52.71
CA LEU J 96 4.80 -7.14 52.69
C LEU J 96 4.20 -6.96 51.30
N ILE J 97 4.37 -5.79 50.70
CA ILE J 97 3.82 -5.56 49.36
C ILE J 97 4.48 -6.50 48.35
N ASP J 98 5.81 -6.58 48.37
CA ASP J 98 6.54 -7.45 47.45
C ASP J 98 6.04 -8.88 47.54
N TYR J 99 5.74 -9.35 48.75
CA TYR J 99 5.26 -10.72 48.92
C TYR J 99 3.95 -10.94 48.18
N TYR J 100 2.98 -10.02 48.38
CA TYR J 100 1.67 -10.21 47.78
C TYR J 100 1.71 -10.00 46.27
N VAL J 101 2.53 -9.06 45.79
CA VAL J 101 2.78 -8.94 44.34
C VAL J 101 3.27 -10.26 43.76
N GLN J 102 4.31 -10.86 44.38
CA GLN J 102 4.82 -12.13 43.90
C GLN J 102 3.75 -13.22 43.97
N MET J 103 2.97 -13.23 45.05
CA MET J 103 1.91 -14.24 45.18
C MET J 103 0.93 -14.13 44.02
N CYS J 104 0.60 -12.90 43.61
CA CYS J 104 -0.29 -12.72 42.47
C CYS J 104 0.38 -13.12 41.16
N LYS J 105 1.69 -13.22 41.11
CA LYS J 105 2.38 -13.61 39.88
C LYS J 105 2.58 -15.13 39.84
N HIS J 120 -8.35 -11.54 48.85
CA HIS J 120 -8.88 -11.00 47.61
C HIS J 120 -8.01 -9.86 47.08
N LEU J 121 -6.76 -9.79 47.55
CA LEU J 121 -5.87 -8.71 47.17
C LEU J 121 -5.13 -9.10 45.89
N TYR J 122 -5.30 -8.29 44.84
CA TYR J 122 -4.60 -8.49 43.57
C TYR J 122 -3.78 -7.25 43.25
N LEU J 123 -2.46 -7.39 43.34
CA LEU J 123 -1.52 -6.31 43.07
C LEU J 123 -0.64 -6.66 41.89
N THR J 124 -0.43 -5.68 41.00
CA THR J 124 0.48 -5.89 39.87
C THR J 124 1.60 -4.86 39.90
N LYS J 125 1.34 -3.62 39.52
CA LYS J 125 2.39 -2.64 39.35
C LYS J 125 2.07 -1.38 40.15
N PRO J 126 3.09 -0.75 40.69
CA PRO J 126 2.87 0.47 41.50
C PRO J 126 2.65 1.71 40.65
N LEU J 127 1.93 2.67 41.23
CA LEU J 127 1.72 4.00 40.66
C LEU J 127 2.78 4.92 41.26
N TYR J 128 3.75 5.33 40.46
CA TYR J 128 4.88 6.10 40.97
C TYR J 128 4.53 7.57 41.15
N THR J 129 5.03 8.16 42.22
CA THR J 129 4.96 9.60 42.40
C THR J 129 6.01 10.34 41.59
N SER J 130 7.14 9.70 41.31
CA SER J 130 8.25 10.33 40.61
C SER J 130 9.12 9.22 40.05
N ALA J 131 9.89 9.54 39.01
CA ALA J 131 10.69 8.53 38.35
C ALA J 131 11.87 8.18 39.24
N PRO J 132 12.10 6.90 39.53
CA PRO J 132 13.27 6.51 40.34
C PRO J 132 14.57 6.77 39.59
N SER J 133 15.66 6.75 40.36
CA SER J 133 16.98 6.75 39.75
C SER J 133 17.17 5.54 38.83
N LEU J 134 18.06 5.69 37.84
CA LEU J 134 18.35 4.55 36.98
C LEU J 134 18.98 3.40 37.77
N GLN J 135 19.80 3.72 38.78
CA GLN J 135 20.38 2.68 39.63
C GLN J 135 19.30 1.88 40.32
N HIS J 136 18.26 2.57 40.80
CA HIS J 136 17.19 1.86 41.49
C HIS J 136 16.40 1.01 40.50
N LEU J 137 16.16 1.51 39.29
CA LEU J 137 15.43 0.74 38.30
C LEU J 137 16.21 -0.53 37.93
N CYS J 138 17.54 -0.42 37.79
CA CYS J 138 18.34 -1.61 37.52
C CYS J 138 18.25 -2.61 38.67
N ARG J 139 18.31 -2.12 39.91
CA ARG J 139 18.19 -2.97 41.08
C ARG J 139 16.86 -3.74 41.06
N LEU J 140 15.77 -3.07 40.70
CA LEU J 140 14.47 -3.75 40.58
C LEU J 140 14.53 -4.86 39.54
N THR J 141 15.11 -4.55 38.37
CA THR J 141 15.20 -5.55 37.31
C THR J 141 16.05 -6.73 37.76
N ILE J 142 17.17 -6.45 38.41
CA ILE J 142 18.02 -7.55 38.87
C ILE J 142 17.27 -8.40 39.91
N ASN J 143 16.58 -7.74 40.84
CA ASN J 143 15.82 -8.46 41.88
C ASN J 143 14.72 -9.31 41.28
N LYS J 144 14.14 -8.89 40.15
CA LYS J 144 13.15 -9.73 39.51
C LYS J 144 13.76 -10.97 38.87
N CYS J 145 15.05 -10.95 38.56
CA CYS J 145 15.70 -12.12 37.99
C CYS J 145 16.25 -13.07 39.05
N THR J 146 16.78 -12.56 40.16
CA THR J 146 17.39 -13.45 41.14
C THR J 146 17.46 -12.77 42.50
N GLY J 147 17.52 -13.62 43.54
CA GLY J 147 17.83 -13.12 44.87
C GLY J 147 19.28 -13.36 45.22
N ALA J 148 20.02 -14.03 44.33
CA ALA J 148 21.38 -14.49 44.63
C ALA J 148 22.40 -13.41 44.26
N ILE J 149 22.34 -12.31 45.02
CA ILE J 149 23.24 -11.18 44.75
C ILE J 149 24.70 -11.58 44.94
N TRP J 150 24.96 -12.48 45.89
CA TRP J 150 26.32 -12.82 46.29
C TRP J 150 27.17 -13.33 45.13
N GLY J 151 26.55 -13.96 44.14
CA GLY J 151 27.28 -14.56 43.04
C GLY J 151 27.32 -13.76 41.75
N LEU J 152 26.79 -12.55 41.73
CA LEU J 152 26.72 -11.74 40.52
C LEU J 152 28.10 -11.22 40.13
N PRO J 153 28.37 -11.08 38.82
CA PRO J 153 29.65 -10.45 38.40
C PRO J 153 29.59 -8.94 38.57
N LEU J 154 29.61 -8.51 39.82
CA LEU J 154 29.54 -7.10 40.16
C LEU J 154 30.55 -6.81 41.25
N PRO J 155 31.05 -5.58 41.33
CA PRO J 155 31.93 -5.22 42.45
C PRO J 155 31.16 -5.24 43.76
N THR J 156 31.93 -5.34 44.84
CA THR J 156 31.33 -5.55 46.17
C THR J 156 30.40 -4.41 46.55
N ARG J 157 30.78 -3.16 46.27
CA ARG J 157 29.94 -2.05 46.68
C ARG J 157 28.61 -2.04 45.94
N LEU J 158 28.56 -2.58 44.72
CA LEU J 158 27.27 -2.67 44.06
C LEU J 158 26.44 -3.84 44.59
N LYS J 159 27.09 -4.94 44.97
CA LYS J 159 26.37 -5.97 45.72
C LYS J 159 25.76 -5.38 47.00
N ASP J 160 26.53 -4.58 47.74
CA ASP J 160 26.01 -3.96 48.94
C ASP J 160 24.82 -3.04 48.61
N TYR J 161 24.90 -2.33 47.49
CA TYR J 161 23.77 -1.51 47.06
C TYR J 161 22.54 -2.36 46.80
N LEU J 162 22.70 -3.47 46.11
CA LEU J 162 21.55 -4.34 45.84
C LEU J 162 20.95 -4.88 47.13
N GLU J 163 21.80 -5.21 48.11
CA GLU J 163 21.31 -5.76 49.37
C GLU J 163 20.48 -4.76 50.17
N GLU J 164 20.65 -3.47 49.92
CA GLU J 164 19.91 -2.45 50.65
C GLU J 164 18.42 -2.44 50.31
N TYR J 165 18.04 -3.04 49.19
CA TYR J 165 16.65 -3.00 48.71
C TYR J 165 16.47 -4.25 47.85
N LYS J 166 16.01 -5.32 48.49
CA LYS J 166 15.95 -6.64 47.88
C LYS J 166 14.67 -6.88 47.09
N PHE J 167 13.79 -5.90 47.00
CA PHE J 167 12.43 -6.13 46.55
C PHE J 167 12.29 -5.97 45.04
N GLN J 168 11.27 -6.62 44.49
CA GLN J 168 11.02 -6.61 43.05
C GLN J 168 10.07 -5.50 42.64
N VAL J 169 9.57 -4.75 43.60
CA VAL J 169 8.69 -3.64 43.33
C VAL J 169 9.23 -2.43 44.07
N MET K 1 6.82 18.07 22.33
CA MET K 1 6.71 17.16 23.46
C MET K 1 6.12 15.85 22.99
N ASP K 2 5.57 15.87 21.78
CA ASP K 2 4.70 14.77 21.40
C ASP K 2 5.50 13.51 21.01
N VAL K 3 6.61 13.58 20.24
CA VAL K 3 7.27 12.33 19.79
C VAL K 3 8.78 12.33 20.02
N PHE K 4 9.28 11.18 20.45
CA PHE K 4 10.68 11.02 20.85
C PHE K 4 11.39 10.05 19.92
N LEU K 5 12.54 10.45 19.40
CA LEU K 5 13.14 9.82 18.26
C LEU K 5 14.61 9.53 18.52
N MET K 6 15.10 8.54 17.78
CA MET K 6 16.51 8.17 17.64
C MET K 6 16.78 8.31 16.15
N ILE K 7 17.54 9.32 15.74
CA ILE K 7 17.91 9.49 14.34
C ILE K 7 19.29 8.87 14.14
N ARG K 8 19.38 7.84 13.28
CA ARG K 8 20.56 6.97 13.26
C ARG K 8 21.15 6.86 11.86
N ARG K 9 22.48 6.99 11.79
CA ARG K 9 23.26 6.81 10.59
C ARG K 9 24.62 6.26 11.01
N HIS K 10 25.06 5.17 10.35
CA HIS K 10 26.31 4.50 10.67
C HIS K 10 26.41 4.26 12.17
N LYS K 11 27.38 4.88 12.84
CA LYS K 11 27.54 4.76 14.29
C LYS K 11 27.16 6.04 15.02
N THR K 12 26.30 6.87 14.42
CA THR K 12 25.78 8.10 15.01
C THR K 12 24.32 7.91 15.36
N THR K 13 23.93 8.34 16.57
CA THR K 13 22.54 8.27 17.01
C THR K 13 22.20 9.61 17.66
N ILE K 14 21.23 10.32 17.08
CA ILE K 14 20.74 11.57 17.66
C ILE K 14 19.47 11.29 18.46
N PHE K 15 19.48 11.65 19.74
CA PHE K 15 18.25 11.60 20.54
C PHE K 15 17.63 12.98 20.46
N THR K 16 16.41 13.05 19.94
CA THR K 16 15.73 14.33 19.91
C THR K 16 14.22 14.09 19.87
N ASP K 17 13.47 15.18 19.92
CA ASP K 17 12.03 15.07 19.96
C ASP K 17 11.42 16.21 19.15
N ALA K 18 10.20 16.00 18.72
CA ALA K 18 9.46 16.95 17.90
C ALA K 18 7.98 16.70 18.14
N LYS K 19 7.13 17.38 17.40
CA LYS K 19 5.70 17.15 17.58
C LYS K 19 5.18 16.24 16.48
N GLU K 20 4.06 15.58 16.77
CA GLU K 20 3.36 14.81 15.74
C GLU K 20 3.06 15.67 14.52
N SER K 21 2.72 16.94 14.75
CA SER K 21 2.40 17.86 13.67
C SER K 21 3.62 18.47 12.99
N SER K 22 4.84 18.25 13.53
CA SER K 22 6.07 18.60 12.82
C SER K 22 6.13 17.84 11.50
N THR K 23 6.73 18.47 10.50
CA THR K 23 6.90 17.78 9.24
C THR K 23 8.28 17.14 9.15
N VAL K 24 8.40 16.22 8.19
CA VAL K 24 9.67 15.56 7.94
C VAL K 24 10.74 16.60 7.63
N PHE K 25 10.37 17.65 6.88
CA PHE K 25 11.35 18.69 6.55
C PHE K 25 11.85 19.40 7.80
N GLU K 26 10.96 19.70 8.73
CA GLU K 26 11.37 20.35 9.97
C GLU K 26 12.32 19.45 10.75
N LEU K 27 12.11 18.13 10.71
CA LEU K 27 13.07 17.21 11.32
C LEU K 27 14.44 17.29 10.66
N LYS K 28 14.46 17.41 9.33
CA LYS K 28 15.72 17.58 8.62
C LYS K 28 16.44 18.86 9.04
N ARG K 29 15.68 19.94 9.31
CA ARG K 29 16.31 21.14 9.82
C ARG K 29 16.97 20.89 11.18
N ILE K 30 16.37 20.03 12.01
CA ILE K 30 16.98 19.71 13.30
C ILE K 30 18.30 18.99 13.09
N VAL K 31 18.30 18.01 12.18
CA VAL K 31 19.52 17.29 11.83
C VAL K 31 20.55 18.24 11.25
N GLU K 32 20.12 19.17 10.40
CA GLU K 32 21.04 20.15 9.83
C GLU K 32 21.76 20.94 10.93
N GLY K 33 21.03 21.35 11.97
CA GLY K 33 21.67 22.11 13.04
C GLY K 33 22.75 21.30 13.76
N ILE K 34 22.58 19.98 13.81
CA ILE K 34 23.47 19.13 14.58
C ILE K 34 24.63 18.61 13.75
N LEU K 35 24.34 18.08 12.55
CA LEU K 35 25.35 17.44 11.73
C LEU K 35 25.80 18.27 10.53
N LYS K 36 25.20 19.44 10.31
CA LYS K 36 25.72 20.44 9.35
C LYS K 36 25.63 19.97 7.91
N ARG K 37 24.59 19.21 7.57
CA ARG K 37 24.26 18.90 6.20
C ARG K 37 22.85 19.38 5.89
N PRO K 38 22.64 20.01 4.75
CA PRO K 38 21.34 20.67 4.47
C PRO K 38 20.23 19.65 4.25
N PRO K 39 18.98 20.05 4.41
CA PRO K 39 17.88 19.09 4.23
C PRO K 39 17.87 18.40 2.87
N ASP K 40 18.24 19.10 1.79
CA ASP K 40 18.20 18.39 0.51
C ASP K 40 19.36 17.41 0.33
N GLU K 41 20.26 17.31 1.31
CA GLU K 41 21.28 16.27 1.29
C GLU K 41 20.97 15.15 2.29
N GLN K 42 19.72 15.08 2.74
CA GLN K 42 19.29 14.11 3.72
C GLN K 42 18.11 13.30 3.16
N ARG K 43 18.15 12.00 3.40
CA ARG K 43 16.97 11.17 3.28
C ARG K 43 16.66 10.61 4.66
N LEU K 44 15.40 10.68 5.06
CA LEU K 44 14.95 10.13 6.32
C LEU K 44 14.03 8.95 6.05
N TYR K 45 14.13 7.91 6.88
CA TYR K 45 13.44 6.66 6.66
C TYR K 45 12.73 6.23 7.92
N LYS K 46 11.57 5.62 7.77
CA LYS K 46 10.98 4.81 8.84
C LYS K 46 11.06 3.36 8.36
N ASP K 47 11.91 2.58 9.02
CA ASP K 47 12.34 1.29 8.50
C ASP K 47 12.88 1.46 7.08
N ASP K 48 12.33 0.77 6.09
CA ASP K 48 12.79 0.94 4.71
C ASP K 48 12.01 2.00 3.95
N GLN K 49 11.02 2.63 4.56
CA GLN K 49 10.14 3.57 3.87
C GLN K 49 10.77 4.95 3.88
N LEU K 50 11.08 5.47 2.70
CA LEU K 50 11.59 6.83 2.60
C LEU K 50 10.47 7.82 2.91
N LEU K 51 10.78 8.84 3.70
CA LEU K 51 9.78 9.77 4.24
C LEU K 51 9.69 11.03 3.37
N ASP K 52 8.46 11.44 3.07
CA ASP K 52 8.20 12.66 2.30
C ASP K 52 8.35 13.90 3.17
N ASP K 53 9.11 14.89 2.66
CA ASP K 53 9.35 16.15 3.37
C ASP K 53 8.07 16.80 3.88
N GLY K 54 6.98 16.69 3.12
CA GLY K 54 5.75 17.38 3.47
C GLY K 54 4.82 16.65 4.39
N LYS K 55 5.05 15.36 4.64
CA LYS K 55 4.21 14.64 5.59
C LYS K 55 4.55 15.05 7.02
N THR K 56 3.55 15.03 7.90
CA THR K 56 3.86 15.21 9.31
C THR K 56 4.45 13.92 9.86
N LEU K 57 5.17 14.06 10.98
CA LEU K 57 5.70 12.86 11.64
C LEU K 57 4.57 11.91 12.00
N GLY K 58 3.45 12.46 12.46
CA GLY K 58 2.31 11.61 12.79
C GLY K 58 1.80 10.82 11.60
N GLU K 59 1.75 11.47 10.43
CA GLU K 59 1.30 10.78 9.23
C GLU K 59 2.28 9.69 8.81
N CYS K 60 3.56 9.82 9.19
CA CYS K 60 4.54 8.79 8.86
C CYS K 60 4.50 7.62 9.83
N GLY K 61 3.71 7.71 10.89
CA GLY K 61 3.63 6.66 11.88
C GLY K 61 4.42 6.92 13.13
N PHE K 62 5.01 8.10 13.28
CA PHE K 62 5.65 8.52 14.53
C PHE K 62 4.59 9.18 15.39
N THR K 63 4.05 8.42 16.33
CA THR K 63 2.96 8.91 17.16
C THR K 63 3.42 8.92 18.61
N SER K 64 2.68 9.68 19.42
CA SER K 64 3.05 9.76 20.83
C SER K 64 3.04 8.42 21.54
N GLN K 65 2.30 7.41 21.05
CA GLN K 65 2.29 6.09 21.66
C GLN K 65 3.43 5.19 21.19
N THR K 66 3.92 5.41 19.98
CA THR K 66 4.95 4.58 19.41
C THR K 66 6.30 5.29 19.40
N ALA K 67 6.38 6.48 19.99
CA ALA K 67 7.64 7.21 20.01
C ALA K 67 7.75 7.87 21.39
N ARG K 68 8.01 7.04 22.43
N ARG K 68 8.07 7.06 22.38
CA ARG K 68 8.04 7.40 23.83
CA ARG K 68 8.02 7.51 23.77
C ARG K 68 9.43 7.85 24.25
C ARG K 68 9.41 7.79 24.30
N PRO K 69 9.53 8.66 25.32
CA PRO K 69 10.88 9.01 25.81
C PRO K 69 11.68 7.80 26.22
N GLN K 70 11.04 6.84 26.89
CA GLN K 70 11.69 5.60 27.33
C GLN K 70 11.83 4.57 26.22
N ALA K 71 11.26 4.82 25.04
CA ALA K 71 11.27 3.83 23.96
C ALA K 71 11.15 4.59 22.65
N PRO K 72 12.17 5.37 22.29
CA PRO K 72 12.04 6.27 21.14
C PRO K 72 11.99 5.51 19.83
N ALA K 73 11.30 6.09 18.85
CA ALA K 73 11.23 5.52 17.52
C ALA K 73 12.49 5.85 16.72
N THR K 74 12.94 4.89 15.91
CA THR K 74 14.15 5.07 15.10
C THR K 74 13.81 5.69 13.76
N VAL K 75 14.57 6.71 13.38
CA VAL K 75 14.50 7.33 12.06
C VAL K 75 15.85 7.08 11.41
N GLY K 76 15.86 6.38 10.29
CA GLY K 76 17.10 6.17 9.56
C GLY K 76 17.46 7.42 8.75
N LEU K 77 18.76 7.70 8.69
CA LEU K 77 19.29 8.87 7.99
C LEU K 77 20.37 8.46 7.01
N ALA K 78 20.23 8.92 5.78
CA ALA K 78 21.25 8.76 4.74
C ALA K 78 21.61 10.12 4.18
N PHE K 79 22.89 10.32 3.87
CA PHE K 79 23.41 11.57 3.35
C PHE K 79 23.72 11.47 1.86
N ARG K 80 23.71 12.62 1.20
CA ARG K 80 24.22 12.69 -0.16
C ARG K 80 25.64 12.15 -0.24
N ALA K 81 25.93 11.42 -1.31
CA ALA K 81 27.29 11.03 -1.69
C ALA K 81 27.47 11.36 -3.18
N ASP K 82 28.20 12.44 -3.47
CA ASP K 82 28.45 12.90 -4.84
C ASP K 82 27.12 13.25 -5.49
N ASP K 83 26.75 12.65 -6.61
CA ASP K 83 25.51 13.00 -7.30
C ASP K 83 24.33 12.14 -6.88
N THR K 84 24.50 11.33 -5.82
CA THR K 84 23.46 10.42 -5.40
C THR K 84 23.45 10.35 -3.88
N PHE K 85 22.59 9.50 -3.33
CA PHE K 85 22.56 9.27 -1.89
C PHE K 85 23.28 7.97 -1.55
N GLU K 86 23.98 7.97 -0.43
CA GLU K 86 24.45 6.70 0.11
C GLU K 86 23.26 5.80 0.43
N ALA K 87 23.49 4.50 0.39
CA ALA K 87 22.48 3.55 0.84
C ALA K 87 22.34 3.66 2.35
N LEU K 88 21.10 3.53 2.84
CA LEU K 88 20.88 3.58 4.28
C LEU K 88 21.69 2.49 4.98
N CYS K 89 22.44 2.89 6.00
CA CYS K 89 23.30 1.92 6.69
C CYS K 89 23.42 2.36 8.14
N ILE K 90 22.90 1.54 9.04
CA ILE K 90 22.91 1.81 10.47
C ILE K 90 23.66 0.67 11.12
N GLU K 91 24.70 0.97 11.89
CA GLU K 91 25.45 -0.11 12.55
C GLU K 91 24.74 -0.50 13.84
N PRO K 92 24.53 -1.80 14.08
CA PRO K 92 23.87 -2.20 15.33
C PRO K 92 24.68 -1.79 16.54
N PHE K 93 23.99 -1.64 17.66
CA PHE K 93 24.66 -1.50 18.94
C PHE K 93 25.36 -2.83 19.28
N SER K 94 26.24 -2.76 20.27
CA SER K 94 26.97 -3.94 20.71
C SER K 94 26.01 -4.97 21.31
N SER K 95 26.51 -6.20 21.45
CA SER K 95 25.69 -7.31 21.93
C SER K 95 25.91 -7.52 23.42
N PRO K 96 24.84 -7.69 24.20
CA PRO K 96 25.01 -7.97 25.61
C PRO K 96 25.70 -9.30 25.81
N PRO K 97 26.45 -9.45 26.90
CA PRO K 97 27.04 -10.77 27.21
C PRO K 97 25.96 -11.74 27.66
N GLU K 98 26.37 -13.01 27.76
CA GLU K 98 25.46 -14.06 28.20
C GLU K 98 24.94 -13.76 29.59
N LEU K 99 23.64 -13.97 29.78
CA LEU K 99 23.03 -13.79 31.09
C LEU K 99 23.44 -14.91 32.03
N PRO K 100 23.78 -14.60 33.28
CA PRO K 100 24.05 -15.67 34.26
C PRO K 100 22.86 -16.61 34.40
N ASP K 101 23.14 -17.92 34.52
CA ASP K 101 22.07 -18.90 34.54
C ASP K 101 21.06 -18.63 35.64
N VAL K 102 21.53 -18.15 36.80
CA VAL K 102 20.63 -17.89 37.91
C VAL K 102 19.66 -16.77 37.59
N MET K 103 19.94 -16.02 36.53
CA MET K 103 19.17 -14.86 36.11
C MET K 103 18.18 -15.24 35.00
N LYS K 104 18.32 -16.45 34.45
CA LYS K 104 17.48 -16.96 33.37
C LYS K 104 16.47 -18.00 33.88
N MET L 1 25.25 25.71 24.07
CA MET L 1 24.47 24.94 25.01
C MET L 1 23.21 24.38 24.36
N MET L 2 23.37 23.28 23.62
CA MET L 2 22.26 22.61 22.95
C MET L 2 22.40 21.10 23.06
N TYR L 3 23.37 20.54 22.35
CA TYR L 3 23.58 19.08 22.32
C TYR L 3 25.00 18.76 22.74
N VAL L 4 25.17 17.58 23.33
CA VAL L 4 26.49 17.04 23.66
C VAL L 4 26.63 15.68 22.98
N LYS L 5 27.87 15.25 22.80
CA LYS L 5 28.20 13.98 22.18
C LYS L 5 28.77 13.04 23.24
N LEU L 6 28.12 11.90 23.44
CA LEU L 6 28.57 10.87 24.38
C LEU L 6 29.02 9.67 23.56
N ILE L 7 30.26 9.23 23.76
CA ILE L 7 30.85 8.19 22.92
C ILE L 7 31.05 6.94 23.75
N SER L 8 30.52 5.83 23.25
CA SER L 8 30.62 4.56 23.96
C SER L 8 31.99 3.92 23.74
N SER L 9 32.24 2.85 24.49
CA SER L 9 33.51 2.15 24.39
C SER L 9 33.72 1.57 22.99
N ASP L 10 32.65 1.15 22.31
CA ASP L 10 32.78 0.60 20.97
C ASP L 10 32.64 1.65 19.87
N GLY L 11 32.66 2.94 20.23
CA GLY L 11 32.76 3.99 19.24
C GLY L 11 31.45 4.52 18.71
N HIS L 12 30.32 4.12 19.27
CA HIS L 12 29.07 4.75 18.89
C HIS L 12 28.99 6.16 19.49
N GLU L 13 28.47 7.10 18.70
CA GLU L 13 28.33 8.48 19.11
C GLU L 13 26.86 8.77 19.35
N PHE L 14 26.52 9.18 20.56
CA PHE L 14 25.15 9.50 20.95
C PHE L 14 25.04 11.00 21.17
N ILE L 15 24.21 11.67 20.37
CA ILE L 15 24.07 13.12 20.45
C ILE L 15 22.75 13.38 21.17
N VAL L 16 22.83 14.03 22.33
CA VAL L 16 21.68 14.19 23.21
C VAL L 16 21.67 15.63 23.69
N LYS L 17 20.48 16.10 24.06
CA LYS L 17 20.35 17.46 24.56
C LYS L 17 21.17 17.63 25.83
N ARG L 18 21.91 18.74 25.89
CA ARG L 18 22.74 19.02 27.06
C ARG L 18 21.90 19.00 28.34
N GLU L 19 20.74 19.65 28.31
CA GLU L 19 19.85 19.65 29.48
C GLU L 19 19.55 18.23 29.95
N HIS L 20 19.31 17.30 29.02
CA HIS L 20 18.96 15.95 29.39
C HIS L 20 20.17 15.19 29.94
N ALA L 21 21.33 15.39 29.33
CA ALA L 21 22.54 14.74 29.82
C ALA L 21 22.90 15.19 31.22
N LEU L 22 22.44 16.38 31.64
CA LEU L 22 22.72 16.83 33.00
C LEU L 22 21.95 16.04 34.05
N THR L 23 21.04 15.16 33.64
CA THR L 23 20.48 14.16 34.54
C THR L 23 21.57 13.38 35.24
N SER L 24 22.71 13.20 34.58
CA SER L 24 23.86 12.51 35.13
C SER L 24 24.69 13.47 35.97
N GLY L 25 24.75 13.23 37.28
CA GLY L 25 25.64 14.01 38.12
C GLY L 25 27.07 13.98 37.64
N THR L 26 27.52 12.83 37.12
CA THR L 26 28.89 12.71 36.64
C THR L 26 29.10 13.59 35.41
N ILE L 27 28.16 13.56 34.46
CA ILE L 27 28.25 14.41 33.28
C ILE L 27 28.10 15.87 33.67
N LYS L 28 27.16 16.18 34.57
CA LYS L 28 26.94 17.57 34.98
C LYS L 28 28.19 18.18 35.59
N ALA L 29 29.01 17.37 36.27
CA ALA L 29 30.24 17.88 36.84
C ALA L 29 31.30 18.13 35.77
N MET L 30 31.36 17.28 34.74
CA MET L 30 32.34 17.51 33.68
C MET L 30 31.96 18.71 32.82
N LEU L 31 30.72 19.14 32.85
CA LEU L 31 30.31 20.35 32.16
C LEU L 31 30.01 21.45 33.19
N ASN L 43 31.91 19.53 25.10
CA ASN L 43 31.05 19.14 23.99
C ASN L 43 31.00 17.62 23.78
N GLU L 44 32.01 16.92 24.27
CA GLU L 44 32.27 15.54 23.86
C GLU L 44 32.85 14.75 25.03
N VAL L 45 32.21 13.65 25.39
CA VAL L 45 32.61 12.82 26.51
C VAL L 45 32.81 11.38 26.01
N ASN L 46 33.93 10.77 26.39
CA ASN L 46 34.24 9.41 25.99
C ASN L 46 34.07 8.49 27.19
N PHE L 47 33.25 7.45 27.06
CA PHE L 47 33.06 6.48 28.13
C PHE L 47 33.80 5.21 27.73
N ARG L 48 35.01 5.06 28.28
CA ARG L 48 35.90 3.97 27.87
C ARG L 48 35.37 2.59 28.23
N GLU L 49 34.48 2.50 29.21
CA GLU L 49 34.00 1.19 29.67
C GLU L 49 32.50 1.00 29.51
N ILE L 50 31.78 1.89 28.83
CA ILE L 50 30.34 1.73 28.66
C ILE L 50 30.06 1.42 27.19
N PRO L 51 29.64 0.21 26.87
CA PRO L 51 29.33 -0.15 25.47
C PRO L 51 28.01 0.44 25.00
N SER L 52 27.83 0.41 23.67
CA SER L 52 26.69 1.13 23.09
C SER L 52 25.34 0.52 23.48
N HIS L 53 25.26 -0.80 23.71
CA HIS L 53 23.97 -1.34 24.15
C HIS L 53 23.58 -0.84 25.55
N VAL L 54 24.53 -0.34 26.32
CA VAL L 54 24.23 0.26 27.60
C VAL L 54 24.00 1.76 27.46
N LEU L 55 24.91 2.45 26.79
CA LEU L 55 24.84 3.90 26.72
C LEU L 55 23.59 4.37 25.98
N SER L 56 23.13 3.62 24.96
CA SER L 56 21.87 3.97 24.33
C SER L 56 20.71 3.95 25.34
N LYS L 57 20.67 2.94 26.21
CA LYS L 57 19.63 2.88 27.23
C LYS L 57 19.77 4.00 28.26
N VAL L 58 21.01 4.38 28.57
CA VAL L 58 21.23 5.52 29.45
C VAL L 58 20.62 6.80 28.85
N CYS L 59 20.80 7.01 27.54
CA CYS L 59 20.25 8.24 26.95
C CYS L 59 18.73 8.24 26.97
N MET L 60 18.15 7.07 26.76
CA MET L 60 16.72 6.84 26.88
C MET L 60 16.25 7.23 28.28
N TYR L 61 17.03 6.83 29.30
CA TYR L 61 16.69 7.18 30.69
C TYR L 61 16.73 8.69 30.91
N PHE L 62 17.74 9.36 30.36
CA PHE L 62 17.79 10.83 30.44
C PHE L 62 16.49 11.45 29.94
N THR L 63 16.00 11.00 28.78
CA THR L 63 14.80 11.60 28.21
C THR L 63 13.61 11.33 29.11
N TYR L 64 13.51 10.09 29.57
CA TYR L 64 12.44 9.67 30.46
C TYR L 64 12.47 10.43 31.78
N LYS L 65 13.66 10.61 32.35
CA LYS L 65 13.76 11.28 33.64
C LYS L 65 13.35 12.74 33.53
N VAL L 66 13.78 13.42 32.47
CA VAL L 66 13.41 14.82 32.28
C VAL L 66 11.90 14.93 32.07
N ARG L 67 11.34 14.07 31.23
CA ARG L 67 9.92 14.17 30.91
C ARG L 67 9.05 13.87 32.13
N TYR L 68 9.44 12.95 33.00
CA TYR L 68 8.57 12.49 34.07
C TYR L 68 9.03 12.95 35.45
N THR L 69 9.87 13.99 35.50
CA THR L 69 10.16 14.69 36.73
C THR L 69 9.24 15.90 36.84
N ASN L 70 8.50 15.98 37.94
CA ASN L 70 7.58 17.09 38.22
C ASN L 70 6.51 17.22 37.13
N SER L 71 5.89 16.09 36.80
CA SER L 71 4.78 16.07 35.85
C SER L 71 3.51 15.55 36.52
N SER L 72 2.36 15.98 36.00
CA SER L 72 1.08 15.41 36.40
C SER L 72 0.78 14.13 35.66
N THR L 73 1.55 13.84 34.61
CA THR L 73 1.34 12.65 33.78
C THR L 73 1.75 11.39 34.55
N GLU L 74 0.89 10.37 34.48
CA GLU L 74 1.20 9.06 35.04
C GLU L 74 2.53 8.54 34.48
N ILE L 75 3.37 8.02 35.36
CA ILE L 75 4.74 7.67 35.00
C ILE L 75 4.75 6.26 34.44
N PRO L 76 5.18 6.04 33.20
CA PRO L 76 5.20 4.70 32.62
C PRO L 76 6.40 3.88 33.09
N GLU L 77 6.35 2.58 32.79
CA GLU L 77 7.47 1.70 33.10
C GLU L 77 8.68 2.04 32.26
N PHE L 78 9.86 1.93 32.85
CA PHE L 78 11.07 2.13 32.06
C PHE L 78 11.63 0.75 31.75
N PRO L 79 11.62 0.34 30.48
CA PRO L 79 11.97 -1.06 30.17
C PRO L 79 13.47 -1.30 30.26
N ILE L 80 13.85 -2.36 30.99
CA ILE L 80 15.23 -2.80 31.10
C ILE L 80 15.26 -4.30 30.89
N ALA L 81 15.91 -4.75 29.81
CA ALA L 81 16.05 -6.18 29.58
C ALA L 81 17.00 -6.78 30.61
N PRO L 82 16.72 -7.98 31.10
CA PRO L 82 17.65 -8.60 32.06
C PRO L 82 19.09 -8.65 31.55
N GLU L 83 19.28 -8.87 30.25
CA GLU L 83 20.63 -9.05 29.69
C GLU L 83 21.50 -7.79 29.78
N ILE L 84 20.93 -6.61 29.95
CA ILE L 84 21.74 -5.39 30.08
C ILE L 84 21.77 -4.87 31.50
N ALA L 85 21.00 -5.48 32.42
CA ALA L 85 20.76 -4.83 33.72
C ALA L 85 22.05 -4.69 34.54
N LEU L 86 22.91 -5.71 34.54
CA LEU L 86 24.12 -5.63 35.35
C LEU L 86 25.04 -4.53 34.84
N GLU L 87 25.26 -4.46 33.52
CA GLU L 87 26.10 -3.40 32.99
C GLU L 87 25.44 -2.06 33.17
N LEU L 88 24.11 -2.02 32.98
CA LEU L 88 23.40 -0.75 33.13
C LEU L 88 23.50 -0.24 34.56
N LEU L 89 23.47 -1.15 35.55
CA LEU L 89 23.65 -0.73 36.93
C LEU L 89 25.04 -0.14 37.13
N MET L 90 26.08 -0.78 36.58
CA MET L 90 27.42 -0.24 36.70
C MET L 90 27.50 1.12 36.04
N ALA L 91 26.89 1.26 34.87
CA ALA L 91 26.93 2.55 34.18
C ALA L 91 26.18 3.60 34.98
N ALA L 92 25.01 3.26 35.50
CA ALA L 92 24.21 4.24 36.23
C ALA L 92 24.93 4.69 37.50
N ASN L 93 25.60 3.76 38.17
CA ASN L 93 26.37 4.12 39.36
C ASN L 93 27.54 5.02 39.00
N PHE L 94 28.27 4.69 37.93
CA PHE L 94 29.38 5.55 37.49
C PHE L 94 28.88 6.94 37.10
N LEU L 95 27.71 7.01 36.45
CA LEU L 95 27.16 8.25 35.96
C LEU L 95 26.39 9.02 37.02
N ASP L 96 26.13 8.41 38.18
CA ASP L 96 25.38 9.04 39.26
C ASP L 96 24.00 9.50 38.76
N CYS L 97 23.21 8.53 38.30
CA CYS L 97 21.84 8.87 37.86
C CYS L 97 20.85 7.73 38.13
#